data_7JFW
# 
_entry.id   7JFW 
# 
_audit_conform.dict_name       mmcif_pdbx.dic 
_audit_conform.dict_version    5.380 
_audit_conform.dict_location   http://mmcif.pdb.org/dictionaries/ascii/mmcif_pdbx.dic 
# 
loop_
_database_2.database_id 
_database_2.database_code 
_database_2.pdbx_database_accession 
_database_2.pdbx_DOI 
PDB   7JFW         pdb_00007jfw 10.2210/pdb7jfw/pdb 
WWPDB D_1000250243 ?            ?                   
# 
_pdbx_database_status.status_code                     REL 
_pdbx_database_status.status_code_sf                  REL 
_pdbx_database_status.status_code_mr                  ? 
_pdbx_database_status.entry_id                        7JFW 
_pdbx_database_status.recvd_initial_deposition_date   2020-07-17 
_pdbx_database_status.SG_entry                        N 
_pdbx_database_status.deposit_site                    RCSB 
_pdbx_database_status.process_site                    RCSB 
_pdbx_database_status.status_code_cs                  ? 
_pdbx_database_status.status_code_nmr_data            ? 
_pdbx_database_status.methods_development_category    ? 
_pdbx_database_status.pdb_format_compatible           Y 
# 
loop_
_audit_author.name 
_audit_author.pdbx_ordinal 
_audit_author.identifier_ORCID 
'Simmons, C.R.'      1 0000-0002-2290-6132 
'MacCulloch, T.'     2 0000-0001-5875-3361 
'Stephanopoulos, N.' 3 0000-0001-7859-410X 
'Yan, H.'            4 0000-0001-7397-9852 
# 
_citation.abstract                  ? 
_citation.abstract_id_CAS           ? 
_citation.book_id_ISBN              ? 
_citation.book_publisher            ? 
_citation.book_publisher_city       ? 
_citation.book_title                ? 
_citation.coordinate_linkage        ? 
_citation.country                   UK 
_citation.database_id_Medline       ? 
_citation.details                   ? 
_citation.id                        primary 
_citation.journal_abbrev            'Nat Commun' 
_citation.journal_id_ASTM           ? 
_citation.journal_id_CSD            ? 
_citation.journal_id_ISSN           2041-1723 
_citation.journal_full              ? 
_citation.journal_issue             ? 
_citation.journal_volume            13 
_citation.language                  ? 
_citation.page_first                3112 
_citation.page_last                 3112 
_citation.title                     'The influence of Holliday junction sequence and dynamics on DNA crystal self-assembly.' 
_citation.year                      2022 
_citation.database_id_CSD           ? 
_citation.pdbx_database_id_DOI      10.1038/s41467-022-30779-6 
_citation.pdbx_database_id_PubMed   35662248 
_citation.unpublished_flag          ? 
# 
loop_
_citation_author.citation_id 
_citation_author.name 
_citation_author.ordinal 
_citation_author.identifier_ORCID 
primary 'Simmons, C.R.'      1  ?                   
primary 'MacCulloch, T.'     2  ?                   
primary 'Krepl, M.'          3  0000-0002-9833-4281 
primary 'Matthies, M.'       4  ?                   
primary 'Buchberger, A.'     5  ?                   
primary 'Crawford, I.'       6  ?                   
primary 'Sponer, J.'         7  0000-0001-6558-6186 
primary 'Sulc, P.'           8  0000-0003-1565-6769 
primary 'Stephanopoulos, N.' 9  0000-0001-7859-410X 
primary 'Yan, H.'            10 0000-0001-7397-9852 
# 
_cell.angle_alpha                  90.000 
_cell.angle_alpha_esd              ? 
_cell.angle_beta                   90.000 
_cell.angle_beta_esd               ? 
_cell.angle_gamma                  120.000 
_cell.angle_gamma_esd              ? 
_cell.entry_id                     7JFW 
_cell.details                      ? 
_cell.formula_units_Z              ? 
_cell.length_a                     67.739 
_cell.length_a_esd                 ? 
_cell.length_b                     67.739 
_cell.length_b_esd                 ? 
_cell.length_c                     53.477 
_cell.length_c_esd                 ? 
_cell.volume                       ? 
_cell.volume_esd                   ? 
_cell.Z_PDB                        3 
_cell.reciprocal_angle_alpha       ? 
_cell.reciprocal_angle_beta        ? 
_cell.reciprocal_angle_gamma       ? 
_cell.reciprocal_angle_alpha_esd   ? 
_cell.reciprocal_angle_beta_esd    ? 
_cell.reciprocal_angle_gamma_esd   ? 
_cell.reciprocal_length_a          ? 
_cell.reciprocal_length_b          ? 
_cell.reciprocal_length_c          ? 
_cell.reciprocal_length_a_esd      ? 
_cell.reciprocal_length_b_esd      ? 
_cell.reciprocal_length_c_esd      ? 
_cell.pdbx_unique_axis             ? 
# 
_symmetry.entry_id                         7JFW 
_symmetry.cell_setting                     ? 
_symmetry.Int_Tables_number                145 
_symmetry.space_group_name_Hall            ? 
_symmetry.space_group_name_H-M             'P 32' 
_symmetry.pdbx_full_space_group_name_H-M   ? 
# 
loop_
_entity.id 
_entity.type 
_entity.src_method 
_entity.pdbx_description 
_entity.formula_weight 
_entity.pdbx_number_of_molecules 
_entity.pdbx_ec 
_entity.pdbx_mutation 
_entity.pdbx_fragment 
_entity.details 
1 polymer syn 
;DNA (5'-D(*GP*AP*GP*CP*AP*GP*AP*CP*CP*TP*GP*A)-3')
;
3696.431 1 ? ? ? ? 
2 polymer syn 
;DNA (5'-D(P*CP*GP*TP*CP*AP*CP*TP*CP*A)-3')
;
2675.775 1 ? ? ? ? 
3 polymer syn 
;DNA (5'-D(P*TP*CP*AP*AP*CP*G)-3')
;
1793.218 1 ? ? ? ? 
4 polymer syn 
;DNA (5'-D(*TP*CP*TP*GP*AP*GP*TP*GP*GP*GP*TP*CP*TP*GP*C)-3')
;
4631.993 1 ? ? ? ? 
# 
loop_
_entity_poly.entity_id 
_entity_poly.type 
_entity_poly.nstd_linkage 
_entity_poly.nstd_monomer 
_entity_poly.pdbx_seq_one_letter_code 
_entity_poly.pdbx_seq_one_letter_code_can 
_entity_poly.pdbx_strand_id 
_entity_poly.pdbx_target_identifier 
1 polydeoxyribonucleotide no no '(DG)(DA)(DG)(DC)(DA)(DG)(DA)(DC)(DC)(DT)(DG)(DA)'             GAGCAGACCTGA    A ? 
2 polydeoxyribonucleotide no no '(DC)(DG)(DT)(DC)(DA)(DC)(DT)(DC)(DA)'                         CGTCACTCA       B ? 
3 polydeoxyribonucleotide no no '(DT)(DC)(DA)(DA)(DC)(DG)'                                     TCAACG          C ? 
4 polydeoxyribonucleotide no no '(DT)(DC)(DT)(DG)(DA)(DG)(DT)(DG)(DG)(DG)(DT)(DC)(DT)(DG)(DC)' TCTGAGTGGGTCTGC D ? 
# 
loop_
_entity_poly_seq.entity_id 
_entity_poly_seq.num 
_entity_poly_seq.mon_id 
_entity_poly_seq.hetero 
1 1  DG n 
1 2  DA n 
1 3  DG n 
1 4  DC n 
1 5  DA n 
1 6  DG n 
1 7  DA n 
1 8  DC n 
1 9  DC n 
1 10 DT n 
1 11 DG n 
1 12 DA n 
2 1  DC n 
2 2  DG n 
2 3  DT n 
2 4  DC n 
2 5  DA n 
2 6  DC n 
2 7  DT n 
2 8  DC n 
2 9  DA n 
3 1  DT n 
3 2  DC n 
3 3  DA n 
3 4  DA n 
3 5  DC n 
3 6  DG n 
4 1  DT n 
4 2  DC n 
4 3  DT n 
4 4  DG n 
4 5  DA n 
4 6  DG n 
4 7  DT n 
4 8  DG n 
4 9  DG n 
4 10 DG n 
4 11 DT n 
4 12 DC n 
4 13 DT n 
4 14 DG n 
4 15 DC n 
# 
loop_
_pdbx_entity_src_syn.entity_id 
_pdbx_entity_src_syn.pdbx_src_id 
_pdbx_entity_src_syn.pdbx_alt_source_flag 
_pdbx_entity_src_syn.pdbx_beg_seq_num 
_pdbx_entity_src_syn.pdbx_end_seq_num 
_pdbx_entity_src_syn.organism_scientific 
_pdbx_entity_src_syn.organism_common_name 
_pdbx_entity_src_syn.ncbi_taxonomy_id 
_pdbx_entity_src_syn.details 
1 1 sample 1 12 'synthetic construct' ? 32630 ? 
2 1 sample 1 9  'synthetic construct' ? 32630 ? 
3 1 sample 1 6  'synthetic construct' ? 32630 ? 
4 1 sample 1 15 'synthetic construct' ? 32630 ? 
# 
loop_
_struct_ref.id 
_struct_ref.db_name 
_struct_ref.db_code 
_struct_ref.pdbx_db_accession 
_struct_ref.pdbx_db_isoform 
_struct_ref.entity_id 
_struct_ref.pdbx_seq_one_letter_code 
_struct_ref.pdbx_align_begin 
1 PDB 7JFW 7JFW ? 1 ? 1 
2 PDB 7JFW 7JFW ? 2 ? 1 
3 PDB 7JFW 7JFW ? 3 ? 1 
4 PDB 7JFW 7JFW ? 4 ? 1 
# 
loop_
_struct_ref_seq.align_id 
_struct_ref_seq.ref_id 
_struct_ref_seq.pdbx_PDB_id_code 
_struct_ref_seq.pdbx_strand_id 
_struct_ref_seq.seq_align_beg 
_struct_ref_seq.pdbx_seq_align_beg_ins_code 
_struct_ref_seq.seq_align_end 
_struct_ref_seq.pdbx_seq_align_end_ins_code 
_struct_ref_seq.pdbx_db_accession 
_struct_ref_seq.db_align_beg 
_struct_ref_seq.pdbx_db_align_beg_ins_code 
_struct_ref_seq.db_align_end 
_struct_ref_seq.pdbx_db_align_end_ins_code 
_struct_ref_seq.pdbx_auth_seq_align_beg 
_struct_ref_seq.pdbx_auth_seq_align_end 
1 1 7JFW A 1 ? 12 ? 7JFW 1  ? 12 ? 1  12 
2 2 7JFW B 1 ? 9  ? 7JFW 12 ? 20 ? 12 20 
3 3 7JFW C 1 ? 6  ? 7JFW 0  ? 5  ? 0  5  
4 4 7JFW D 1 ? 15 ? 7JFW 2  ? 16 ? 2  16 
# 
loop_
_chem_comp.id 
_chem_comp.type 
_chem_comp.mon_nstd_flag 
_chem_comp.name 
_chem_comp.pdbx_synonyms 
_chem_comp.formula 
_chem_comp.formula_weight 
DA 'DNA linking' y "2'-DEOXYADENOSINE-5'-MONOPHOSPHATE" ? 'C10 H14 N5 O6 P' 331.222 
DC 'DNA linking' y "2'-DEOXYCYTIDINE-5'-MONOPHOSPHATE"  ? 'C9 H14 N3 O7 P'  307.197 
DG 'DNA linking' y "2'-DEOXYGUANOSINE-5'-MONOPHOSPHATE" ? 'C10 H14 N5 O7 P' 347.221 
DT 'DNA linking' y "THYMIDINE-5'-MONOPHOSPHATE"         ? 'C10 H15 N2 O8 P' 322.208 
# 
_exptl.absorpt_coefficient_mu     ? 
_exptl.absorpt_correction_T_max   ? 
_exptl.absorpt_correction_T_min   ? 
_exptl.absorpt_correction_type    ? 
_exptl.absorpt_process_details    ? 
_exptl.entry_id                   7JFW 
_exptl.crystals_number            1 
_exptl.details                    ? 
_exptl.method                     'X-RAY DIFFRACTION' 
_exptl.method_details             ? 
# 
_exptl_crystal.colour                      ? 
_exptl_crystal.density_diffrn              ? 
_exptl_crystal.density_Matthews            5.54 
_exptl_crystal.density_method              ? 
_exptl_crystal.density_percent_sol         77.78 
_exptl_crystal.description                 ? 
_exptl_crystal.F_000                       ? 
_exptl_crystal.id                          1 
_exptl_crystal.preparation                 ? 
_exptl_crystal.size_max                    ? 
_exptl_crystal.size_mid                    ? 
_exptl_crystal.size_min                    ? 
_exptl_crystal.size_rad                    ? 
_exptl_crystal.colour_lustre               ? 
_exptl_crystal.colour_modifier             ? 
_exptl_crystal.colour_primary              ? 
_exptl_crystal.density_meas                ? 
_exptl_crystal.density_meas_esd            ? 
_exptl_crystal.density_meas_gt             ? 
_exptl_crystal.density_meas_lt             ? 
_exptl_crystal.density_meas_temp           ? 
_exptl_crystal.density_meas_temp_esd       ? 
_exptl_crystal.density_meas_temp_gt        ? 
_exptl_crystal.density_meas_temp_lt        ? 
_exptl_crystal.pdbx_crystal_image_url      ? 
_exptl_crystal.pdbx_crystal_image_format   ? 
_exptl_crystal.pdbx_mosaicity              ? 
_exptl_crystal.pdbx_mosaicity_esd          ? 
# 
_exptl_crystal_grow.apparatus       ? 
_exptl_crystal_grow.atmosphere      ? 
_exptl_crystal_grow.crystal_id      1 
_exptl_crystal_grow.details         ? 
_exptl_crystal_grow.method          'VAPOR DIFFUSION, SITTING DROP' 
_exptl_crystal_grow.method_ref      ? 
_exptl_crystal_grow.pH              ? 
_exptl_crystal_grow.pressure        ? 
_exptl_crystal_grow.pressure_esd    ? 
_exptl_crystal_grow.seeding         ? 
_exptl_crystal_grow.seeding_ref     ? 
_exptl_crystal_grow.temp            298 
_exptl_crystal_grow.temp_details    'temperature gradient generated from 60 to 25 C at 0.3 degrees per hour' 
_exptl_crystal_grow.temp_esd        ? 
_exptl_crystal_grow.time            ? 
_exptl_crystal_grow.pdbx_details    
;0.5 mL of 0.05 M TRIS pH 8.0 with 200 mM MgCl2, and 15% Ethanol was added to the reservoir with 2 uL added to the drop containing 4 uL of DNA stock
;
_exptl_crystal_grow.pdbx_pH_range   ? 
# 
_diffrn.ambient_environment              ? 
_diffrn.ambient_temp                     100 
_diffrn.ambient_temp_details             ? 
_diffrn.ambient_temp_esd                 ? 
_diffrn.crystal_id                       1 
_diffrn.crystal_support                  ? 
_diffrn.crystal_treatment                ? 
_diffrn.details                          ? 
_diffrn.id                               1 
_diffrn.ambient_pressure                 ? 
_diffrn.ambient_pressure_esd             ? 
_diffrn.ambient_pressure_gt              ? 
_diffrn.ambient_pressure_lt              ? 
_diffrn.ambient_temp_gt                  ? 
_diffrn.ambient_temp_lt                  ? 
_diffrn.pdbx_serial_crystal_experiment   N 
# 
_diffrn_detector.details                      ? 
_diffrn_detector.detector                     PIXEL 
_diffrn_detector.diffrn_id                    1 
_diffrn_detector.type                         'DECTRIS PILATUS3 6M' 
_diffrn_detector.area_resol_mean              ? 
_diffrn_detector.dtime                        ? 
_diffrn_detector.pdbx_frames_total            ? 
_diffrn_detector.pdbx_collection_time_total   ? 
_diffrn_detector.pdbx_collection_date         2017-06-15 
_diffrn_detector.pdbx_frequency               ? 
# 
_diffrn_radiation.collimation                      ? 
_diffrn_radiation.diffrn_id                        1 
_diffrn_radiation.filter_edge                      ? 
_diffrn_radiation.inhomogeneity                    ? 
_diffrn_radiation.monochromator                    ? 
_diffrn_radiation.polarisn_norm                    ? 
_diffrn_radiation.polarisn_ratio                   ? 
_diffrn_radiation.probe                            ? 
_diffrn_radiation.type                             ? 
_diffrn_radiation.xray_symbol                      ? 
_diffrn_radiation.wavelength_id                    1 
_diffrn_radiation.pdbx_monochromatic_or_laue_m_l   M 
_diffrn_radiation.pdbx_wavelength_list             ? 
_diffrn_radiation.pdbx_wavelength                  ? 
_diffrn_radiation.pdbx_diffrn_protocol             'SINGLE WAVELENGTH' 
_diffrn_radiation.pdbx_analyzer                    ? 
_diffrn_radiation.pdbx_scattering_type             x-ray 
# 
_diffrn_radiation_wavelength.id           1 
_diffrn_radiation_wavelength.wavelength   0.98 
_diffrn_radiation_wavelength.wt           1.0 
# 
_diffrn_source.current                     ? 
_diffrn_source.details                     ? 
_diffrn_source.diffrn_id                   1 
_diffrn_source.power                       ? 
_diffrn_source.size                        ? 
_diffrn_source.source                      SYNCHROTRON 
_diffrn_source.target                      ? 
_diffrn_source.type                        'ALS BEAMLINE 5.0.2' 
_diffrn_source.voltage                     ? 
_diffrn_source.take-off_angle              ? 
_diffrn_source.pdbx_wavelength_list        0.98 
_diffrn_source.pdbx_wavelength             ? 
_diffrn_source.pdbx_synchrotron_beamline   5.0.2 
_diffrn_source.pdbx_synchrotron_site       ALS 
# 
_reflns.B_iso_Wilson_estimate            77.590 
_reflns.entry_id                         7JFW 
_reflns.data_reduction_details           ? 
_reflns.data_reduction_method            ? 
_reflns.d_resolution_high                3.012 
_reflns.d_resolution_low                 50.000 
_reflns.details                          ? 
_reflns.limit_h_max                      ? 
_reflns.limit_h_min                      ? 
_reflns.limit_k_max                      ? 
_reflns.limit_k_min                      ? 
_reflns.limit_l_max                      ? 
_reflns.limit_l_min                      ? 
_reflns.number_all                       ? 
_reflns.number_obs                       4200 
_reflns.observed_criterion               ? 
_reflns.observed_criterion_F_max         ? 
_reflns.observed_criterion_F_min         ? 
_reflns.observed_criterion_I_max         ? 
_reflns.observed_criterion_I_min         ? 
_reflns.observed_criterion_sigma_F       ? 
_reflns.observed_criterion_sigma_I       ? 
_reflns.percent_possible_obs             82.100 
_reflns.R_free_details                   ? 
_reflns.Rmerge_F_all                     ? 
_reflns.Rmerge_F_obs                     ? 
_reflns.Friedel_coverage                 ? 
_reflns.number_gt                        ? 
_reflns.threshold_expression             ? 
_reflns.pdbx_redundancy                  5.800 
_reflns.pdbx_Rmerge_I_obs                0.106 
_reflns.pdbx_Rmerge_I_all                ? 
_reflns.pdbx_Rsym_value                  ? 
_reflns.pdbx_netI_over_av_sigmaI         ? 
_reflns.pdbx_netI_over_sigmaI            5.400 
_reflns.pdbx_res_netI_over_av_sigmaI_2   ? 
_reflns.pdbx_res_netI_over_sigmaI_2      ? 
_reflns.pdbx_chi_squared                 1.225 
_reflns.pdbx_scaling_rejects             ? 
_reflns.pdbx_d_res_high_opt              ? 
_reflns.pdbx_d_res_low_opt               ? 
_reflns.pdbx_d_res_opt_method            ? 
_reflns.phase_calculation_details        ? 
_reflns.pdbx_Rrim_I_all                  0.116 
_reflns.pdbx_Rpim_I_all                  0.046 
_reflns.pdbx_d_opt                       ? 
_reflns.pdbx_number_measured_all         ? 
_reflns.pdbx_diffrn_id                   1 
_reflns.pdbx_ordinal                     1 
_reflns.pdbx_CC_half                     0.98 
_reflns.pdbx_CC_star                     ? 
_reflns.pdbx_R_split                     ? 
# 
loop_
_reflns_shell.d_res_high 
_reflns_shell.d_res_low 
_reflns_shell.meanI_over_sigI_all 
_reflns_shell.meanI_over_sigI_obs 
_reflns_shell.number_measured_all 
_reflns_shell.number_measured_obs 
_reflns_shell.number_possible 
_reflns_shell.number_unique_all 
_reflns_shell.number_unique_obs 
_reflns_shell.percent_possible_all 
_reflns_shell.percent_possible_obs 
_reflns_shell.Rmerge_F_all 
_reflns_shell.Rmerge_F_obs 
_reflns_shell.Rmerge_I_all 
_reflns_shell.Rmerge_I_obs 
_reflns_shell.meanI_over_sigI_gt 
_reflns_shell.meanI_over_uI_all 
_reflns_shell.meanI_over_uI_gt 
_reflns_shell.number_measured_gt 
_reflns_shell.number_unique_gt 
_reflns_shell.percent_possible_gt 
_reflns_shell.Rmerge_F_gt 
_reflns_shell.Rmerge_I_gt 
_reflns_shell.pdbx_redundancy 
_reflns_shell.pdbx_Rsym_value 
_reflns_shell.pdbx_chi_squared 
_reflns_shell.pdbx_netI_over_sigmaI_all 
_reflns_shell.pdbx_netI_over_sigmaI_obs 
_reflns_shell.pdbx_Rrim_I_all 
_reflns_shell.pdbx_Rpim_I_all 
_reflns_shell.pdbx_rejects 
_reflns_shell.pdbx_ordinal 
_reflns_shell.pdbx_diffrn_id 
_reflns_shell.pdbx_CC_half 
_reflns_shell.pdbx_CC_star 
_reflns_shell.pdbx_R_split 
3.100 3.150  ? ? ? ? ? ? 127 47.600  ? ? ? ? 0.575 ? ? ? ? ? ? ? ? 4.900 ? 0.598 ? ? 0.635 0.265 ? 1  1 0.892 ? ? 
3.150 3.210  ? ? ? ? ? ? 132 55.900  ? ? ? ? 0.228 ? ? ? ? ? ? ? ? 4.900 ? 0.914 ? ? 0.250 0.101 ? 2  1 0.978 ? ? 
3.210 3.270  ? ? ? ? ? ? 125 51.900  ? ? ? ? 0.275 ? ? ? ? ? ? ? ? 4.900 ? 0.673 ? ? 0.305 0.129 ? 3  1 0.963 ? ? 
3.270 3.340  ? ? ? ? ? ? 144 59.300  ? ? ? ? 0.205 ? ? ? ? ? ? ? ? 4.900 ? 0.919 ? ? 0.224 0.090 ? 4  1 0.984 ? ? 
3.340 3.410  ? ? ? ? ? ? 169 67.900  ? ? ? ? 0.172 ? ? ? ? ? ? ? ? 5.000 ? 0.844 ? ? 0.187 0.074 ? 5  1 0.991 ? ? 
3.410 3.490  ? ? ? ? ? ? 157 68.000  ? ? ? ? 0.344 ? ? ? ? ? ? ? ? 5.600 ? 0.680 ? ? 0.376 0.150 ? 6  1 0.947 ? ? 
3.490 3.580  ? ? ? ? ? ? 198 73.600  ? ? ? ? 0.398 ? ? ? ? ? ? ? ? 5.600 ? 0.533 ? ? 0.434 0.171 ? 7  1 0.938 ? ? 
3.580 3.680  ? ? ? ? ? ? 174 74.700  ? ? ? ? 0.344 ? ? ? ? ? ? ? ? 5.900 ? 0.707 ? ? 0.374 0.145 ? 8  1 0.952 ? ? 
3.680 3.780  ? ? ? ? ? ? 200 77.800  ? ? ? ? 0.383 ? ? ? ? ? ? ? ? 5.700 ? 0.612 ? ? 0.418 0.166 ? 9  1 0.956 ? ? 
3.780 3.910  ? ? ? ? ? ? 216 87.800  ? ? ? ? 0.364 ? ? ? ? ? ? ? ? 5.400 ? 0.596 ? ? 0.399 0.161 ? 10 1 0.953 ? ? 
3.910 4.040  ? ? ? ? ? ? 229 92.300  ? ? ? ? 0.294 ? ? ? ? ? ? ? ? 5.100 ? 0.618 ? ? 0.324 0.134 ? 11 1 0.965 ? ? 
4.040 4.210  ? ? ? ? ? ? 236 96.700  ? ? ? ? 0.248 ? ? ? ? ? ? ? ? 5.800 ? 0.650 ? ? 0.271 0.108 ? 12 1 0.983 ? ? 
4.210 4.400  ? ? ? ? ? ? 235 100.000 ? ? ? ? 0.237 ? ? ? ? ? ? ? ? 5.900 ? 0.690 ? ? 0.259 0.103 ? 13 1 0.977 ? ? 
4.400 4.630  ? ? ? ? ? ? 239 99.600  ? ? ? ? 0.210 ? ? ? ? ? ? ? ? 6.400 ? 0.721 ? ? 0.227 0.087 ? 14 1 0.978 ? ? 
4.630 4.920  ? ? ? ? ? ? 255 100.000 ? ? ? ? 0.149 ? ? ? ? ? ? ? ? 6.300 ? 0.905 ? ? 0.163 0.064 ? 15 1 0.989 ? ? 
4.920 5.300  ? ? ? ? ? ? 258 100.000 ? ? ? ? 0.127 ? ? ? ? ? ? ? ? 6.200 ? 1.247 ? ? 0.139 0.056 ? 16 1 0.993 ? ? 
5.300 5.830  ? ? ? ? ? ? 241 100.000 ? ? ? ? 0.103 ? ? ? ? ? ? ? ? 6.400 ? 1.791 ? ? 0.112 0.044 ? 17 1 0.993 ? ? 
5.830 6.670  ? ? ? ? ? ? 252 100.000 ? ? ? ? 0.099 ? ? ? ? ? ? ? ? 6.800 ? 2.061 ? ? 0.108 0.041 ? 18 1 0.993 ? ? 
6.670 8.400  ? ? ? ? ? ? 238 98.300  ? ? ? ? 0.076 ? ? ? ? ? ? ? ? 6.200 ? 2.617 ? ? 0.084 0.034 ? 19 1 0.995 ? ? 
8.400 50.000 ? ? ? ? ? ? 229 92.300  ? ? ? ? 0.083 ? ? ? ? ? ? ? ? 5.800 ? 3.976 ? ? 0.091 0.037 ? 20 1 0.992 ? ? 
# 
_refine.aniso_B[1][1]                            ? 
_refine.aniso_B[1][2]                            ? 
_refine.aniso_B[1][3]                            ? 
_refine.aniso_B[2][2]                            ? 
_refine.aniso_B[2][3]                            ? 
_refine.aniso_B[3][3]                            ? 
_refine.B_iso_max                                220.170 
_refine.B_iso_mean                               115.8357 
_refine.B_iso_min                                61.200 
_refine.correlation_coeff_Fo_to_Fc               ? 
_refine.correlation_coeff_Fo_to_Fc_free          ? 
_refine.details                                  ? 
_refine.diff_density_max                         ? 
_refine.diff_density_max_esd                     ? 
_refine.diff_density_min                         ? 
_refine.diff_density_min_esd                     ? 
_refine.diff_density_rms                         ? 
_refine.diff_density_rms_esd                     ? 
_refine.entry_id                                 7JFW 
_refine.pdbx_refine_id                           'X-RAY DIFFRACTION' 
_refine.ls_abs_structure_details                 ? 
_refine.ls_abs_structure_Flack                   ? 
_refine.ls_abs_structure_Flack_esd               ? 
_refine.ls_abs_structure_Rogers                  ? 
_refine.ls_abs_structure_Rogers_esd              ? 
_refine.ls_d_res_high                            3.0120 
_refine.ls_d_res_low                             33.8700 
_refine.ls_extinction_coef                       ? 
_refine.ls_extinction_coef_esd                   ? 
_refine.ls_extinction_expression                 ? 
_refine.ls_extinction_method                     ? 
_refine.ls_goodness_of_fit_all                   ? 
_refine.ls_goodness_of_fit_all_esd               ? 
_refine.ls_goodness_of_fit_obs                   ? 
_refine.ls_goodness_of_fit_obs_esd               ? 
_refine.ls_hydrogen_treatment                    ? 
_refine.ls_matrix_type                           ? 
_refine.ls_number_constraints                    ? 
_refine.ls_number_parameters                     ? 
_refine.ls_number_reflns_all                     ? 
_refine.ls_number_reflns_obs                     4200 
_refine.ls_number_reflns_R_free                  206 
_refine.ls_number_reflns_R_work                  3994 
_refine.ls_number_restraints                     ? 
_refine.ls_percent_reflns_obs                    77.4300 
_refine.ls_percent_reflns_R_free                 4.9000 
_refine.ls_R_factor_all                          ? 
_refine.ls_R_factor_obs                          0.1935 
_refine.ls_R_factor_R_free                       0.2173 
_refine.ls_R_factor_R_free_error                 ? 
_refine.ls_R_factor_R_free_error_details         ? 
_refine.ls_R_factor_R_work                       0.1922 
_refine.ls_R_Fsqd_factor_obs                     ? 
_refine.ls_R_I_factor_obs                        ? 
_refine.ls_redundancy_reflns_all                 ? 
_refine.ls_redundancy_reflns_obs                 ? 
_refine.ls_restrained_S_all                      ? 
_refine.ls_restrained_S_obs                      ? 
_refine.ls_shift_over_esd_max                    ? 
_refine.ls_shift_over_esd_mean                   ? 
_refine.ls_structure_factor_coef                 ? 
_refine.ls_weighting_details                     ? 
_refine.ls_weighting_scheme                      ? 
_refine.ls_wR_factor_all                         ? 
_refine.ls_wR_factor_obs                         ? 
_refine.ls_wR_factor_R_free                      ? 
_refine.ls_wR_factor_R_work                      ? 
_refine.occupancy_max                            ? 
_refine.occupancy_min                            ? 
_refine.solvent_model_details                    'FLAT BULK SOLVENT MODEL' 
_refine.solvent_model_param_bsol                 ? 
_refine.solvent_model_param_ksol                 ? 
_refine.pdbx_R_complete                          ? 
_refine.ls_R_factor_gt                           ? 
_refine.ls_goodness_of_fit_gt                    ? 
_refine.ls_goodness_of_fit_ref                   ? 
_refine.ls_shift_over_su_max                     ? 
_refine.ls_shift_over_su_max_lt                  ? 
_refine.ls_shift_over_su_mean                    ? 
_refine.ls_shift_over_su_mean_lt                 ? 
_refine.pdbx_ls_sigma_I                          ? 
_refine.pdbx_ls_sigma_F                          1.960 
_refine.pdbx_ls_sigma_Fsqd                       ? 
_refine.pdbx_data_cutoff_high_absF               ? 
_refine.pdbx_data_cutoff_high_rms_absF           ? 
_refine.pdbx_data_cutoff_low_absF                ? 
_refine.pdbx_isotropic_thermal_model             ? 
_refine.pdbx_ls_cross_valid_method               THROUGHOUT 
_refine.pdbx_method_to_determine_struct          'MOLECULAR REPLACEMENT' 
_refine.pdbx_starting_model                      6XNA 
_refine.pdbx_stereochemistry_target_values       ML 
_refine.pdbx_R_Free_selection_details            ? 
_refine.pdbx_stereochem_target_val_spec_case     ? 
_refine.pdbx_overall_ESU_R                       ? 
_refine.pdbx_overall_ESU_R_Free                  ? 
_refine.pdbx_solvent_vdw_probe_radii             1.1100 
_refine.pdbx_solvent_ion_probe_radii             ? 
_refine.pdbx_solvent_shrinkage_radii             0.9000 
_refine.pdbx_real_space_R                        ? 
_refine.pdbx_density_correlation                 ? 
_refine.pdbx_pd_number_of_powder_patterns        ? 
_refine.pdbx_pd_number_of_points                 ? 
_refine.pdbx_pd_meas_number_of_points            ? 
_refine.pdbx_pd_proc_ls_prof_R_factor            ? 
_refine.pdbx_pd_proc_ls_prof_wR_factor           ? 
_refine.pdbx_pd_Marquardt_correlation_coeff      ? 
_refine.pdbx_pd_Fsqrd_R_factor                   ? 
_refine.pdbx_pd_ls_matrix_band_width             ? 
_refine.pdbx_overall_phase_error                 29.7600 
_refine.pdbx_overall_SU_R_free_Cruickshank_DPI   ? 
_refine.pdbx_overall_SU_R_free_Blow_DPI          ? 
_refine.pdbx_overall_SU_R_Blow_DPI               ? 
_refine.pdbx_TLS_residual_ADP_flag               ? 
_refine.pdbx_diffrn_id                           1 
_refine.overall_SU_B                             ? 
_refine.overall_SU_ML                            0.2600 
_refine.overall_SU_R_Cruickshank_DPI             ? 
_refine.overall_SU_R_free                        ? 
_refine.overall_FOM_free_R_set                   ? 
_refine.overall_FOM_work_R_set                   ? 
_refine.pdbx_average_fsc_overall                 ? 
_refine.pdbx_average_fsc_work                    ? 
_refine.pdbx_average_fsc_free                    ? 
# 
_refine_hist.pdbx_refine_id                   'X-RAY DIFFRACTION' 
_refine_hist.cycle_id                         final 
_refine_hist.details                          ? 
_refine_hist.d_res_high                       3.0120 
_refine_hist.d_res_low                        33.8700 
_refine_hist.number_atoms_solvent             0 
_refine_hist.number_atoms_total               855 
_refine_hist.number_reflns_all                ? 
_refine_hist.number_reflns_obs                ? 
_refine_hist.number_reflns_R_free             ? 
_refine_hist.number_reflns_R_work             ? 
_refine_hist.R_factor_all                     ? 
_refine_hist.R_factor_obs                     ? 
_refine_hist.R_factor_R_free                  ? 
_refine_hist.R_factor_R_work                  ? 
_refine_hist.pdbx_number_residues_total       42 
_refine_hist.pdbx_B_iso_mean_ligand           ? 
_refine_hist.pdbx_B_iso_mean_solvent          ? 
_refine_hist.pdbx_number_atoms_protein        0 
_refine_hist.pdbx_number_atoms_nucleic_acid   855 
_refine_hist.pdbx_number_atoms_ligand         0 
_refine_hist.pdbx_number_atoms_lipid          ? 
_refine_hist.pdbx_number_atoms_carb           ? 
_refine_hist.pdbx_pseudo_atom_details         ? 
# 
loop_
_refine_ls_restr.pdbx_refine_id 
_refine_ls_restr.criterion 
_refine_ls_restr.dev_ideal 
_refine_ls_restr.dev_ideal_target 
_refine_ls_restr.number 
_refine_ls_restr.rejects 
_refine_ls_restr.type 
_refine_ls_restr.weight 
_refine_ls_restr.pdbx_restraint_function 
'X-RAY DIFFRACTION' ? 0.006  ? 956  ? f_bond_d           ? ? 
'X-RAY DIFFRACTION' ? 0.809  ? 1467 ? f_angle_d          ? ? 
'X-RAY DIFFRACTION' ? 0.050  ? 166  ? f_chiral_restr     ? ? 
'X-RAY DIFFRACTION' ? 0.006  ? 42   ? f_plane_restr      ? ? 
'X-RAY DIFFRACTION' ? 34.047 ? 406  ? f_dihedral_angle_d ? ? 
# 
_refine_ls_shell.pdbx_refine_id                   'X-RAY DIFFRACTION' 
_refine_ls_shell.d_res_high                       3.0121 
_refine_ls_shell.d_res_low                        33.870 
_refine_ls_shell.number_reflns_all                ? 
_refine_ls_shell.number_reflns_obs                ? 
_refine_ls_shell.number_reflns_R_free             206 
_refine_ls_shell.number_reflns_R_work             3994 
_refine_ls_shell.percent_reflns_obs               77.0000 
_refine_ls_shell.percent_reflns_R_free            ? 
_refine_ls_shell.R_factor_all                     ? 
_refine_ls_shell.R_factor_obs                     ? 
_refine_ls_shell.R_factor_R_free                  0.2173 
_refine_ls_shell.R_factor_R_free_error            0.0000 
_refine_ls_shell.R_factor_R_work                  0.1922 
_refine_ls_shell.redundancy_reflns_all            ? 
_refine_ls_shell.redundancy_reflns_obs            ? 
_refine_ls_shell.wR_factor_all                    ? 
_refine_ls_shell.wR_factor_obs                    ? 
_refine_ls_shell.wR_factor_R_free                 ? 
_refine_ls_shell.wR_factor_R_work                 ? 
_refine_ls_shell.pdbx_R_complete                  ? 
_refine_ls_shell.pdbx_total_number_of_bins_used   ? 
_refine_ls_shell.pdbx_phase_error                 ? 
_refine_ls_shell.pdbx_fsc_work                    ? 
_refine_ls_shell.pdbx_fsc_free                    ? 
# 
_struct.entry_id                     7JFW 
_struct.title                        
'Self-assembly of a 3D DNA crystal lattice (4x6 junction version) containing the J10 immobile Holliday junction' 
_struct.pdbx_model_details           ? 
_struct.pdbx_formula_weight          ? 
_struct.pdbx_formula_weight_method   ? 
_struct.pdbx_model_type_details      ? 
_struct.pdbx_CASP_flag               N 
# 
_struct_keywords.entry_id        7JFW 
_struct_keywords.text            
'Structural DNA nanotechnology, immobile Holliday junctions, 3D DNA self-assembly, designer DNA crystals, DNA' 
_struct_keywords.pdbx_keywords   DNA 
# 
loop_
_struct_asym.id 
_struct_asym.pdbx_blank_PDB_chainid_flag 
_struct_asym.pdbx_modified 
_struct_asym.entity_id 
_struct_asym.details 
A N N 1 ? 
B N N 2 ? 
C N N 3 ? 
D N N 4 ? 
# 
loop_
_struct_conn.id 
_struct_conn.conn_type_id 
_struct_conn.pdbx_leaving_atom_flag 
_struct_conn.pdbx_PDB_id 
_struct_conn.ptnr1_label_asym_id 
_struct_conn.ptnr1_label_comp_id 
_struct_conn.ptnr1_label_seq_id 
_struct_conn.ptnr1_label_atom_id 
_struct_conn.pdbx_ptnr1_label_alt_id 
_struct_conn.pdbx_ptnr1_PDB_ins_code 
_struct_conn.pdbx_ptnr1_standard_comp_id 
_struct_conn.ptnr1_symmetry 
_struct_conn.ptnr2_label_asym_id 
_struct_conn.ptnr2_label_comp_id 
_struct_conn.ptnr2_label_seq_id 
_struct_conn.ptnr2_label_atom_id 
_struct_conn.pdbx_ptnr2_label_alt_id 
_struct_conn.pdbx_ptnr2_PDB_ins_code 
_struct_conn.ptnr1_auth_asym_id 
_struct_conn.ptnr1_auth_comp_id 
_struct_conn.ptnr1_auth_seq_id 
_struct_conn.ptnr2_auth_asym_id 
_struct_conn.ptnr2_auth_comp_id 
_struct_conn.ptnr2_auth_seq_id 
_struct_conn.ptnr2_symmetry 
_struct_conn.pdbx_ptnr3_label_atom_id 
_struct_conn.pdbx_ptnr3_label_seq_id 
_struct_conn.pdbx_ptnr3_label_comp_id 
_struct_conn.pdbx_ptnr3_label_asym_id 
_struct_conn.pdbx_ptnr3_label_alt_id 
_struct_conn.pdbx_ptnr3_PDB_ins_code 
_struct_conn.details 
_struct_conn.pdbx_dist_value 
_struct_conn.pdbx_value_order 
_struct_conn.pdbx_role 
hydrog1  hydrog ? ? A DG 3  N1 ? ? ? 1_555 D DC 15 O2 ? ? A DG 3  D DC 16 1_555 ? ? ? ? ? ? 'REVERSED WATSON-CRICK' ? ? ? 
hydrog2  hydrog ? ? A DG 3  N2 ? ? ? 1_555 D DC 15 N3 ? ? A DG 3  D DC 16 1_555 ? ? ? ? ? ? 'REVERSED WATSON-CRICK' ? ? ? 
hydrog3  hydrog ? ? A DC 4  N3 ? ? ? 1_555 D DG 14 N1 ? ? A DC 4  D DG 15 1_555 ? ? ? ? ? ? WATSON-CRICK            ? ? ? 
hydrog4  hydrog ? ? A DC 4  N4 ? ? ? 1_555 D DG 14 O6 ? ? A DC 4  D DG 15 1_555 ? ? ? ? ? ? WATSON-CRICK            ? ? ? 
hydrog5  hydrog ? ? A DC 4  O2 ? ? ? 1_555 D DG 14 N2 ? ? A DC 4  D DG 15 1_555 ? ? ? ? ? ? WATSON-CRICK            ? ? ? 
hydrog6  hydrog ? ? A DA 5  N1 ? ? ? 1_555 D DT 13 N3 ? ? A DA 5  D DT 14 1_555 ? ? ? ? ? ? WATSON-CRICK            ? ? ? 
hydrog7  hydrog ? ? A DA 5  N6 ? ? ? 1_555 D DT 13 O4 ? ? A DA 5  D DT 14 1_555 ? ? ? ? ? ? WATSON-CRICK            ? ? ? 
hydrog8  hydrog ? ? A DG 6  N1 ? ? ? 1_555 D DC 12 N3 ? ? A DG 6  D DC 13 1_555 ? ? ? ? ? ? WATSON-CRICK            ? ? ? 
hydrog9  hydrog ? ? A DG 6  N2 ? ? ? 1_555 D DC 12 O2 ? ? A DG 6  D DC 13 1_555 ? ? ? ? ? ? WATSON-CRICK            ? ? ? 
hydrog10 hydrog ? ? A DG 6  O6 ? ? ? 1_555 D DC 12 N4 ? ? A DG 6  D DC 13 1_555 ? ? ? ? ? ? WATSON-CRICK            ? ? ? 
hydrog11 hydrog ? ? A DA 7  N1 ? ? ? 1_555 D DT 11 N3 ? ? A DA 7  D DT 12 1_555 ? ? ? ? ? ? WATSON-CRICK            ? ? ? 
hydrog12 hydrog ? ? A DA 7  N6 ? ? ? 1_555 D DT 11 O4 ? ? A DA 7  D DT 12 1_555 ? ? ? ? ? ? WATSON-CRICK            ? ? ? 
hydrog13 hydrog ? ? A DC 8  N3 ? ? ? 1_555 D DG 10 N1 ? ? A DC 8  D DG 11 1_555 ? ? ? ? ? ? WATSON-CRICK            ? ? ? 
hydrog14 hydrog ? ? A DC 8  N4 ? ? ? 1_555 D DG 10 O6 ? ? A DC 8  D DG 11 1_555 ? ? ? ? ? ? WATSON-CRICK            ? ? ? 
hydrog15 hydrog ? ? A DC 8  O2 ? ? ? 1_555 D DG 10 N2 ? ? A DC 8  D DG 11 1_555 ? ? ? ? ? ? WATSON-CRICK            ? ? ? 
hydrog16 hydrog ? ? A DC 9  N4 ? ? ? 1_555 D DG 9  O6 ? ? A DC 9  D DG 10 1_555 ? ? ? ? ? ? 'DC-DG PAIR'            ? ? ? 
hydrog17 hydrog ? ? A DT 10 N3 ? ? ? 1_555 C DA 3  N1 ? ? A DT 10 C DA 2  1_555 ? ? ? ? ? ? WATSON-CRICK            ? ? ? 
hydrog18 hydrog ? ? A DT 10 O4 ? ? ? 1_555 C DA 3  N6 ? ? A DT 10 C DA 2  1_555 ? ? ? ? ? ? WATSON-CRICK            ? ? ? 
hydrog19 hydrog ? ? A DG 11 N1 ? ? ? 1_555 C DC 2  N3 ? ? A DG 11 C DC 1  1_555 ? ? ? ? ? ? WATSON-CRICK            ? ? ? 
hydrog20 hydrog ? ? A DG 11 N2 ? ? ? 1_555 C DC 2  O2 ? ? A DG 11 C DC 1  1_555 ? ? ? ? ? ? WATSON-CRICK            ? ? ? 
hydrog21 hydrog ? ? A DG 11 O6 ? ? ? 1_555 C DC 2  N4 ? ? A DG 11 C DC 1  1_555 ? ? ? ? ? ? WATSON-CRICK            ? ? ? 
hydrog22 hydrog ? ? A DA 12 N1 ? ? ? 1_555 C DT 1  N3 ? ? A DA 12 C DT 0  1_555 ? ? ? ? ? ? WATSON-CRICK            ? ? ? 
hydrog23 hydrog ? ? A DA 12 N6 ? ? ? 1_555 C DT 1  O4 ? ? A DA 12 C DT 0  1_555 ? ? ? ? ? ? WATSON-CRICK            ? ? ? 
hydrog24 hydrog ? ? B DC 1  N3 ? ? ? 1_555 C DG 6  N1 ? ? B DC 12 C DG 5  1_555 ? ? ? ? ? ? WATSON-CRICK            ? ? ? 
hydrog25 hydrog ? ? B DC 1  N4 ? ? ? 1_555 C DG 6  O6 ? ? B DC 12 C DG 5  1_555 ? ? ? ? ? ? WATSON-CRICK            ? ? ? 
hydrog26 hydrog ? ? B DC 1  O2 ? ? ? 1_555 C DG 6  N2 ? ? B DC 12 C DG 5  1_555 ? ? ? ? ? ? WATSON-CRICK            ? ? ? 
hydrog27 hydrog ? ? B DG 2  N1 ? ? ? 1_555 C DC 5  N3 ? ? B DG 13 C DC 4  1_555 ? ? ? ? ? ? WATSON-CRICK            ? ? ? 
hydrog28 hydrog ? ? B DG 2  N2 ? ? ? 1_555 C DC 5  O2 ? ? B DG 13 C DC 4  1_555 ? ? ? ? ? ? WATSON-CRICK            ? ? ? 
hydrog29 hydrog ? ? B DG 2  O6 ? ? ? 1_555 C DC 5  N4 ? ? B DG 13 C DC 4  1_555 ? ? ? ? ? ? WATSON-CRICK            ? ? ? 
hydrog30 hydrog ? ? B DT 3  N3 ? ? ? 1_555 C DA 4  N1 ? ? B DT 14 C DA 3  1_555 ? ? ? ? ? ? WATSON-CRICK            ? ? ? 
hydrog31 hydrog ? ? B DT 3  O4 ? ? ? 1_555 C DA 4  N6 ? ? B DT 14 C DA 3  1_555 ? ? ? ? ? ? WATSON-CRICK            ? ? ? 
hydrog32 hydrog ? ? B DC 4  N3 ? ? ? 1_555 D DG 8  N1 ? ? B DC 15 D DG 9  1_555 ? ? ? ? ? ? WATSON-CRICK            ? ? ? 
hydrog33 hydrog ? ? B DC 4  N4 ? ? ? 1_555 D DG 8  O6 ? ? B DC 15 D DG 9  1_555 ? ? ? ? ? ? WATSON-CRICK            ? ? ? 
hydrog34 hydrog ? ? B DC 4  O2 ? ? ? 1_555 D DG 8  N2 ? ? B DC 15 D DG 9  1_555 ? ? ? ? ? ? WATSON-CRICK            ? ? ? 
hydrog35 hydrog ? ? B DA 5  N1 ? ? ? 1_555 D DT 7  N3 ? ? B DA 16 D DT 8  1_555 ? ? ? ? ? ? WATSON-CRICK            ? ? ? 
hydrog36 hydrog ? ? B DA 5  N6 ? ? ? 1_555 D DT 7  O4 ? ? B DA 16 D DT 8  1_555 ? ? ? ? ? ? WATSON-CRICK            ? ? ? 
hydrog37 hydrog ? ? B DC 6  N3 ? ? ? 1_555 D DG 6  N1 ? ? B DC 17 D DG 7  1_555 ? ? ? ? ? ? WATSON-CRICK            ? ? ? 
hydrog38 hydrog ? ? B DC 6  N4 ? ? ? 1_555 D DG 6  O6 ? ? B DC 17 D DG 7  1_555 ? ? ? ? ? ? WATSON-CRICK            ? ? ? 
hydrog39 hydrog ? ? B DC 6  O2 ? ? ? 1_555 D DG 6  N2 ? ? B DC 17 D DG 7  1_555 ? ? ? ? ? ? WATSON-CRICK            ? ? ? 
hydrog40 hydrog ? ? B DT 7  N3 ? ? ? 1_555 D DA 5  N1 ? ? B DT 18 D DA 6  1_555 ? ? ? ? ? ? WATSON-CRICK            ? ? ? 
hydrog41 hydrog ? ? B DT 7  O4 ? ? ? 1_555 D DA 5  N6 ? ? B DT 18 D DA 6  1_555 ? ? ? ? ? ? WATSON-CRICK            ? ? ? 
hydrog42 hydrog ? ? B DC 8  N3 ? ? ? 1_555 D DG 4  N1 ? ? B DC 19 D DG 5  1_555 ? ? ? ? ? ? WATSON-CRICK            ? ? ? 
hydrog43 hydrog ? ? B DC 8  N4 ? ? ? 1_555 D DG 4  O6 ? ? B DC 19 D DG 5  1_555 ? ? ? ? ? ? WATSON-CRICK            ? ? ? 
hydrog44 hydrog ? ? B DC 8  O2 ? ? ? 1_555 D DG 4  N2 ? ? B DC 19 D DG 5  1_555 ? ? ? ? ? ? WATSON-CRICK            ? ? ? 
hydrog45 hydrog ? ? B DA 9  N1 ? ? ? 1_555 D DG 4  N2 ? ? B DA 20 D DG 5  1_555 ? ? ? ? ? ? 'DA-DG MISPAIR'         ? ? ? 
# 
_struct_conn_type.id          hydrog 
_struct_conn_type.criteria    ? 
_struct_conn_type.reference   ? 
# 
_atom_sites.entry_id                    7JFW 
_atom_sites.Cartn_transf_matrix[1][1]   ? 
_atom_sites.Cartn_transf_matrix[1][2]   ? 
_atom_sites.Cartn_transf_matrix[1][3]   ? 
_atom_sites.Cartn_transf_matrix[2][1]   ? 
_atom_sites.Cartn_transf_matrix[2][2]   ? 
_atom_sites.Cartn_transf_matrix[2][3]   ? 
_atom_sites.Cartn_transf_matrix[3][1]   ? 
_atom_sites.Cartn_transf_matrix[3][2]   ? 
_atom_sites.Cartn_transf_matrix[3][3]   ? 
_atom_sites.Cartn_transf_vector[1]      ? 
_atom_sites.Cartn_transf_vector[2]      ? 
_atom_sites.Cartn_transf_vector[3]      ? 
_atom_sites.fract_transf_matrix[1][1]   0.01673396 
_atom_sites.fract_transf_matrix[1][2]   0.00280302 
_atom_sites.fract_transf_matrix[1][3]   0.00164479 
_atom_sites.fract_transf_matrix[2][1]   0.00765583 
_atom_sites.fract_transf_matrix[2][2]   0.01178597 
_atom_sites.fract_transf_matrix[2][3]   -0.00964599 
_atom_sites.fract_transf_matrix[3][1]   -0.00344970 
_atom_sites.fract_transf_matrix[3][2]   0.01293045 
_atom_sites.fract_transf_matrix[3][3]   0.01306113 
_atom_sites.fract_transf_vector[1]      0.142618 
_atom_sites.fract_transf_vector[2]      0.823014 
_atom_sites.fract_transf_vector[3]      0.132599 
_atom_sites.solution_primary            ? 
_atom_sites.solution_secondary          ? 
_atom_sites.solution_hydrogens          ? 
_atom_sites.special_details             ? 
# 
loop_
_atom_type.symbol 
C 
H 
N 
O 
P 
# 
loop_
_atom_site.group_PDB 
_atom_site.id 
_atom_site.type_symbol 
_atom_site.label_atom_id 
_atom_site.label_alt_id 
_atom_site.label_comp_id 
_atom_site.label_asym_id 
_atom_site.label_entity_id 
_atom_site.label_seq_id 
_atom_site.pdbx_PDB_ins_code 
_atom_site.Cartn_x 
_atom_site.Cartn_y 
_atom_site.Cartn_z 
_atom_site.occupancy 
_atom_site.B_iso_or_equiv 
_atom_site.pdbx_formal_charge 
_atom_site.auth_seq_id 
_atom_site.auth_comp_id 
_atom_site.auth_asym_id 
_atom_site.auth_atom_id 
_atom_site.pdbx_PDB_model_num 
ATOM 1    O "O5'"  . DG A 1 1  ? -3.128  -25.535 3.166   1.00 136.98 ? 1  DG A "O5'"  1 
ATOM 2    C "C5'"  . DG A 1 1  ? -2.975  -24.118 3.216   1.00 127.65 ? 1  DG A "C5'"  1 
ATOM 3    C "C4'"  . DG A 1 1  ? -3.372  -23.572 4.578   1.00 132.72 ? 1  DG A "C4'"  1 
ATOM 4    O "O4'"  . DG A 1 1  ? -2.393  -23.990 5.554   1.00 129.75 ? 1  DG A "O4'"  1 
ATOM 5    C "C3'"  . DG A 1 1  ? -3.456  -22.046 4.654   1.00 134.06 ? 1  DG A "C3'"  1 
ATOM 6    O "O3'"  . DG A 1 1  ? -4.795  -21.636 4.873   1.00 137.48 ? 1  DG A "O3'"  1 
ATOM 7    C "C2'"  . DG A 1 1  ? -2.552  -21.638 5.816   1.00 131.61 ? 1  DG A "C2'"  1 
ATOM 8    C "C1'"  . DG A 1 1  ? -1.758  -22.880 6.153   1.00 115.75 ? 1  DG A "C1'"  1 
ATOM 9    N N9     . DG A 1 1  ? -0.369  -22.834 5.713   1.00 102.29 ? 1  DG A N9     1 
ATOM 10   C C8     . DG A 1 1  ? 0.216   -23.570 4.709   1.00 107.89 ? 1  DG A C8     1 
ATOM 11   N N7     . DG A 1 1  ? 1.494   -23.334 4.568   1.00 106.53 ? 1  DG A N7     1 
ATOM 12   C C5     . DG A 1 1  ? 1.772   -22.388 5.549   1.00 105.58 ? 1  DG A C5     1 
ATOM 13   C C6     . DG A 1 1  ? 2.988   -21.751 5.882   1.00 102.66 ? 1  DG A C6     1 
ATOM 14   O O6     . DG A 1 1  ? 4.102   -21.902 5.359   1.00 141.60 ? 1  DG A O6     1 
ATOM 15   N N1     . DG A 1 1  ? 2.825   -20.857 6.940   1.00 102.14 ? 1  DG A N1     1 
ATOM 16   C C2     . DG A 1 1  ? 1.636   -20.607 7.587   1.00 114.79 ? 1  DG A C2     1 
ATOM 17   N N2     . DG A 1 1  ? 1.671   -19.711 8.587   1.00 117.87 ? 1  DG A N2     1 
ATOM 18   N N3     . DG A 1 1  ? 0.493   -21.204 7.287   1.00 110.41 ? 1  DG A N3     1 
ATOM 19   C C4     . DG A 1 1  ? 0.635   -22.075 6.262   1.00 106.79 ? 1  DG A C4     1 
ATOM 20   H "H5'"  . DG A 1 1  ? -3.534  -23.714 2.535   1.00 153.17 ? 1  DG A "H5'"  1 
ATOM 21   H "H5''" . DG A 1 1  ? -2.047  -23.894 3.041   1.00 153.17 ? 1  DG A "H5''" 1 
ATOM 22   H "H4'"  . DG A 1 1  ? -4.234  -23.944 4.823   1.00 159.25 ? 1  DG A "H4'"  1 
ATOM 23   H "H3'"  . DG A 1 1  ? -3.125  -21.658 3.829   1.00 160.86 ? 1  DG A "H3'"  1 
ATOM 24   H "H2'"  . DG A 1 1  ? -1.957  -20.921 5.544   1.00 157.92 ? 1  DG A "H2'"  1 
ATOM 25   H "H2''" . DG A 1 1  ? -3.086  -21.363 6.577   1.00 157.92 ? 1  DG A "H2''" 1 
ATOM 26   H "H1'"  . DG A 1 1  ? -1.770  -23.001 7.115   1.00 138.89 ? 1  DG A "H1'"  1 
ATOM 27   H H8     . DG A 1 1  ? -0.252  -24.175 4.181   1.00 129.46 ? 1  DG A H8     1 
ATOM 28   H H1     . DG A 1 1  ? 3.520   -20.424 7.205   1.00 122.55 ? 1  DG A H1     1 
ATOM 29   H H21    . DG A 1 1  ? 0.955   -19.529 9.027   1.00 141.43 ? 1  DG A H21    1 
ATOM 30   H H22    . DG A 1 1  ? 2.410   -19.319 8.786   1.00 141.43 ? 1  DG A H22    1 
ATOM 31   P P      . DA A 1 2  ? -5.213  -20.097 4.685   1.00 141.77 ? 2  DA A P      1 
ATOM 32   O OP1    . DA A 1 2  ? -6.605  -19.982 5.175   1.00 150.09 ? 2  DA A OP1    1 
ATOM 33   O OP2    . DA A 1 2  ? -4.855  -19.696 3.305   1.00 142.41 ? 2  DA A OP2    1 
ATOM 34   O "O5'"  . DA A 1 2  ? -4.247  -19.292 5.675   1.00 127.60 ? 2  DA A "O5'"  1 
ATOM 35   C "C5'"  . DA A 1 2  ? -4.638  -19.041 7.024   1.00 131.84 ? 2  DA A "C5'"  1 
ATOM 36   C "C4'"  . DA A 1 2  ? -3.777  -17.954 7.632   1.00 130.56 ? 2  DA A "C4'"  1 
ATOM 37   O "O4'"  . DA A 1 2  ? -2.368  -18.247 7.371   1.00 128.94 ? 2  DA A "O4'"  1 
ATOM 38   C "C3'"  . DA A 1 2  ? -4.004  -16.570 7.047   1.00 138.56 ? 2  DA A "C3'"  1 
ATOM 39   O "O3'"  . DA A 1 2  ? -3.691  -15.557 8.010   1.00 147.78 ? 2  DA A "O3'"  1 
ATOM 40   C "C2'"  . DA A 1 2  ? -3.047  -16.589 5.867   1.00 137.46 ? 2  DA A "C2'"  1 
ATOM 41   C "C1'"  . DA A 1 2  ? -1.835  -17.266 6.490   1.00 127.80 ? 2  DA A "C1'"  1 
ATOM 42   N N9     . DA A 1 2  ? -0.937  -17.909 5.528   1.00 117.20 ? 2  DA A N9     1 
ATOM 43   C C8     . DA A 1 2  ? -1.289  -18.691 4.460   1.00 118.93 ? 2  DA A C8     1 
ATOM 44   N N7     . DA A 1 2  ? -0.265  -19.136 3.771   1.00 108.10 ? 2  DA A N7     1 
ATOM 45   C C5     . DA A 1 2  ? 0.833   -18.606 4.422   1.00 106.75 ? 2  DA A C5     1 
ATOM 46   C C6     . DA A 1 2  ? 2.216   -18.704 4.178   1.00 112.23 ? 2  DA A C6     1 
ATOM 47   N N6     . DA A 1 2  ? 2.731   -19.406 3.163   1.00 112.53 ? 2  DA A N6     1 
ATOM 48   N N1     . DA A 1 2  ? 3.050   -18.053 5.018   1.00 106.82 ? 2  DA A N1     1 
ATOM 49   C C2     . DA A 1 2  ? 2.524   -17.353 6.032   1.00 115.72 ? 2  DA A C2     1 
ATOM 50   N N3     . DA A 1 2  ? 1.242   -17.188 6.361   1.00 121.02 ? 2  DA A N3     1 
ATOM 51   C C4     . DA A 1 2  ? 0.440   -17.847 5.508   1.00 112.79 ? 2  DA A C4     1 
ATOM 52   H "H5'"  . DA A 1 2  ? -4.539  -19.855 7.542   1.00 158.19 ? 2  DA A "H5'"  1 
ATOM 53   H "H5''" . DA A 1 2  ? -5.567  -18.761 7.040   1.00 158.19 ? 2  DA A "H5''" 1 
ATOM 54   H "H4'"  . DA A 1 2  ? -3.925  -17.925 8.591   1.00 156.66 ? 2  DA A "H4'"  1 
ATOM 55   H "H3'"  . DA A 1 2  ? -4.920  -16.479 6.741   1.00 166.26 ? 2  DA A "H3'"  1 
ATOM 56   H "H2'"  . DA A 1 2  ? -3.405  -17.119 5.137   1.00 164.94 ? 2  DA A "H2'"  1 
ATOM 57   H "H2''" . DA A 1 2  ? -2.834  -15.688 5.577   1.00 164.94 ? 2  DA A "H2''" 1 
ATOM 58   H "H1'"  . DA A 1 2  ? -1.336  -16.612 7.005   1.00 153.35 ? 2  DA A "H1'"  1 
ATOM 59   H H8     . DA A 1 2  ? -2.170  -18.894 4.249   1.00 142.71 ? 2  DA A H8     1 
ATOM 60   H H61    . DA A 1 2  ? 3.582   -19.438 3.051   1.00 135.03 ? 2  DA A H61    1 
ATOM 61   H H62    . DA A 1 2  ? 2.210   -19.824 2.622   1.00 135.03 ? 2  DA A H62    1 
ATOM 62   H H2     . DA A 1 2  ? 3.138   -16.924 6.582   1.00 138.85 ? 2  DA A H2     1 
ATOM 63   P P      . DG A 1 3  ? -3.636  -14.007 7.589   1.00 147.83 ? 3  DG A P      1 
ATOM 64   O OP1    . DG A 1 3  ? -3.328  -13.224 8.809   1.00 135.78 ? 3  DG A OP1    1 
ATOM 65   O OP2    . DG A 1 3  ? -4.851  -13.717 6.791   1.00 116.18 ? 3  DG A OP2    1 
ATOM 66   O "O5'"  . DG A 1 3  ? -2.360  -13.917 6.631   1.00 122.00 ? 3  DG A "O5'"  1 
ATOM 67   C "C5'"  . DG A 1 3  ? -1.798  -12.666 6.313   1.00 132.49 ? 3  DG A "C5'"  1 
ATOM 68   C "C4'"  . DG A 1 3  ? -0.471  -12.482 7.016   1.00 135.02 ? 3  DG A "C4'"  1 
ATOM 69   O "O4'"  . DG A 1 3  ? 0.360   -13.649 6.796   1.00 130.40 ? 3  DG A "O4'"  1 
ATOM 70   C "C3'"  . DG A 1 3  ? 0.339   -11.295 6.528   1.00 136.61 ? 3  DG A "C3'"  1 
ATOM 71   O "O3'"  . DG A 1 3  ? 1.033   -10.682 7.598   1.00 141.71 ? 3  DG A "O3'"  1 
ATOM 72   C "C2'"  . DG A 1 3  ? 1.285   -11.886 5.486   1.00 132.17 ? 3  DG A "C2'"  1 
ATOM 73   C "C1'"  . DG A 1 3  ? 1.361   -13.375 5.829   1.00 126.84 ? 3  DG A "C1'"  1 
ATOM 74   N N9     . DG A 1 3  ? 1.153   -14.248 4.669   1.00 126.59 ? 3  DG A N9     1 
ATOM 75   C C8     . DG A 1 3  ? -0.050  -14.661 4.133   1.00 122.67 ? 3  DG A C8     1 
ATOM 76   N N7     . DG A 1 3  ? 0.085   -15.439 3.089   1.00 112.34 ? 3  DG A N7     1 
ATOM 77   C C5     . DG A 1 3  ? 1.462   -15.546 2.920   1.00 115.68 ? 3  DG A C5     1 
ATOM 78   C C6     . DG A 1 3  ? 2.214   -16.260 1.954   1.00 108.88 ? 3  DG A C6     1 
ATOM 79   O O6     . DG A 1 3  ? 1.796   -16.964 1.022   1.00 103.93 ? 3  DG A O6     1 
ATOM 80   N N1     . DG A 1 3  ? 3.587   -16.099 2.149   1.00 105.55 ? 3  DG A N1     1 
ATOM 81   C C2     . DG A 1 3  ? 4.155   -15.340 3.148   1.00 102.17 ? 3  DG A C2     1 
ATOM 82   N N2     . DG A 1 3  ? 5.490   -15.294 3.180   1.00 115.78 ? 3  DG A N2     1 
ATOM 83   N N3     . DG A 1 3  ? 3.465   -14.673 4.058   1.00 101.32 ? 3  DG A N3     1 
ATOM 84   C C4     . DG A 1 3  ? 2.130   -14.818 3.885   1.00 115.58 ? 3  DG A C4     1 
ATOM 85   H "H5'"  . DG A 1 3  ? -2.408  -11.964 6.591   1.00 158.98 ? 3  DG A "H5'"  1 
ATOM 86   H "H5''" . DG A 1 3  ? -1.664  -12.611 5.354   1.00 158.98 ? 3  DG A "H5''" 1 
ATOM 87   H "H4'"  . DG A 1 3  ? -0.629  -12.384 7.968   1.00 162.01 ? 3  DG A "H4'"  1 
ATOM 88   H "H3'"  . DG A 1 3  ? -0.249  -10.648 6.107   1.00 163.92 ? 3  DG A "H3'"  1 
ATOM 89   H "H2'"  . DG A 1 3  ? 0.924   -11.763 4.594   1.00 158.59 ? 3  DG A "H2'"  1 
ATOM 90   H "H2''" . DG A 1 3  ? 2.162   -11.478 5.556   1.00 158.59 ? 3  DG A "H2''" 1 
ATOM 91   H "H1'"  . DG A 1 3  ? 2.230   -13.564 6.215   1.00 152.20 ? 3  DG A "H1'"  1 
ATOM 92   H H8     . DG A 1 3  ? -0.876  -14.411 4.481   1.00 147.19 ? 3  DG A H8     1 
ATOM 93   H H1     . DG A 1 3  ? 4.117   -16.500 1.602   1.00 126.65 ? 3  DG A H1     1 
ATOM 94   H H21    . DG A 1 3  ? 5.891   -14.833 3.787   1.00 138.93 ? 3  DG A H21    1 
ATOM 95   H H22    . DG A 1 3  ? 5.950   -15.724 2.593   1.00 138.93 ? 3  DG A H22    1 
ATOM 96   P P      . DC A 1 4  ? 1.377   -9.117  7.523   1.00 139.72 ? 4  DC A P      1 
ATOM 97   O OP1    . DC A 1 4  ? 1.846   -8.692  8.861   1.00 137.06 ? 4  DC A OP1    1 
ATOM 98   O OP2    . DC A 1 4  ? 0.212   -8.451  6.895   1.00 128.80 ? 4  DC A OP2    1 
ATOM 99   O "O5'"  . DC A 1 4  ? 2.613   -9.052  6.511   1.00 123.15 ? 4  DC A "O5'"  1 
ATOM 100  C "C5'"  . DC A 1 4  ? 3.820   -9.724  6.841   1.00 129.23 ? 4  DC A "C5'"  1 
ATOM 101  C "C4'"  . DC A 1 4  ? 4.741   -9.828  5.637   1.00 131.75 ? 4  DC A "C4'"  1 
ATOM 102  O "O4'"  . DC A 1 4  ? 4.286   -10.874 4.761   1.00 126.92 ? 4  DC A "O4'"  1 
ATOM 103  C "C3'"  . DC A 1 4  ? 4.813   -8.575  4.763   1.00 135.69 ? 4  DC A "C3'"  1 
ATOM 104  O "O3'"  . DC A 1 4  ? 6.004   -7.857  5.031   1.00 137.67 ? 4  DC A "O3'"  1 
ATOM 105  C "C2'"  . DC A 1 4  ? 4.762   -9.101  3.314   1.00 126.96 ? 4  DC A "C2'"  1 
ATOM 106  C "C1'"  . DC A 1 4  ? 4.788   -10.615 3.475   1.00 123.24 ? 4  DC A "C1'"  1 
ATOM 107  N N1     . DC A 1 4  ? 3.958   -11.369 2.490   1.00 115.22 ? 4  DC A N1     1 
ATOM 108  C C2     . DC A 1 4  ? 4.581   -12.217 1.569   1.00 112.10 ? 4  DC A C2     1 
ATOM 109  O O2     . DC A 1 4  ? 5.817   -12.303 1.566   1.00 111.78 ? 4  DC A O2     1 
ATOM 110  N N3     . DC A 1 4  ? 3.813   -12.915 0.696   1.00 114.05 ? 4  DC A N3     1 
ATOM 111  C C4     . DC A 1 4  ? 2.485   -12.796 0.730   1.00 114.64 ? 4  DC A C4     1 
ATOM 112  N N4     . DC A 1 4  ? 1.772   -13.506 -0.151  1.00 117.48 ? 4  DC A N4     1 
ATOM 113  C C5     . DC A 1 4  ? 1.831   -11.945 1.667   1.00 117.36 ? 4  DC A C5     1 
ATOM 114  C C6     . DC A 1 4  ? 2.598   -11.260 2.523   1.00 112.79 ? 4  DC A C6     1 
ATOM 115  H "H5'"  . DC A 1 4  ? 3.609   -10.617 7.157   1.00 155.06 ? 4  DC A "H5'"  1 
ATOM 116  H "H5''" . DC A 1 4  ? 4.272   -9.236  7.545   1.00 155.06 ? 4  DC A "H5''" 1 
ATOM 117  H "H4'"  . DC A 1 4  ? 5.635   -10.046 5.946   1.00 158.09 ? 4  DC A "H4'"  1 
ATOM 118  H "H3'"  . DC A 1 4  ? 4.042   -8.011  4.935   1.00 162.82 ? 4  DC A "H3'"  1 
ATOM 119  H "H2'"  . DC A 1 4  ? 3.941   -8.820  2.879   1.00 152.34 ? 4  DC A "H2'"  1 
ATOM 120  H "H2''" . DC A 1 4  ? 5.535   -8.798  2.815   1.00 152.34 ? 4  DC A "H2''" 1 
ATOM 121  H "H1'"  . DC A 1 4  ? 5.705   -10.925 3.423   1.00 147.88 ? 4  DC A "H1'"  1 
ATOM 122  H H41    . DC A 1 4  ? 0.913   -13.449 -0.154  1.00 140.96 ? 4  DC A H41    1 
ATOM 123  H H42    . DC A 1 4  ? 2.170   -14.019 -0.714  1.00 140.96 ? 4  DC A H42    1 
ATOM 124  H H5     . DC A 1 4  ? 0.905   -11.867 1.682   1.00 140.82 ? 4  DC A H5     1 
ATOM 125  H H6     . DC A 1 4  ? 2.199   -10.697 3.146   1.00 135.34 ? 4  DC A H6     1 
ATOM 126  P P      . DA A 1 5  ? 6.197   -6.374  4.449   1.00 144.30 ? 5  DA A P      1 
ATOM 127  O OP1    . DA A 1 5  ? 7.038   -5.633  5.417   1.00 143.89 ? 5  DA A OP1    1 
ATOM 128  O OP2    . DA A 1 5  ? 4.856   -5.865  4.072   1.00 115.32 ? 5  DA A OP2    1 
ATOM 129  O "O5'"  . DA A 1 5  ? 7.046   -6.591  3.112   1.00 136.75 ? 5  DA A "O5'"  1 
ATOM 130  C "C5'"  . DA A 1 5  ? 8.459   -6.776  3.185   1.00 127.54 ? 5  DA A "C5'"  1 
ATOM 131  C "C4'"  . DA A 1 5  ? 8.991   -7.359  1.892   1.00 132.05 ? 5  DA A "C4'"  1 
ATOM 132  O "O4'"  . DA A 1 5  ? 8.040   -8.328  1.393   1.00 126.59 ? 5  DA A "O4'"  1 
ATOM 133  C "C3'"  . DA A 1 5  ? 9.214   -6.338  0.776   1.00 127.21 ? 5  DA A "C3'"  1 
ATOM 134  O "O3'"  . DA A 1 5  ? 10.584  -6.319  0.391   1.00 138.26 ? 5  DA A "O3'"  1 
ATOM 135  C "C2'"  . DA A 1 5  ? 8.291   -6.785  -0.365  1.00 115.98 ? 5  DA A "C2'"  1 
ATOM 136  C "C1'"  . DA A 1 5  ? 7.910   -8.213  -0.001  1.00 115.14 ? 5  DA A "C1'"  1 
ATOM 137  N N9     . DA A 1 5  ? 6.537   -8.552  -0.348  1.00 107.16 ? 5  DA A N9     1 
ATOM 138  C C8     . DA A 1 5  ? 5.407   -7.983  0.162   1.00 115.49 ? 5  DA A C8     1 
ATOM 139  N N7     . DA A 1 5  ? 4.296   -8.479  -0.329  1.00 116.24 ? 5  DA A N7     1 
ATOM 140  C C5     . DA A 1 5  ? 4.730   -9.447  -1.220  1.00 112.35 ? 5  DA A C5     1 
ATOM 141  C C6     . DA A 1 5  ? 4.039   -10.341 -2.066  1.00 109.06 ? 5  DA A C6     1 
ATOM 142  N N6     . DA A 1 5  ? 2.705   -10.400 -2.154  1.00 106.05 ? 5  DA A N6     1 
ATOM 143  N N1     . DA A 1 5  ? 4.777   -11.175 -2.826  1.00 112.74 ? 5  DA A N1     1 
ATOM 144  C C2     . DA A 1 5  ? 6.112   -11.114 -2.743  1.00 112.96 ? 5  DA A C2     1 
ATOM 145  N N3     . DA A 1 5  ? 6.872   -10.319 -1.990  1.00 107.15 ? 5  DA A N3     1 
ATOM 146  C C4     . DA A 1 5  ? 6.113   -9.505  -1.243  1.00 109.48 ? 5  DA A C4     1 
ATOM 147  H "H5'"  . DA A 1 5  ? 8.664   -7.377  3.917   1.00 153.04 ? 5  DA A "H5'"  1 
ATOM 148  H "H5''" . DA A 1 5  ? 8.884   -5.918  3.347   1.00 153.04 ? 5  DA A "H5''" 1 
ATOM 149  H "H4'"  . DA A 1 5  ? 9.830   -7.810  2.076   1.00 158.45 ? 5  DA A "H4'"  1 
ATOM 150  H "H3'"  . DA A 1 5  ? 8.949   -5.457  1.082   1.00 152.64 ? 5  DA A "H3'"  1 
ATOM 151  H "H2'"  . DA A 1 5  ? 7.502   -6.222  -0.402  1.00 139.16 ? 5  DA A "H2'"  1 
ATOM 152  H "H2''" . DA A 1 5  ? 8.765   -6.765  -1.211  1.00 139.16 ? 5  DA A "H2''" 1 
ATOM 153  H "H1'"  . DA A 1 5  ? 8.517   -8.832  -0.436  1.00 138.15 ? 5  DA A "H1'"  1 
ATOM 154  H H8     . DA A 1 5  ? 5.422   -7.300  0.795   1.00 138.58 ? 5  DA A H8     1 
ATOM 155  H H61    . DA A 1 5  ? 2.333   -10.963 -2.688  1.00 127.24 ? 5  DA A H61    1 
ATOM 156  H H62    . DA A 1 5  ? 2.219   -9.874  -1.676  1.00 127.24 ? 5  DA A H62    1 
ATOM 157  H H2     . DA A 1 5  ? 6.574   -11.709 -3.288  1.00 135.54 ? 5  DA A H2     1 
ATOM 158  P P      . DG A 1 6  ? 11.111  -5.242  -0.678  1.00 155.23 ? 6  DG A P      1 
ATOM 159  O OP1    . DG A 1 6  ? 12.574  -5.092  -0.494  1.00 132.59 ? 6  DG A OP1    1 
ATOM 160  O OP2    . DG A 1 6  ? 10.226  -4.061  -0.579  1.00 150.52 ? 6  DG A OP2    1 
ATOM 161  O "O5'"  . DG A 1 6  ? 10.834  -5.947  -2.087  1.00 147.32 ? 6  DG A "O5'"  1 
ATOM 162  C "C5'"  . DG A 1 6  ? 11.198  -7.312  -2.281  1.00 148.90 ? 6  DG A "C5'"  1 
ATOM 163  C "C4'"  . DG A 1 6  ? 10.829  -7.790  -3.676  1.00 142.70 ? 6  DG A "C4'"  1 
ATOM 164  O "O4'"  . DG A 1 6  ? 9.576   -8.512  -3.629  1.00 138.40 ? 6  DG A "O4'"  1 
ATOM 165  C "C3'"  . DG A 1 6  ? 10.619  -6.690  -4.697  1.00 133.63 ? 6  DG A "C3'"  1 
ATOM 166  O "O3'"  . DG A 1 6  ? 11.859  -6.343  -5.309  1.00 141.93 ? 6  DG A "O3'"  1 
ATOM 167  C "C2'"  . DG A 1 6  ? 9.626   -7.308  -5.682  1.00 124.79 ? 6  DG A "C2'"  1 
ATOM 168  C "C1'"  . DG A 1 6  ? 8.872   -8.351  -4.849  1.00 122.82 ? 6  DG A "C1'"  1 
ATOM 169  N N9     . DG A 1 6  ? 7.494   -7.988  -4.523  1.00 116.05 ? 6  DG A N9     1 
ATOM 170  C C8     . DG A 1 6  ? 7.081   -7.013  -3.647  1.00 115.53 ? 6  DG A C8     1 
ATOM 171  N N7     . DG A 1 6  ? 5.783   -6.930  -3.534  1.00 111.42 ? 6  DG A N7     1 
ATOM 172  C C5     . DG A 1 6  ? 5.305   -7.923  -4.380  1.00 108.30 ? 6  DG A C5     1 
ATOM 173  C C6     . DG A 1 6  ? 3.973   -8.309  -4.671  1.00 108.89 ? 6  DG A C6     1 
ATOM 174  O O6     . DG A 1 6  ? 2.920   -7.834  -4.222  1.00 105.72 ? 6  DG A O6     1 
ATOM 175  N N1     . DG A 1 6  ? 3.929   -9.361  -5.582  1.00 107.02 ? 6  DG A N1     1 
ATOM 176  C C2     . DG A 1 6  ? 5.034   -9.962  -6.141  1.00 115.03 ? 6  DG A C2     1 
ATOM 177  N N2     . DG A 1 6  ? 4.795   -10.960 -7.001  1.00 114.43 ? 6  DG A N2     1 
ATOM 178  N N3     . DG A 1 6  ? 6.288   -9.610  -5.877  1.00 111.02 ? 6  DG A N3     1 
ATOM 179  C C4     . DG A 1 6  ? 6.347   -8.588  -4.990  1.00 111.89 ? 6  DG A C4     1 
ATOM 180  H "H5'"  . DG A 1 6  ? 10.736  -7.859  -1.625  1.00 178.66 ? 6  DG A "H5'"  1 
ATOM 181  H "H5''" . DG A 1 6  ? 12.155  -7.406  -2.155  1.00 178.66 ? 6  DG A "H5''" 1 
ATOM 182  H "H4'"  . DG A 1 6  ? 11.522  -8.387  -3.996  1.00 171.23 ? 6  DG A "H4'"  1 
ATOM 183  H "H3'"  . DG A 1 6  ? 10.226  -5.912  -4.273  1.00 160.35 ? 6  DG A "H3'"  1 
ATOM 184  H "H2'"  . DG A 1 6  ? 9.015   -6.633  -6.016  1.00 149.74 ? 6  DG A "H2'"  1 
ATOM 185  H "H2''" . DG A 1 6  ? 10.097  -7.736  -6.415  1.00 149.74 ? 6  DG A "H2''" 1 
ATOM 186  H "H1'"  . DG A 1 6  ? 8.871   -9.196  -5.326  1.00 147.37 ? 6  DG A "H1'"  1 
ATOM 187  H H8     . DG A 1 6  ? 7.669   -6.460  -3.184  1.00 138.63 ? 6  DG A H8     1 
ATOM 188  H H1     . DG A 1 6  ? 3.155   -9.656  -5.814  1.00 128.41 ? 6  DG A H1     1 
ATOM 189  H H21    . DG A 1 6  ? 5.451   -11.369 -7.378  1.00 137.31 ? 6  DG A H21    1 
ATOM 190  H H22    . DG A 1 6  ? 3.986   -11.192 -7.175  1.00 137.31 ? 6  DG A H22    1 
ATOM 191  P P      . DA A 1 7  ? 11.885  -5.499  -6.675  1.00 163.03 ? 7  DA A P      1 
ATOM 192  O OP1    . DA A 1 7  ? 13.232  -4.889  -6.785  1.00 138.61 ? 7  DA A OP1    1 
ATOM 193  O OP2    . DA A 1 7  ? 10.678  -4.641  -6.701  1.00 143.86 ? 7  DA A OP2    1 
ATOM 194  O "O5'"  . DA A 1 7  ? 11.720  -6.612  -7.811  1.00 143.67 ? 7  DA A "O5'"  1 
ATOM 195  C "C5'"  . DA A 1 7  ? 11.081  -6.291  -9.035  1.00 126.71 ? 7  DA A "C5'"  1 
ATOM 196  C "C4'"  . DA A 1 7  ? 10.018  -7.317  -9.368  1.00 120.19 ? 7  DA A "C4'"  1 
ATOM 197  O "O4'"  . DA A 1 7  ? 8.972   -7.264  -8.386  1.00 120.32 ? 7  DA A "O4'"  1 
ATOM 198  C "C3'"  . DA A 1 7  ? 9.297   -7.093  -10.681 1.00 137.26 ? 7  DA A "C3'"  1 
ATOM 199  O "O3'"  . DA A 1 7  ? 9.984   -7.725  -11.751 1.00 153.11 ? 7  DA A "O3'"  1 
ATOM 200  C "C2'"  . DA A 1 7  ? 7.905   -7.697  -10.443 1.00 121.48 ? 7  DA A "C2'"  1 
ATOM 201  C "C1'"  . DA A 1 7  ? 7.823   -7.876  -8.931  1.00 124.23 ? 7  DA A "C1'"  1 
ATOM 202  N N9     . DA A 1 7  ? 6.628   -7.289  -8.322  1.00 119.51 ? 7  DA A N9     1 
ATOM 203  C C8     . DA A 1 7  ? 6.580   -6.293  -7.386  1.00 118.83 ? 7  DA A C8     1 
ATOM 204  N N7     . DA A 1 7  ? 5.363   -5.980  -7.006  1.00 109.57 ? 7  DA A N7     1 
ATOM 205  C C5     . DA A 1 7  ? 4.554   -6.837  -7.736  1.00 107.64 ? 7  DA A C5     1 
ATOM 206  C C6     . DA A 1 7  ? 3.155   -7.010  -7.787  1.00 107.89 ? 7  DA A C6     1 
ATOM 207  N N6     . DA A 1 7  ? 2.296   -6.289  -7.060  1.00 105.30 ? 7  DA A N6     1 
ATOM 208  N N1     . DA A 1 7  ? 2.670   -7.951  -8.624  1.00 104.85 ? 7  DA A N1     1 
ATOM 209  C C2     . DA A 1 7  ? 3.533   -8.668  -9.357  1.00 113.75 ? 7  DA A C2     1 
ATOM 210  N N3     . DA A 1 7  ? 4.865   -8.596  -9.394  1.00 112.25 ? 7  DA A N3     1 
ATOM 211  C C4     . DA A 1 7  ? 5.316   -7.652  -8.552  1.00 112.41 ? 7  DA A C4     1 
ATOM 212  H "H5'"  . DA A 1 7  ? 11.742  -6.274  -9.745  1.00 152.04 ? 7  DA A "H5'"  1 
ATOM 213  H "H5''" . DA A 1 7  ? 10.669  -5.417  -8.961  1.00 152.04 ? 7  DA A "H5''" 1 
ATOM 214  H "H4'"  . DA A 1 7  ? 10.415  -8.203  -9.366  1.00 144.22 ? 7  DA A "H4'"  1 
ATOM 215  H "H3'"  . DA A 1 7  ? 9.219   -6.141  -10.855 1.00 164.70 ? 7  DA A "H3'"  1 
ATOM 216  H "H2'"  . DA A 1 7  ? 7.215   -7.088  -10.750 1.00 145.77 ? 7  DA A "H2'"  1 
ATOM 217  H "H2''" . DA A 1 7  ? 7.827   -8.553  -10.890 1.00 145.77 ? 7  DA A "H2''" 1 
ATOM 218  H "H1'"  . DA A 1 7  ? 7.846   -8.824  -8.727  1.00 149.07 ? 7  DA A "H1'"  1 
ATOM 219  H H8     . DA A 1 7  ? 7.340   -5.874  -7.052  1.00 142.59 ? 7  DA A H8     1 
ATOM 220  H H61    . DA A 1 7  ? 1.451   -6.432  -7.124  1.00 126.34 ? 7  DA A H61    1 
ATOM 221  H H62    . DA A 1 7  ? 2.589   -5.681  -6.525  1.00 126.34 ? 7  DA A H62    1 
ATOM 222  H H2     . DA A 1 7  ? 3.151   -9.303  -9.919  1.00 136.49 ? 7  DA A H2     1 
ATOM 223  P P      . DC A 1 8  ? 9.905   -7.110  -13.234 1.00 162.63 ? 8  DC A P      1 
ATOM 224  O OP1    . DC A 1 8  ? 9.363   -8.166  -14.120 1.00 152.18 ? 8  DC A OP1    1 
ATOM 225  O OP2    . DC A 1 8  ? 11.221  -6.491  -13.521 1.00 143.57 ? 8  DC A OP2    1 
ATOM 226  O "O5'"  . DC A 1 8  ? 8.829   -5.930  -13.105 1.00 138.55 ? 8  DC A "O5'"  1 
ATOM 227  C "C5'"  . DC A 1 8  ? 7.888   -5.700  -14.148 1.00 135.37 ? 8  DC A "C5'"  1 
ATOM 228  C "C4'"  . DC A 1 8  ? 6.573   -6.400  -13.862 1.00 121.70 ? 8  DC A "C4'"  1 
ATOM 229  O "O4'"  . DC A 1 8  ? 6.264   -6.309  -12.463 1.00 124.72 ? 8  DC A "O4'"  1 
ATOM 230  C "C3'"  . DC A 1 8  ? 5.359   -5.790  -14.522 1.00 122.78 ? 8  DC A "C3'"  1 
ATOM 231  O "O3'"  . DC A 1 8  ? 5.234   -6.213  -15.855 1.00 132.48 ? 8  DC A "O3'"  1 
ATOM 232  C "C2'"  . DC A 1 8  ? 4.211   -6.286  -13.642 1.00 118.20 ? 8  DC A "C2'"  1 
ATOM 233  C "C1'"  . DC A 1 8  ? 4.876   -6.528  -12.285 1.00 116.87 ? 8  DC A "C1'"  1 
ATOM 234  N N1     . DC A 1 8  ? 4.385   -5.631  -11.192 1.00 111.68 ? 8  DC A N1     1 
ATOM 235  C C2     . DC A 1 8  ? 3.018   -5.584  -10.883 1.00 110.05 ? 8  DC A C2     1 
ATOM 236  O O2     . DC A 1 8  ? 2.223   -6.278  -11.532 1.00 111.24 ? 8  DC A O2     1 
ATOM 237  N N3     . DC A 1 8  ? 2.600   -4.766  -9.883  1.00 104.70 ? 8  DC A N3     1 
ATOM 238  C C4     . DC A 1 8  ? 3.485   -4.030  -9.206  1.00 104.73 ? 8  DC A C4     1 
ATOM 239  N N4     . DC A 1 8  ? 3.029   -3.243  -8.226  1.00 105.17 ? 8  DC A N4     1 
ATOM 240  C C5     . DC A 1 8  ? 4.878   -4.070  -9.504  1.00 111.68 ? 8  DC A C5     1 
ATOM 241  C C6     . DC A 1 8  ? 5.280   -4.875  -10.491 1.00 116.31 ? 8  DC A C6     1 
ATOM 242  H "H5'"  . DC A 1 8  ? 8.251   -6.034  -14.984 1.00 162.43 ? 8  DC A "H5'"  1 
ATOM 243  H "H5''" . DC A 1 8  ? 7.730   -4.746  -14.230 1.00 162.43 ? 8  DC A "H5''" 1 
ATOM 244  H "H4'"  . DC A 1 8  ? 6.643   -7.333  -14.116 1.00 146.03 ? 8  DC A "H4'"  1 
ATOM 245  H "H3'"  . DC A 1 8  ? 5.412   -4.822  -14.482 1.00 147.32 ? 8  DC A "H3'"  1 
ATOM 246  H "H2'"  . DC A 1 8  ? 3.522   -5.608  -13.568 1.00 141.83 ? 8  DC A "H2'"  1 
ATOM 247  H "H2''" . DC A 1 8  ? 3.845   -7.111  -13.994 1.00 141.83 ? 8  DC A "H2''" 1 
ATOM 248  H "H1'"  . DC A 1 8  ? 4.733   -7.451  -12.023 1.00 140.23 ? 8  DC A "H1'"  1 
ATOM 249  H H41    . DC A 1 8  ? 3.576   -2.758  -7.773  1.00 126.20 ? 8  DC A H41    1 
ATOM 250  H H42    . DC A 1 8  ? 2.187   -3.221  -8.048  1.00 126.20 ? 8  DC A H42    1 
ATOM 251  H H5     . DC A 1 8  ? 5.487   -3.554  -9.028  1.00 134.01 ? 8  DC A H5     1 
ATOM 252  H H6     . DC A 1 8  ? 6.183   -4.922  -10.705 1.00 139.56 ? 8  DC A H6     1 
ATOM 253  P P      . DC A 1 9  ? 4.656   -5.193  -16.949 1.00 153.66 ? 9  DC A P      1 
ATOM 254  O OP1    . DC A 1 9  ? 5.736   -4.993  -17.944 1.00 150.89 ? 9  DC A OP1    1 
ATOM 255  O OP2    . DC A 1 9  ? 4.086   -4.025  -16.235 1.00 139.73 ? 9  DC A OP2    1 
ATOM 256  O "O5'"  . DC A 1 9  ? 3.440   -5.986  -17.629 1.00 144.22 ? 9  DC A "O5'"  1 
ATOM 257  C "C5'"  . DC A 1 9  ? 2.682   -6.938  -16.881 1.00 134.11 ? 9  DC A "C5'"  1 
ATOM 258  C "C4'"  . DC A 1 9  ? 1.278   -6.426  -16.571 1.00 135.47 ? 9  DC A "C4'"  1 
ATOM 259  O "O4'"  . DC A 1 9  ? 1.214   -5.952  -15.187 1.00 131.68 ? 9  DC A "O4'"  1 
ATOM 260  C "C3'"  . DC A 1 9  ? 0.788   -5.247  -17.436 1.00 129.61 ? 9  DC A "C3'"  1 
ATOM 261  O "O3'"  . DC A 1 9  ? -0.501  -5.548  -18.001 1.00 125.27 ? 9  DC A "O3'"  1 
ATOM 262  C "C2'"  . DC A 1 9  ? 0.750   -4.082  -16.442 1.00 127.10 ? 9  DC A "C2'"  1 
ATOM 263  C "C1'"  . DC A 1 9  ? 0.400   -4.804  -15.161 1.00 127.35 ? 9  DC A "C1'"  1 
ATOM 264  N N1     . DC A 1 9  ? 0.649   -4.007  -13.904 1.00 110.25 ? 9  DC A N1     1 
ATOM 265  C C2     . DC A 1 9  ? -0.425  -3.699  -13.051 1.00 101.90 ? 9  DC A C2     1 
ATOM 266  O O2     . DC A 1 9  ? -1.564  -4.103  -13.334 1.00 92.81  ? 9  DC A O2     1 
ATOM 267  N N3     . DC A 1 9  ? -0.183  -2.969  -11.933 1.00 91.20  ? 9  DC A N3     1 
ATOM 268  C C4     . DC A 1 9  ? 1.056   -2.550  -11.664 1.00 92.85  ? 9  DC A C4     1 
ATOM 269  N N4     . DC A 1 9  ? 1.248   -1.834  -10.553 1.00 95.79  ? 9  DC A N4     1 
ATOM 270  C C5     . DC A 1 9  ? 2.154   -2.846  -12.521 1.00 99.05  ? 9  DC A C5     1 
ATOM 271  C C6     . DC A 1 9  ? 1.907   -3.564  -13.621 1.00 100.16 ? 9  DC A C6     1 
ATOM 272  H "H5'"  . DC A 1 9  ? 3.142   -7.123  -16.047 1.00 160.92 ? 9  DC A "H5'"  1 
ATOM 273  H "H5''" . DC A 1 9  ? 2.613   -7.759  -17.392 1.00 160.92 ? 9  DC A "H5''" 1 
ATOM 274  H "H4'"  . DC A 1 9  ? 0.655   -7.162  -16.673 1.00 162.56 ? 9  DC A "H4'"  1 
ATOM 275  H "H3'"  . DC A 1 9  ? 1.428   -5.063  -18.142 1.00 155.52 ? 9  DC A "H3'"  1 
ATOM 276  H "H2'"  . DC A 1 9  ? 1.619   -3.655  -16.373 1.00 152.51 ? 9  DC A "H2'"  1 
ATOM 277  H "H2''" . DC A 1 9  ? 0.062   -3.442  -16.680 1.00 152.51 ? 9  DC A "H2''" 1 
ATOM 278  H "H1'"  . DC A 1 9  ? -0.532  -5.073  -15.190 1.00 152.81 ? 9  DC A "H1'"  1 
ATOM 279  H H41    . DC A 1 9  ? 2.036   -1.550  -10.355 1.00 114.94 ? 9  DC A H41    1 
ATOM 280  H H42    . DC A 1 9  ? 0.585   -1.656  -10.035 1.00 114.94 ? 9  DC A H42    1 
ATOM 281  H H5     . DC A 1 9  ? 3.012   -2.549  -12.324 1.00 118.84 ? 9  DC A H5     1 
ATOM 282  H H6     . DC A 1 9  ? 2.606   -3.772  -14.198 1.00 120.18 ? 9  DC A H6     1 
ATOM 283  P P      . DT A 1 10 ? -1.534  -4.377  -18.389 1.00 144.52 ? 10 DT A P      1 
ATOM 284  O OP1    . DT A 1 10 ? -2.592  -4.973  -19.238 1.00 140.02 ? 10 DT A OP1    1 
ATOM 285  O OP2    . DT A 1 10 ? -0.747  -3.227  -18.891 1.00 131.65 ? 10 DT A OP2    1 
ATOM 286  O "O5'"  . DT A 1 10 ? -2.179  -3.963  -16.982 1.00 120.09 ? 10 DT A "O5'"  1 
ATOM 287  C "C5'"  . DT A 1 10 ? -3.235  -4.744  -16.424 1.00 124.83 ? 10 DT A "C5'"  1 
ATOM 288  C "C4'"  . DT A 1 10 ? -4.529  -3.955  -16.401 1.00 121.22 ? 10 DT A "C4'"  1 
ATOM 289  O "O4'"  . DT A 1 10 ? -4.550  -3.108  -15.215 1.00 123.68 ? 10 DT A "O4'"  1 
ATOM 290  C "C3'"  . DT A 1 10 ? -4.720  -3.010  -17.580 1.00 120.06 ? 10 DT A "C3'"  1 
ATOM 291  O "O3'"  . DT A 1 10 ? -6.105  -2.858  -17.895 1.00 123.16 ? 10 DT A "O3'"  1 
ATOM 292  C "C2'"  . DT A 1 10 ? -4.098  -1.725  -17.062 1.00 115.91 ? 10 DT A "C2'"  1 
ATOM 293  C "C1'"  . DT A 1 10 ? -4.529  -1.745  -15.596 1.00 106.82 ? 10 DT A "C1'"  1 
ATOM 294  N N1     . DT A 1 10 ? -3.627  -0.984  -14.653 1.00 92.91  ? 10 DT A N1     1 
ATOM 295  C C2     . DT A 1 10 ? -4.196  -0.288  -13.608 1.00 91.15  ? 10 DT A C2     1 
ATOM 296  O O2     . DT A 1 10 ? -5.396  -0.258  -13.401 1.00 90.31  ? 10 DT A O2     1 
ATOM 297  N N3     . DT A 1 10 ? -3.308  0.375   -12.809 1.00 80.94  ? 10 DT A N3     1 
ATOM 298  C C4     . DT A 1 10 ? -1.938  0.418   -12.945 1.00 85.16  ? 10 DT A C4     1 
ATOM 299  O O4     . DT A 1 10 ? -1.224  1.049   -12.174 1.00 90.05  ? 10 DT A O4     1 
ATOM 300  C C5     . DT A 1 10 ? -1.404  -0.330  -14.057 1.00 89.44  ? 10 DT A C5     1 
ATOM 301  C C7     . DT A 1 10 ? 0.071   -0.355  -14.301 1.00 91.82  ? 10 DT A C7     1 
ATOM 302  C C6     . DT A 1 10 ? -2.261  -0.991  -14.847 1.00 86.15  ? 10 DT A C6     1 
ATOM 303  H "H5'"  . DT A 1 10 ? -2.999  -4.998  -15.519 1.00 149.78 ? 10 DT A "H5'"  1 
ATOM 304  H "H5''" . DT A 1 10 ? -3.357  -5.544  -16.958 1.00 149.78 ? 10 DT A "H5''" 1 
ATOM 305  H "H4'"  . DT A 1 10 ? -5.277  -4.572  -16.364 1.00 145.45 ? 10 DT A "H4'"  1 
ATOM 306  H "H3'"  . DT A 1 10 ? -4.231  -3.333  -18.352 1.00 144.06 ? 10 DT A "H3'"  1 
ATOM 307  H "H2'"  . DT A 1 10 ? -3.131  -1.753  -17.140 1.00 139.08 ? 10 DT A "H2'"  1 
ATOM 308  H "H2''" . DT A 1 10 ? -4.465  -0.953  -17.520 1.00 139.08 ? 10 DT A "H2''" 1 
ATOM 309  H "H1'"  . DT A 1 10 ? -5.427  -1.385  -15.527 1.00 128.17 ? 10 DT A "H1'"  1 
ATOM 310  H H3     . DT A 1 10 ? -3.642  0.820   -12.153 1.00 97.11  ? 10 DT A H3     1 
ATOM 311  H H71    . DT A 1 10 ? 0.391   -1.269  -14.252 1.00 110.18 ? 10 DT A H71    1 
ATOM 312  H H72    . DT A 1 10 ? 0.259   0.006   -15.181 1.00 110.18 ? 10 DT A H72    1 
ATOM 313  H H73    . DT A 1 10 ? 0.519   0.182   -13.629 1.00 110.18 ? 10 DT A H73    1 
ATOM 314  H H6     . DT A 1 10 ? -1.919  -1.471  -15.567 1.00 103.37 ? 10 DT A H6     1 
ATOM 315  P P      . DG A 1 11 ? -6.559  -1.933  -19.129 1.00 133.35 ? 11 DG A P      1 
ATOM 316  O OP1    . DG A 1 11 ? -7.574  -2.694  -19.895 1.00 117.24 ? 11 DG A OP1    1 
ATOM 317  O OP2    . DG A 1 11 ? -5.335  -1.419  -19.795 1.00 106.53 ? 11 DG A OP2    1 
ATOM 318  O "O5'"  . DG A 1 11 ? -7.293  -0.692  -18.435 1.00 114.13 ? 11 DG A "O5'"  1 
ATOM 319  C "C5'"  . DG A 1 11 ? -8.487  -0.893  -17.682 1.00 107.33 ? 11 DG A "C5'"  1 
ATOM 320  C "C4'"  . DG A 1 11 ? -8.895  0.385   -16.976 1.00 114.05 ? 11 DG A "C4'"  1 
ATOM 321  O "O4'"  . DG A 1 11 ? -7.816  0.807   -16.087 1.00 108.52 ? 11 DG A "O4'"  1 
ATOM 322  C "C3'"  . DG A 1 11 ? -9.146  1.584   -17.891 1.00 108.16 ? 11 DG A "C3'"  1 
ATOM 323  O "O3'"  . DG A 1 11 ? -10.140 2.435   -17.327 1.00 118.46 ? 11 DG A "O3'"  1 
ATOM 324  C "C2'"  . DG A 1 11 ? -7.781  2.240   -17.933 1.00 89.08  ? 11 DG A "C2'"  1 
ATOM 325  C "C1'"  . DG A 1 11 ? -7.350  2.084   -16.489 1.00 94.32  ? 11 DG A "C1'"  1 
ATOM 326  N N9     . DG A 1 11 ? -5.910  2.166   -16.288 1.00 96.06  ? 11 DG A N9     1 
ATOM 327  C C8     . DG A 1 11 ? -4.927  1.584   -17.052 1.00 94.62  ? 11 DG A C8     1 
ATOM 328  N N7     . DG A 1 11 ? -3.719  1.843   -16.629 1.00 94.71  ? 11 DG A N7     1 
ATOM 329  C C5     . DG A 1 11 ? -3.918  2.653   -15.518 1.00 90.69  ? 11 DG A C5     1 
ATOM 330  C C6     . DG A 1 11 ? -2.981  3.245   -14.643 1.00 89.54  ? 11 DG A C6     1 
ATOM 331  O O6     . DG A 1 11 ? -1.747  3.176   -14.684 1.00 98.84  ? 11 DG A O6     1 
ATOM 332  N N1     . DG A 1 11 ? -3.603  3.990   -13.645 1.00 85.88  ? 11 DG A N1     1 
ATOM 333  C C2     . DG A 1 11 ? -4.961  4.141   -13.509 1.00 84.64  ? 11 DG A C2     1 
ATOM 334  N N2     . DG A 1 11 ? -5.370  4.898   -12.484 1.00 92.12  ? 11 DG A N2     1 
ATOM 335  N N3     . DG A 1 11 ? -5.853  3.592   -14.319 1.00 92.16  ? 11 DG A N3     1 
ATOM 336  C C4     . DG A 1 11 ? -5.261  2.863   -15.298 1.00 96.45  ? 11 DG A C4     1 
ATOM 337  H "H5'"  . DG A 1 11 ? -8.336  -1.588  -17.021 1.00 128.78 ? 11 DG A "H5'"  1 
ATOM 338  H "H5''" . DG A 1 11 ? -9.200  -1.171  -18.278 1.00 128.78 ? 11 DG A "H5''" 1 
ATOM 339  H "H4'"  . DG A 1 11 ? -9.691  0.218   -16.449 1.00 136.85 ? 11 DG A "H4'"  1 
ATOM 340  H "H3'"  . DG A 1 11 ? -9.409  1.288   -18.777 1.00 129.79 ? 11 DG A "H3'"  1 
ATOM 341  H "H2'"  . DG A 1 11 ? -7.182  1.763   -18.528 1.00 106.89 ? 11 DG A "H2'"  1 
ATOM 342  H "H2''" . DG A 1 11 ? -7.851  3.176   -18.177 1.00 106.89 ? 11 DG A "H2''" 1 
ATOM 343  H "H1'"  . DG A 1 11 ? -7.785  2.765   -15.952 1.00 113.17 ? 11 DG A "H1'"  1 
ATOM 344  H H8     . DG A 1 11 ? -5.103  1.051   -17.794 1.00 113.53 ? 11 DG A H8     1 
ATOM 345  H H1     . DG A 1 11 ? -3.099  4.387   -13.073 1.00 103.04 ? 11 DG A H1     1 
ATOM 346  H H21    . DG A 1 11 ? -6.211  5.026   -12.353 1.00 110.53 ? 11 DG A H21    1 
ATOM 347  H H22    . DG A 1 11 ? -4.794  5.257   -11.957 1.00 110.53 ? 11 DG A H22    1 
ATOM 348  P P      . DA A 1 12 ? -10.668 3.736   -18.108 1.00 131.36 ? 12 DA A P      1 
ATOM 349  O OP1    . DA A 1 12 ? -11.717 3.288   -19.049 1.00 121.95 ? 12 DA A OP1    1 
ATOM 350  O OP2    . DA A 1 12 ? -9.510  4.509   -18.609 1.00 110.13 ? 12 DA A OP2    1 
ATOM 351  O "O5'"  . DA A 1 12 ? -11.368 4.597   -16.955 1.00 118.35 ? 12 DA A "O5'"  1 
ATOM 352  C "C5'"  . DA A 1 12 ? -11.602 5.982   -17.145 1.00 116.24 ? 12 DA A "C5'"  1 
ATOM 353  C "C4'"  . DA A 1 12 ? -10.640 6.816   -16.317 1.00 107.68 ? 12 DA A "C4'"  1 
ATOM 354  O "O4'"  . DA A 1 12 ? -9.443  6.061   -16.019 1.00 97.74  ? 12 DA A "O4'"  1 
ATOM 355  C "C3'"  . DA A 1 12 ? -10.115 8.064   -17.004 1.00 104.22 ? 12 DA A "C3'"  1 
ATOM 356  O "O3'"  . DA A 1 12 ? -11.017 9.146   -16.867 1.00 102.73 ? 12 DA A "O3'"  1 
ATOM 357  C "C2'"  . DA A 1 12 ? -8.788  8.320   -16.292 1.00 95.91  ? 12 DA A "C2'"  1 
ATOM 358  C "C1'"  . DA A 1 12 ? -8.432  6.979   -15.643 1.00 98.49  ? 12 DA A "C1'"  1 
ATOM 359  N N9     . DA A 1 12 ? -7.124  6.468   -16.054 1.00 93.85  ? 12 DA A N9     1 
ATOM 360  C C8     . DA A 1 12 ? -6.858  5.583   -17.062 1.00 98.18  ? 12 DA A C8     1 
ATOM 361  N N7     . DA A 1 12 ? -5.580  5.316   -17.209 1.00 99.37  ? 12 DA A N7     1 
ATOM 362  C C5     . DA A 1 12 ? -4.962  6.080   -16.231 1.00 97.25  ? 12 DA A C5     1 
ATOM 363  C C6     . DA A 1 12 ? -3.607  6.241   -15.860 1.00 96.10  ? 12 DA A C6     1 
ATOM 364  N N6     . DA A 1 12 ? -2.598  5.604   -16.465 1.00 94.01  ? 12 DA A N6     1 
ATOM 365  N N1     . DA A 1 12 ? -3.332  7.079   -14.836 1.00 91.30  ? 12 DA A N1     1 
ATOM 366  C C2     . DA A 1 12 ? -4.347  7.711   -14.231 1.00 95.06  ? 12 DA A C2     1 
ATOM 367  N N3     . DA A 1 12 ? -5.656  7.640   -14.489 1.00 91.79  ? 12 DA A N3     1 
ATOM 368  C C4     . DA A 1 12 ? -5.897  6.798   -15.509 1.00 92.71  ? 12 DA A C4     1 
ATOM 369  H "H5'"  . DA A 1 12 ? -12.512 6.189   -16.881 1.00 139.47 ? 12 DA A "H5'"  1 
ATOM 370  H "H5''" . DA A 1 12 ? -11.486 6.198   -18.084 1.00 139.47 ? 12 DA A "H5''" 1 
ATOM 371  H "H4'"  . DA A 1 12 ? -11.071 7.069   -15.487 1.00 129.20 ? 12 DA A "H4'"  1 
ATOM 372  H "H3'"  . DA A 1 12 ? -9.956  7.881   -17.944 1.00 125.05 ? 12 DA A "H3'"  1 
ATOM 373  H "HO3'" . DA A 1 12 ? -11.347 9.508   -17.548 1.00 123.26 ? 12 DA A "HO3'" 1 
ATOM 374  H "H2'"  . DA A 1 12 ? -8.105  8.579   -16.930 1.00 115.08 ? 12 DA A "H2'"  1 
ATOM 375  H "H2''" . DA A 1 12 ? -8.895  9.005   -15.612 1.00 115.08 ? 12 DA A "H2''" 1 
ATOM 376  H "H1'"  . DA A 1 12 ? -8.441  7.081   -14.679 1.00 118.17 ? 12 DA A "H1'"  1 
ATOM 377  H H8     . DA A 1 12 ? -7.520  5.206   -17.596 1.00 117.81 ? 12 DA A H8     1 
ATOM 378  H H61    . DA A 1 12 ? -1.789  5.730   -16.201 1.00 112.80 ? 12 DA A H61    1 
ATOM 379  H H62    . DA A 1 12 ? -2.757  5.068   -17.119 1.00 112.80 ? 12 DA A H62    1 
ATOM 380  H H2     . DA A 1 12 ? -4.106  8.278   -13.533 1.00 114.06 ? 12 DA A H2     1 
ATOM 381  P P      . DC B 2 1  ? -9.423  24.152  -1.895  1.00 126.26 ? 12 DC B P      1 
ATOM 382  O OP1    . DC B 2 1  ? -8.042  24.283  -1.382  1.00 126.28 ? 12 DC B OP1    1 
ATOM 383  O OP2    . DC B 2 1  ? -9.667  24.173  -3.356  1.00 124.75 ? 12 DC B OP2    1 
ATOM 384  O "O5'"  . DC B 2 1  ? -10.069 22.819  -1.289  1.00 85.67  ? 12 DC B "O5'"  1 
ATOM 385  C "C5'"  . DC B 2 1  ? -9.345  22.051  -0.348  1.00 93.99  ? 12 DC B "C5'"  1 
ATOM 386  C "C4'"  . DC B 2 1  ? -10.268 21.446  0.692   1.00 104.79 ? 12 DC B "C4'"  1 
ATOM 387  O "O4'"  . DC B 2 1  ? -10.932 20.283  0.145   1.00 100.23 ? 12 DC B "O4'"  1 
ATOM 388  C "C3'"  . DC B 2 1  ? -9.554  20.963  1.950   1.00 116.45 ? 12 DC B "C3'"  1 
ATOM 389  O "O3'"  . DC B 2 1  ? -9.798  21.835  3.036   1.00 124.22 ? 12 DC B "O3'"  1 
ATOM 390  C "C2'"  . DC B 2 1  ? -10.106 19.559  2.211   1.00 104.17 ? 12 DC B "C2'"  1 
ATOM 391  C "C1'"  . DC B 2 1  ? -11.221 19.394  1.195   1.00 94.07  ? 12 DC B "C1'"  1 
ATOM 392  N N1     . DC B 2 1  ? -11.319 18.009  0.646   1.00 84.74  ? 12 DC B N1     1 
ATOM 393  C C2     . DC B 2 1  ? -12.012 17.026  1.356   1.00 93.14  ? 12 DC B C2     1 
ATOM 394  O O2     . DC B 2 1  ? -12.545 17.320  2.433   1.00 95.57  ? 12 DC B O2     1 
ATOM 395  N N3     . DC B 2 1  ? -12.082 15.772  0.838   1.00 96.54  ? 12 DC B N3     1 
ATOM 396  C C4     . DC B 2 1  ? -11.491 15.497  -0.326  1.00 93.99  ? 12 DC B C4     1 
ATOM 397  N N4     . DC B 2 1  ? -11.584 14.252  -0.805  1.00 101.07 ? 12 DC B N4     1 
ATOM 398  C C5     . DC B 2 1  ? -10.777 16.487  -1.057  1.00 77.03  ? 12 DC B C5     1 
ATOM 399  C C6     . DC B 2 1  ? -10.719 17.715  -0.535  1.00 84.96  ? 12 DC B C6     1 
ATOM 400  H "H5'"  . DC B 2 1  ? -8.695  22.619  0.095   1.00 112.78 ? 12 DC B "H5'"  1 
ATOM 401  H "H5''" . DC B 2 1  ? -8.880  21.336  -0.812  1.00 112.78 ? 12 DC B "H5''" 1 
ATOM 402  H "H4'"  . DC B 2 1  ? -10.937 22.104  0.941   1.00 125.74 ? 12 DC B "H4'"  1 
ATOM 403  H "H3'"  . DC B 2 1  ? -8.599  20.910  1.782   1.00 139.73 ? 12 DC B "H3'"  1 
ATOM 404  H "H2'"  . DC B 2 1  ? -9.417  18.892  2.069   1.00 125.00 ? 12 DC B "H2'"  1 
ATOM 405  H "H2''" . DC B 2 1  ? -10.459 19.497  3.113   1.00 125.00 ? 12 DC B "H2''" 1 
ATOM 406  H "H1'"  . DC B 2 1  ? -12.066 19.639  1.602   1.00 112.88 ? 12 DC B "H1'"  1 
ATOM 407  H H41    . DC B 2 1  ? -11.211 14.050  -1.554  1.00 121.28 ? 12 DC B H41    1 
ATOM 408  H H42    . DC B 2 1  ? -12.017 13.653  -0.366  1.00 121.28 ? 12 DC B H42    1 
ATOM 409  H H5     . DC B 2 1  ? -10.370 16.287  -1.868  1.00 92.43  ? 12 DC B H5     1 
ATOM 410  H H6     . DC B 2 1  ? -10.260 18.383  -0.991  1.00 101.95 ? 12 DC B H6     1 
ATOM 411  P P      . DG B 2 2  ? -8.843  21.773  4.325   1.00 130.24 ? 13 DG B P      1 
ATOM 412  O OP1    . DG B 2 2  ? -9.023  23.033  5.080   1.00 136.76 ? 13 DG B OP1    1 
ATOM 413  O OP2    . DG B 2 2  ? -7.500  21.363  3.854   1.00 128.62 ? 13 DG B OP2    1 
ATOM 414  O "O5'"  . DG B 2 2  ? -9.452  20.583  5.200   1.00 100.76 ? 13 DG B "O5'"  1 
ATOM 415  C "C5'"  . DG B 2 2  ? -10.403 20.873  6.213   1.00 115.14 ? 13 DG B "C5'"  1 
ATOM 416  C "C4'"  . DG B 2 2  ? -10.792 19.613  6.972   1.00 127.60 ? 13 DG B "C4'"  1 
ATOM 417  O "O4'"  . DG B 2 2  ? -11.116 18.557  6.014   1.00 117.10 ? 13 DG B "O4'"  1 
ATOM 418  C "C3'"  . DG B 2 2  ? -9.695  19.039  7.877   1.00 126.35 ? 13 DG B "C3'"  1 
ATOM 419  O "O3'"  . DG B 2 2  ? -10.247 18.536  9.106   1.00 131.43 ? 13 DG B "O3'"  1 
ATOM 420  C "C2'"  . DG B 2 2  ? -9.099  17.940  7.018   1.00 115.35 ? 13 DG B "C2'"  1 
ATOM 421  C "C1'"  . DG B 2 2  ? -10.324 17.418  6.282   1.00 108.93 ? 13 DG B "C1'"  1 
ATOM 422  N N9     . DG B 2 2  ? -9.999  16.736  5.036   1.00 98.60  ? 13 DG B N9     1 
ATOM 423  C C8     . DG B 2 2  ? -9.263  17.242  3.998   1.00 99.86  ? 13 DG B C8     1 
ATOM 424  N N7     . DG B 2 2  ? -9.113  16.407  3.007   1.00 91.12  ? 13 DG B N7     1 
ATOM 425  C C5     . DG B 2 2  ? -9.774  15.261  3.425   1.00 86.60  ? 13 DG B C5     1 
ATOM 426  C C6     . DG B 2 2  ? -9.943  14.020  2.770   1.00 83.12  ? 13 DG B C6     1 
ATOM 427  O O6     . DG B 2 2  ? -9.525  13.680  1.652   1.00 82.41  ? 13 DG B O6     1 
ATOM 428  N N1     . DG B 2 2  ? -10.683 13.126  3.545   1.00 79.45  ? 13 DG B N1     1 
ATOM 429  C C2     . DG B 2 2  ? -11.196 13.408  4.794   1.00 83.60  ? 13 DG B C2     1 
ATOM 430  N N2     . DG B 2 2  ? -11.886 12.431  5.400   1.00 77.33  ? 13 DG B N2     1 
ATOM 431  N N3     . DG B 2 2  ? -11.039 14.568  5.417   1.00 87.42  ? 13 DG B N3     1 
ATOM 432  C C4     . DG B 2 2  ? -10.321 15.443  4.677   1.00 87.42  ? 13 DG B C4     1 
ATOM 433  H "H5'"  . DG B 2 2  ? -11.195 21.258  5.807   1.00 138.15 ? 13 DG B "H5'"  1 
ATOM 434  H "H5''" . DG B 2 2  ? -10.021 21.513  6.835   1.00 138.15 ? 13 DG B "H5''" 1 
ATOM 435  H "H4'"  . DG B 2 2  ? -11.577 19.802  7.510   1.00 153.11 ? 13 DG B "H4'"  1 
ATOM 436  H "H3'"  . DG B 2 2  ? -9.027  19.717  8.062   1.00 151.61 ? 13 DG B "H3'"  1 
ATOM 437  H "H2'"  . DG B 2 2  ? -8.451  18.303  6.394   1.00 138.41 ? 13 DG B "H2'"  1 
ATOM 438  H "H2''" . DG B 2 2  ? -8.704  17.246  7.569   1.00 138.41 ? 13 DG B "H2''" 1 
ATOM 439  H "H1'"  . DG B 2 2  ? -10.815 16.814  6.862   1.00 130.70 ? 13 DG B "H1'"  1 
ATOM 440  H H8     . DG B 2 2  ? -8.920  18.106  3.991   1.00 119.82 ? 13 DG B H8     1 
ATOM 441  H H1     . DG B 2 2  ? -10.835 12.345  3.218   1.00 95.32  ? 13 DG B H1     1 
ATOM 442  H H21    . DG B 2 2  ? -12.221 12.561  6.182   1.00 92.78  ? 13 DG B H21    1 
ATOM 443  H H22    . DG B 2 2  ? -11.994 11.673  5.007   1.00 92.78  ? 13 DG B H22    1 
ATOM 444  P P      . DT B 2 3  ? -9.299  17.845  10.213  1.00 133.43 ? 14 DT B P      1 
ATOM 445  O OP1    . DT B 2 3  ? -10.057 17.783  11.483  1.00 132.59 ? 14 DT B OP1    1 
ATOM 446  O OP2    . DT B 2 3  ? -7.981  18.518  10.150  1.00 111.41 ? 14 DT B OP2    1 
ATOM 447  O "O5'"  . DT B 2 3  ? -9.098  16.347  9.687   1.00 106.27 ? 14 DT B "O5'"  1 
ATOM 448  C "C5'"  . DT B 2 3  ? -10.161 15.684  9.020   1.00 109.07 ? 14 DT B "C5'"  1 
ATOM 449  C "C4'"  . DT B 2 3  ? -10.569 14.416  9.733   1.00 112.78 ? 14 DT B "C4'"  1 
ATOM 450  O "O4'"  . DT B 2 3  ? -10.657 13.349  8.759   1.00 114.38 ? 14 DT B "O4'"  1 
ATOM 451  C "C3'"  . DT B 2 3  ? -9.592  13.909  10.772  1.00 112.89 ? 14 DT B "C3'"  1 
ATOM 452  O "O3'"  . DT B 2 3  ? -10.257 13.096  11.727  1.00 117.79 ? 14 DT B "O3'"  1 
ATOM 453  C "C2'"  . DT B 2 3  ? -8.601  13.130  9.920   1.00 113.78 ? 14 DT B "C2'"  1 
ATOM 454  C "C1'"  . DT B 2 3  ? -9.490  12.548  8.816   1.00 100.83 ? 14 DT B "C1'"  1 
ATOM 455  N N1     . DT B 2 3  ? -8.844  12.520  7.451   1.00 86.74  ? 14 DT B N1     1 
ATOM 456  C C2     . DT B 2 3  ? -8.906  11.363  6.712   1.00 91.19  ? 14 DT B C2     1 
ATOM 457  O O2     . DT B 2 3  ? -9.468  10.354  7.101   1.00 95.40  ? 14 DT B O2     1 
ATOM 458  N N3     . DT B 2 3  ? -8.285  11.426  5.492   1.00 82.61  ? 14 DT B N3     1 
ATOM 459  C C4     . DT B 2 3  ? -7.622  12.506  4.950   1.00 80.89  ? 14 DT B C4     1 
ATOM 460  O O4     . DT B 2 3  ? -7.095  12.465  3.845   1.00 77.52  ? 14 DT B O4     1 
ATOM 461  C C5     . DT B 2 3  ? -7.591  13.685  5.775   1.00 82.66  ? 14 DT B C5     1 
ATOM 462  C C7     . DT B 2 3  ? -6.898  14.914  5.287   1.00 83.39  ? 14 DT B C7     1 
ATOM 463  C C6     . DT B 2 3  ? -8.195  13.641  6.971   1.00 79.76  ? 14 DT B C6     1 
ATOM 464  H "H5'"  . DT B 2 3  ? -9.878  15.462  8.118   1.00 130.87 ? 14 DT B "H5'"  1 
ATOM 465  H "H5''" . DT B 2 3  ? -10.925 16.279  8.973   1.00 130.87 ? 14 DT B "H5''" 1 
ATOM 466  H "H4'"  . DT B 2 3  ? -11.437 14.546  10.145  1.00 135.33 ? 14 DT B "H4'"  1 
ATOM 467  H "H3'"  . DT B 2 3  ? -9.149  14.653  11.209  1.00 135.46 ? 14 DT B "H3'"  1 
ATOM 468  H "H2'"  . DT B 2 3  ? -7.930  13.722  9.545   1.00 136.53 ? 14 DT B "H2'"  1 
ATOM 469  H "H2''" . DT B 2 3  ? -8.187  12.421  10.437  1.00 136.53 ? 14 DT B "H2''" 1 
ATOM 470  H "H1'"  . DT B 2 3  ? -9.742  11.643  9.060   1.00 120.98 ? 14 DT B "H1'"  1 
ATOM 471  H H3     . DT B 2 3  ? -8.313  10.714  5.012   1.00 99.12  ? 14 DT B H3     1 
ATOM 472  H H71    . DT B 2 3  ? -7.535  15.643  5.228   1.00 100.06 ? 14 DT B H71    1 
ATOM 473  H H72    . DT B 2 3  ? -6.189  15.152  5.905   1.00 100.06 ? 14 DT B H72    1 
ATOM 474  H H73    . DT B 2 3  ? -6.518  14.745  4.410   1.00 100.06 ? 14 DT B H73    1 
ATOM 475  H H6     . DT B 2 3  ? -8.172  14.402  7.506   1.00 95.70  ? 14 DT B H6     1 
ATOM 476  P P      . DC B 2 4  ? -9.417  12.303  12.840  1.00 130.08 ? 15 DC B P      1 
ATOM 477  O OP1    . DC B 2 4  ? -10.283 12.161  14.034  1.00 121.76 ? 15 DC B OP1    1 
ATOM 478  O OP2    . DC B 2 4  ? -8.087  12.951  12.945  1.00 117.48 ? 15 DC B OP2    1 
ATOM 479  O "O5'"  . DC B 2 4  ? -9.210  10.856  12.192  1.00 117.92 ? 15 DC B "O5'"  1 
ATOM 480  C "C5'"  . DC B 2 4  ? -10.341 10.093  11.797  1.00 111.95 ? 15 DC B "C5'"  1 
ATOM 481  C "C4'"  . DC B 2 4  ? -9.935  8.675   11.453  1.00 111.10 ? 15 DC B "C4'"  1 
ATOM 482  O "O4'"  . DC B 2 4  ? -9.388  8.636   10.104  1.00 107.25 ? 15 DC B "O4'"  1 
ATOM 483  C "C3'"  . DC B 2 4  ? -8.852  8.088   12.355  1.00 108.67 ? 15 DC B "C3'"  1 
ATOM 484  O "O3'"  . DC B 2 4  ? -9.132  6.727   12.629  1.00 125.44 ? 15 DC B "O3'"  1 
ATOM 485  C "C2'"  . DC B 2 4  ? -7.585  8.271   11.531  1.00 102.78 ? 15 DC B "C2'"  1 
ATOM 486  C "C1'"  . DC B 2 4  ? -8.107  8.035   10.129  1.00 101.38 ? 15 DC B "C1'"  1 
ATOM 487  N N1     . DC B 2 4  ? -7.278  8.630   9.038   1.00 89.94  ? 15 DC B N1     1 
ATOM 488  C C2     . DC B 2 4  ? -6.983  7.865   7.903   1.00 86.90  ? 15 DC B C2     1 
ATOM 489  O O2     . DC B 2 4  ? -7.403  6.701   7.830   1.00 94.68  ? 15 DC B O2     1 
ATOM 490  N N3     . DC B 2 4  ? -6.239  8.421   6.913   1.00 78.79  ? 15 DC B N3     1 
ATOM 491  C C4     . DC B 2 4  ? -5.811  9.677   7.028   1.00 83.91  ? 15 DC B C4     1 
ATOM 492  N N4     . DC B 2 4  ? -5.087  10.183  6.028   1.00 86.50  ? 15 DC B N4     1 
ATOM 493  C C5     . DC B 2 4  ? -6.103  10.471  8.174   1.00 83.48  ? 15 DC B C5     1 
ATOM 494  C C6     . DC B 2 4  ? -6.836  9.915   9.142   1.00 88.44  ? 15 DC B C6     1 
ATOM 495  H "H5'"  . DC B 2 4  ? -10.749 10.506  11.020  1.00 134.33 ? 15 DC B "H5'"  1 
ATOM 496  H "H5''" . DC B 2 4  ? -10.983 10.074  12.523  1.00 134.33 ? 15 DC B "H5''" 1 
ATOM 497  H "H4'"  . DC B 2 4  ? -10.719 8.106   11.492  1.00 133.31 ? 15 DC B "H4'"  1 
ATOM 498  H "H3'"  . DC B 2 4  ? -8.792  8.593   13.181  1.00 130.39 ? 15 DC B "H3'"  1 
ATOM 499  H "H2'"  . DC B 2 4  ? -7.237  9.172   11.625  1.00 123.32 ? 15 DC B "H2'"  1 
ATOM 500  H "H2''" . DC B 2 4  ? -6.916  7.610   11.769  1.00 123.32 ? 15 DC B "H2''" 1 
ATOM 501  H "H1'"  . DC B 2 4  ? -8.198  7.081   9.979   1.00 121.64 ? 15 DC B "H1'"  1 
ATOM 502  H H41    . DC B 2 4  ? -4.795  10.990  6.072   1.00 103.78 ? 15 DC B H41    1 
ATOM 503  H H42    . DC B 2 4  ? -4.911  9.700   5.337   1.00 103.78 ? 15 DC B H42    1 
ATOM 504  H H5     . DC B 2 4  ? -5.800  11.347  8.243   1.00 100.17 ? 15 DC B H5     1 
ATOM 505  H H6     . DC B 2 4  ? -7.043  10.410  9.902   1.00 106.12 ? 15 DC B H6     1 
ATOM 506  P P      . DA B 2 5  ? -8.090  5.832   13.458  1.00 131.72 ? 16 DA B P      1 
ATOM 507  O OP1    . DA B 2 5  ? -8.883  5.030   14.417  1.00 124.05 ? 16 DA B OP1    1 
ATOM 508  O OP2    . DA B 2 5  ? -6.989  6.712   13.925  1.00 103.96 ? 16 DA B OP2    1 
ATOM 509  O "O5'"  . DA B 2 5  ? -7.493  4.837   12.363  1.00 108.45 ? 16 DA B "O5'"  1 
ATOM 510  C "C5'"  . DA B 2 5  ? -8.221  3.675   11.972  1.00 100.19 ? 16 DA B "C5'"  1 
ATOM 511  C "C4'"  . DA B 2 5  ? -7.353  2.782   11.110  1.00 104.18 ? 16 DA B "C4'"  1 
ATOM 512  O "O4'"  . DA B 2 5  ? -6.665  3.605   10.119  1.00 97.69  ? 16 DA B "O4'"  1 
ATOM 513  C "C3'"  . DA B 2 5  ? -6.230  2.071   11.853  1.00 105.57 ? 16 DA B "C3'"  1 
ATOM 514  O "O3'"  . DA B 2 5  ? -5.799  0.905   11.131  1.00 102.80 ? 16 DA B "O3'"  1 
ATOM 515  C "C2'"  . DA B 2 5  ? -5.180  3.160   11.867  1.00 96.93  ? 16 DA B "C2'"  1 
ATOM 516  C "C1'"  . DA B 2 5  ? -5.278  3.629   10.425  1.00 93.54  ? 16 DA B "C1'"  1 
ATOM 517  N N9     . DA B 2 5  ? -4.747  4.962   10.183  1.00 90.79  ? 16 DA B N9     1 
ATOM 518  C C8     . DA B 2 5  ? -4.760  6.032   11.034  1.00 91.76  ? 16 DA B C8     1 
ATOM 519  N N7     . DA B 2 5  ? -4.192  7.108   10.537  1.00 80.68  ? 16 DA B N7     1 
ATOM 520  C C5     . DA B 2 5  ? -3.782  6.712   9.273   1.00 87.33  ? 16 DA B C5     1 
ATOM 521  C C6     . DA B 2 5  ? -3.118  7.391   8.230   1.00 86.51  ? 16 DA B C6     1 
ATOM 522  N N6     . DA B 2 5  ? -2.740  8.670   8.311   1.00 85.32  ? 16 DA B N6     1 
ATOM 523  N N1     . DA B 2 5  ? -2.861  6.702   7.096   1.00 79.48  ? 16 DA B N1     1 
ATOM 524  C C2     . DA B 2 5  ? -3.240  5.421   7.021   1.00 87.94  ? 16 DA B C2     1 
ATOM 525  N N3     . DA B 2 5  ? -3.869  4.679   7.932   1.00 90.10  ? 16 DA B N3     1 
ATOM 526  C C4     . DA B 2 5  ? -4.117  5.393   9.042   1.00 89.14  ? 16 DA B C4     1 
ATOM 527  H "H5'"  . DA B 2 5  ? -9.006  3.943   11.468  1.00 120.21 ? 16 DA B "H5'"  1 
ATOM 528  H "H5''" . DA B 2 5  ? -8.498  3.188   12.763  1.00 120.21 ? 16 DA B "H5''" 1 
ATOM 529  H "H4'"  . DA B 2 5  ? -7.908  2.128   10.658  1.00 125.00 ? 16 DA B "H4'"  1 
ATOM 530  H "H3'"  . DA B 2 5  ? -6.503  1.843   12.754  1.00 126.67 ? 16 DA B "H3'"  1 
ATOM 531  H "H2'"  . DA B 2 5  ? -5.419  3.869   12.485  1.00 116.30 ? 16 DA B "H2'"  1 
ATOM 532  H "H2''" . DA B 2 5  ? -4.301  2.798   12.061  1.00 116.30 ? 16 DA B "H2''" 1 
ATOM 533  H "H1'"  . DA B 2 5  ? -4.816  2.995   9.854   1.00 112.23 ? 16 DA B "H1'"  1 
ATOM 534  H H8     . DA B 2 5  ? -5.133  6.001   11.886  1.00 110.11 ? 16 DA B H8     1 
ATOM 535  H H61    . DA B 2 5  ? -2.340  9.043   7.647   1.00 102.38 ? 16 DA B H61    1 
ATOM 536  H H62    . DA B 2 5  ? -2.897  9.121   9.026   1.00 102.38 ? 16 DA B H62    1 
ATOM 537  H H2     . DA B 2 5  ? -3.040  4.991   6.221   1.00 105.52 ? 16 DA B H2     1 
ATOM 538  P P      . DC B 2 6  ? -5.253  -0.398  11.898  1.00 111.19 ? 17 DC B P      1 
ATOM 539  O OP1    . DC B 2 6  ? -5.804  -1.579  11.192  1.00 112.13 ? 17 DC B OP1    1 
ATOM 540  O OP2    . DC B 2 6  ? -5.512  -0.224  13.346  1.00 112.50 ? 17 DC B OP2    1 
ATOM 541  O "O5'"  . DC B 2 6  ? -3.666  -0.366  11.675  1.00 98.09  ? 17 DC B "O5'"  1 
ATOM 542  C "C5'"  . DC B 2 6  ? -3.061  0.634   10.866  1.00 89.37  ? 17 DC B "C5'"  1 
ATOM 543  C "C4'"  . DC B 2 6  ? -2.890  0.168   9.439   1.00 95.73  ? 17 DC B "C4'"  1 
ATOM 544  O "O4'"  . DC B 2 6  ? -2.853  1.324   8.565   1.00 103.42 ? 17 DC B "O4'"  1 
ATOM 545  C "C3'"  . DC B 2 6  ? -1.596  -0.570  9.157   1.00 99.02  ? 17 DC B "C3'"  1 
ATOM 546  O "O3'"  . DC B 2 6  ? -1.748  -1.447  8.052   1.00 117.35 ? 17 DC B "O3'"  1 
ATOM 547  C "C2'"  . DC B 2 6  ? -0.625  0.567   8.871   1.00 89.57  ? 17 DC B "C2'"  1 
ATOM 548  C "C1'"  . DC B 2 6  ? -1.509  1.628   8.223   1.00 89.14  ? 17 DC B "C1'"  1 
ATOM 549  N N1     . DC B 2 6  ? -1.190  3.015   8.682   1.00 83.86  ? 17 DC B N1     1 
ATOM 550  C C2     . DC B 2 6  ? -0.444  3.867   7.853   1.00 87.82  ? 17 DC B C2     1 
ATOM 551  O O2     . DC B 2 6  ? -0.077  3.464   6.743   1.00 86.25  ? 17 DC B O2     1 
ATOM 552  N N3     . DC B 2 6  ? -0.156  5.119   8.289   1.00 81.91  ? 17 DC B N3     1 
ATOM 553  C C4     . DC B 2 6  ? -0.569  5.520   9.493   1.00 86.44  ? 17 DC B C4     1 
ATOM 554  N N4     . DC B 2 6  ? -0.254  6.761   9.881   1.00 81.33  ? 17 DC B N4     1 
ATOM 555  C C5     . DC B 2 6  ? -1.317  4.663   10.357  1.00 81.73  ? 17 DC B C5     1 
ATOM 556  C C6     . DC B 2 6  ? -1.600  3.432   9.915   1.00 80.00  ? 17 DC B C6     1 
ATOM 557  H "H5'"  . DC B 2 6  ? -2.190  0.854   11.232  1.00 107.23 ? 17 DC B "H5'"  1 
ATOM 558  H "H5''" . DC B 2 6  ? -3.618  1.428   10.874  1.00 107.23 ? 17 DC B "H5''" 1 
ATOM 559  H "H4'"  . DC B 2 6  ? -3.641  -0.396  9.193   1.00 114.87 ? 17 DC B "H4'"  1 
ATOM 560  H "H3'"  . DC B 2 6  ? -1.313  -1.063  9.944   1.00 118.82 ? 17 DC B "H3'"  1 
ATOM 561  H "H2'"  . DC B 2 6  ? -0.238  0.901   9.695   1.00 107.47 ? 17 DC B "H2'"  1 
ATOM 562  H "H2''" . DC B 2 6  ? 0.068   0.277   8.257   1.00 107.47 ? 17 DC B "H2''" 1 
ATOM 563  H "H1'"  . DC B 2 6  ? -1.408  1.581   7.259   1.00 106.96 ? 17 DC B "H1'"  1 
ATOM 564  H H41    . DC B 2 6  ? -0.506  7.047   10.652  1.00 97.59  ? 17 DC B H41    1 
ATOM 565  H H42    . DC B 2 6  ? 0.199   7.272   9.360   1.00 97.59  ? 17 DC B H42    1 
ATOM 566  H H5     . DC B 2 6  ? -1.602  4.952   11.194  1.00 98.07  ? 17 DC B H5     1 
ATOM 567  H H6     . DC B 2 6  ? -2.088  2.853   10.455  1.00 95.99  ? 17 DC B H6     1 
ATOM 568  P P      . DT B 2 7  ? -0.482  -2.246  7.470   1.00 122.59 ? 18 DT B P      1 
ATOM 569  O OP1    . DT B 2 7  ? -0.989  -3.366  6.648   1.00 136.93 ? 18 DT B OP1    1 
ATOM 570  O OP2    . DT B 2 7  ? 0.459   -2.509  8.581   1.00 108.35 ? 18 DT B OP2    1 
ATOM 571  O "O5'"  . DT B 2 7  ? 0.211   -1.197  6.494   1.00 104.25 ? 18 DT B "O5'"  1 
ATOM 572  C "C5'"  . DT B 2 7  ? 1.356   -1.576  5.780   1.00 103.62 ? 18 DT B "C5'"  1 
ATOM 573  C "C4'"  . DT B 2 7  ? 2.056   -0.372  5.214   1.00 86.40  ? 18 DT B "C4'"  1 
ATOM 574  O "O4'"  . DT B 2 7  ? 1.930   0.753   6.115   1.00 86.64  ? 18 DT B "O4'"  1 
ATOM 575  C "C3'"  . DT B 2 7  ? 3.559   -0.558  5.004   1.00 95.77  ? 18 DT B "C3'"  1 
ATOM 576  O "O3'"  . DT B 2 7  ? 3.863   -0.366  3.640   1.00 94.01  ? 18 DT B "O3'"  1 
ATOM 577  C "C2'"  . DT B 2 7  ? 4.199   0.506   5.923   1.00 103.08 ? 18 DT B "C2'"  1 
ATOM 578  C "C1'"  . DT B 2 7  ? 3.095   1.526   5.971   1.00 91.01  ? 18 DT B "C1'"  1 
ATOM 579  N N1     . DT B 2 7  ? 3.132   2.566   7.055   1.00 86.58  ? 18 DT B N1     1 
ATOM 580  C C2     . DT B 2 7  ? 3.591   3.825   6.736   1.00 90.81  ? 18 DT B C2     1 
ATOM 581  O O2     . DT B 2 7  ? 4.051   4.108   5.646   1.00 94.23  ? 18 DT B O2     1 
ATOM 582  N N3     . DT B 2 7  ? 3.514   4.741   7.747   1.00 85.83  ? 18 DT B N3     1 
ATOM 583  C C4     . DT B 2 7  ? 3.009   4.540   9.012   1.00 80.84  ? 18 DT B C4     1 
ATOM 584  O O4     . DT B 2 7  ? 2.982   5.429   9.856   1.00 85.37  ? 18 DT B O4     1 
ATOM 585  C C5     . DT B 2 7  ? 2.517   3.213   9.276   1.00 80.45  ? 18 DT B C5     1 
ATOM 586  C C7     . DT B 2 7  ? 1.955   2.893   10.617  1.00 89.28  ? 18 DT B C7     1 
ATOM 587  C C6     . DT B 2 7  ? 2.585   2.299   8.293   1.00 79.71  ? 18 DT B C6     1 
ATOM 588  H "H5'"  . DT B 2 7  ? 1.098   -2.166  5.055   1.00 124.34 ? 18 DT B "H5'"  1 
ATOM 589  H "H5''" . DT B 2 7  ? 1.960   -2.048  6.375   1.00 124.34 ? 18 DT B "H5''" 1 
ATOM 590  H "H4'"  . DT B 2 7  ? 1.647   -0.141  4.365   1.00 103.67 ? 18 DT B "H4'"  1 
ATOM 591  H "H3'"  . DT B 2 7  ? 3.827   -1.447  5.284   1.00 114.91 ? 18 DT B "H3'"  1 
ATOM 592  H "H2'"  . DT B 2 7  ? 4.379   0.144   6.804   1.00 123.68 ? 18 DT B "H2'"  1 
ATOM 593  H "H2''" . DT B 2 7  ? 5.000   0.878   5.522   1.00 123.68 ? 18 DT B "H2''" 1 
ATOM 594  H "H1'"  . DT B 2 7  ? 3.059   1.978   5.114   1.00 109.20 ? 18 DT B "H1'"  1 
ATOM 595  H H3     . DT B 2 7  ? 3.807   5.530   7.572   1.00 102.98 ? 18 DT B H3     1 
ATOM 596  H H71    . DT B 2 7  ? 1.032   2.609   10.522  1.00 107.12 ? 18 DT B H71    1 
ATOM 597  H H72    . DT B 2 7  ? 2.472   2.179   11.022  1.00 107.12 ? 18 DT B H72    1 
ATOM 598  H H73    . DT B 2 7  ? 1.994   3.681   11.182  1.00 107.12 ? 18 DT B H73    1 
ATOM 599  H H6     . DT B 2 7  ? 2.266   1.442   8.462   1.00 95.64  ? 18 DT B H6     1 
ATOM 600  P P      . DC B 2 8  ? 4.844   -1.377  2.873   1.00 116.89 ? 19 DC B P      1 
ATOM 601  O OP1    . DC B 2 8  ? 4.471   -1.342  1.442   1.00 125.79 ? 19 DC B OP1    1 
ATOM 602  O OP2    . DC B 2 8  ? 4.844   -2.672  3.596   1.00 112.29 ? 19 DC B OP2    1 
ATOM 603  O "O5'"  . DC B 2 8  ? 6.266   -0.665  3.019   1.00 109.07 ? 19 DC B "O5'"  1 
ATOM 604  C "C5'"  . DC B 2 8  ? 6.377   0.732   2.737   1.00 109.70 ? 19 DC B "C5'"  1 
ATOM 605  C "C4'"  . DC B 2 8  ? 7.748   1.267   3.114   1.00 112.71 ? 19 DC B "C4'"  1 
ATOM 606  O "O4'"  . DC B 2 8  ? 7.629   2.130   4.286   1.00 109.70 ? 19 DC B "O4'"  1 
ATOM 607  C "C3'"  . DC B 2 8  ? 8.762   0.203   3.512   1.00 106.02 ? 19 DC B "C3'"  1 
ATOM 608  O "O3'"  . DC B 2 8  ? 10.093  0.636   3.261   1.00 97.97  ? 19 DC B "O3'"  1 
ATOM 609  C "C2'"  . DC B 2 8  ? 8.479   0.076   4.993   1.00 110.90 ? 19 DC B "C2'"  1 
ATOM 610  C "C1'"  . DC B 2 8  ? 8.330   1.543   5.368   1.00 104.02 ? 19 DC B "C1'"  1 
ATOM 611  N N1     . DC B 2 8  ? 7.585   1.806   6.645   1.00 95.71  ? 19 DC B N1     1 
ATOM 612  C C2     . DC B 2 8  ? 7.301   3.127   7.005   1.00 95.30  ? 19 DC B C2     1 
ATOM 613  O O2     . DC B 2 8  ? 7.662   4.045   6.256   1.00 102.22 ? 19 DC B O2     1 
ATOM 614  N N3     . DC B 2 8  ? 6.640   3.365   8.164   1.00 90.79  ? 19 DC B N3     1 
ATOM 615  C C4     . DC B 2 8  ? 6.271   2.347   8.944   1.00 92.81  ? 19 DC B C4     1 
ATOM 616  N N4     . DC B 2 8  ? 5.618   2.631   10.075  1.00 95.59  ? 19 DC B N4     1 
ATOM 617  C C5     . DC B 2 8  ? 6.555   0.994   8.599   1.00 85.97  ? 19 DC B C5     1 
ATOM 618  C C6     . DC B 2 8  ? 7.212   0.769   7.456   1.00 91.22  ? 19 DC B C6     1 
ATOM 619  H "H5'"  . DC B 2 8  ? 5.701   1.211   3.240   1.00 131.62 ? 19 DC B "H5'"  1 
ATOM 620  H "H5''" . DC B 2 8  ? 6.230   0.877   1.790   1.00 131.62 ? 19 DC B "H5''" 1 
ATOM 621  H "H4'"  . DC B 2 8  ? 8.103   1.784   2.373   1.00 135.24 ? 19 DC B "H4'"  1 
ATOM 622  H "H3'"  . DC B 2 8  ? 8.577   -0.633  3.056   1.00 127.21 ? 19 DC B "H3'"  1 
ATOM 623  H "H2'"  . DC B 2 8  ? 7.655   -0.410  5.151   1.00 133.06 ? 19 DC B "H2'"  1 
ATOM 624  H "H2''" . DC B 2 8  ? 9.226   -0.330  5.460   1.00 133.06 ? 19 DC B "H2''" 1 
ATOM 625  H "H1'"  . DC B 2 8  ? 9.212   1.944   5.427   1.00 124.82 ? 19 DC B "H1'"  1 
ATOM 626  H H41    . DC B 2 8  ? 5.368   1.996   10.598  1.00 114.70 ? 19 DC B H41    1 
ATOM 627  H H42    . DC B 2 8  ? 5.448   3.449   10.279  1.00 114.70 ? 19 DC B H42    1 
ATOM 628  H H5     . DC B 2 8  ? 6.293   0.292   9.150   1.00 103.16 ? 19 DC B H5     1 
ATOM 629  H H6     . DC B 2 8  ? 7.409   -0.103  7.205   1.00 109.46 ? 19 DC B H6     1 
ATOM 630  P P      . DA B 2 9  ? 10.584  0.952   1.765   1.00 126.73 ? 20 DA B P      1 
ATOM 631  O OP1    . DA B 2 9  ? 9.684   0.243   0.830   1.00 128.60 ? 20 DA B OP1    1 
ATOM 632  O OP2    . DA B 2 9  ? 12.038  0.684   1.724   1.00 115.19 ? 20 DA B OP2    1 
ATOM 633  O "O5'"  . DA B 2 9  ? 10.330  2.527   1.600   1.00 117.34 ? 20 DA B "O5'"  1 
ATOM 634  C "C5'"  . DA B 2 9  ? 10.359  3.390   2.740   1.00 109.96 ? 20 DA B "C5'"  1 
ATOM 635  C "C4'"  . DA B 2 9  ? 11.457  4.442   2.612   1.00 118.15 ? 20 DA B "C4'"  1 
ATOM 636  O "O4'"  . DA B 2 9  ? 11.905  4.826   3.925   1.00 103.77 ? 20 DA B "O4'"  1 
ATOM 637  C "C3'"  . DA B 2 9  ? 12.733  3.977   1.946   1.00 113.46 ? 20 DA B "C3'"  1 
ATOM 638  O "O3'"  . DA B 2 9  ? 13.521  5.091   1.524   1.00 104.93 ? 20 DA B "O3'"  1 
ATOM 639  C "C2'"  . DA B 2 9  ? 13.398  3.188   3.069   1.00 102.45 ? 20 DA B "C2'"  1 
ATOM 640  C "C1'"  . DA B 2 9  ? 12.899  3.907   4.338   1.00 101.22 ? 20 DA B "C1'"  1 
ATOM 641  N N9     . DA B 2 9  ? 12.302  3.033   5.346   1.00 100.83 ? 20 DA B N9     1 
ATOM 642  C C8     . DA B 2 9  ? 12.363  1.667   5.415   1.00 105.60 ? 20 DA B C8     1 
ATOM 643  N N7     . DA B 2 9  ? 11.728  1.159   6.446   1.00 99.96  ? 20 DA B N7     1 
ATOM 644  C C5     . DA B 2 9  ? 11.217  2.268   7.098   1.00 100.05 ? 20 DA B C5     1 
ATOM 645  C C6     . DA B 2 9  ? 10.438  2.409   8.261   1.00 95.77  ? 20 DA B C6     1 
ATOM 646  N N6     . DA B 2 9  ? 10.028  1.381   9.008   1.00 92.30  ? 20 DA B N6     1 
ATOM 647  N N1     . DA B 2 9  ? 10.094  3.655   8.627   1.00 96.62  ? 20 DA B N1     1 
ATOM 648  C C2     . DA B 2 9  ? 10.505  4.689   7.890   1.00 94.95  ? 20 DA B C2     1 
ATOM 649  N N3     . DA B 2 9  ? 11.235  4.685   6.779   1.00 96.21  ? 20 DA B N3     1 
ATOM 650  C C4     . DA B 2 9  ? 11.558  3.430   6.431   1.00 100.21 ? 20 DA B C4     1 
ATOM 651  H "H5'"  . DA B 2 9  ? 10.518  2.860   3.536   1.00 131.95 ? 20 DA B "H5'"  1 
ATOM 652  H "H5''" . DA B 2 9  ? 9.501   3.836   2.823   1.00 131.95 ? 20 DA B "H5''" 1 
ATOM 653  H "H4'"  . DA B 2 9  ? 11.111  5.220   2.147   1.00 141.77 ? 20 DA B "H4'"  1 
ATOM 654  H "H3'"  . DA B 2 9  ? 12.531  3.395   1.196   1.00 136.14 ? 20 DA B "H3'"  1 
ATOM 655  H "HO3'" . DA B 2 9  ? 14.298  5.196   1.828   1.00 125.90 ? 20 DA B "HO3'" 1 
ATOM 656  H "H2'"  . DA B 2 9  ? 13.103  2.263   3.060   1.00 122.93 ? 20 DA B "H2'"  1 
ATOM 657  H "H2''" . DA B 2 9  ? 14.363  3.243   3.001   1.00 122.93 ? 20 DA B "H2''" 1 
ATOM 658  H "H1'"  . DA B 2 9  ? 13.635  4.396   4.738   1.00 121.46 ? 20 DA B "H1'"  1 
ATOM 659  H H8     . DA B 2 9  ? 12.816  1.147   4.791   1.00 126.71 ? 20 DA B H8     1 
ATOM 660  H H61    . DA B 2 9  ? 9.551   1.523   9.710   1.00 110.75 ? 20 DA B H61    1 
ATOM 661  H H62    . DA B 2 9  ? 10.239  0.577   8.787   1.00 110.75 ? 20 DA B H62    1 
ATOM 662  H H2     . DA B 2 9  ? 10.239  5.528   8.192   1.00 113.93 ? 20 DA B H2     1 
ATOM 663  P P      . DT C 3 1  ? 6.841   10.748  -11.162 1.00 128.77 ? 0  DT C P      1 
ATOM 664  O OP1    . DT C 3 1  ? 7.684   10.053  -10.160 1.00 122.32 ? 0  DT C OP1    1 
ATOM 665  O OP2    . DT C 3 1  ? 6.731   12.225  -11.161 1.00 112.11 ? 0  DT C OP2    1 
ATOM 666  O "O5'"  . DT C 3 1  ? 5.354   10.176  -11.083 1.00 96.39  ? 0  DT C "O5'"  1 
ATOM 667  C "C5'"  . DT C 3 1  ? 4.589   10.409  -9.940  1.00 99.36  ? 0  DT C "C5'"  1 
ATOM 668  C "C4'"  . DT C 3 1  ? 3.127   10.581  -10.284 1.00 92.50  ? 0  DT C "C4'"  1 
ATOM 669  O "O4'"  . DT C 3 1  ? 2.803   9.884   -11.506 1.00 89.55  ? 0  DT C "O4'"  1 
ATOM 670  C "C3'"  . DT C 3 1  ? 2.167   10.010  -9.244  1.00 97.43  ? 0  DT C "C3'"  1 
ATOM 671  O "O3'"  . DT C 3 1  ? 1.716   11.027  -8.360  1.00 95.82  ? 0  DT C "O3'"  1 
ATOM 672  C "C2'"  . DT C 3 1  ? 1.026   9.400   -10.074 1.00 91.17  ? 0  DT C "C2'"  1 
ATOM 673  C "C1'"  . DT C 3 1  ? 1.405   9.723   -11.517 1.00 92.26  ? 0  DT C "C1'"  1 
ATOM 674  N N1     . DT C 3 1  ? 1.008   8.661   -12.516 1.00 91.85  ? 0  DT C N1     1 
ATOM 675  C C2     . DT C 3 1  ? -0.331  8.477   -12.795 1.00 97.85  ? 0  DT C C2     1 
ATOM 676  O O2     . DT C 3 1  ? -1.218  9.125   -12.266 1.00 102.16 ? 0  DT C O2     1 
ATOM 677  N N3     . DT C 3 1  ? -0.599  7.500   -13.717 1.00 97.67  ? 0  DT C N3     1 
ATOM 678  C C4     . DT C 3 1  ? 0.316   6.704   -14.381 1.00 95.24  ? 0  DT C C4     1 
ATOM 679  O O4     . DT C 3 1  ? -0.026  5.849   -15.195 1.00 95.95  ? 0  DT C O4     1 
ATOM 680  C C5     . DT C 3 1  ? 1.705   6.950   -14.049 1.00 92.38  ? 0  DT C C5     1 
ATOM 681  C C7     . DT C 3 1  ? 2.792   6.147   -14.707 1.00 91.34  ? 0  DT C C7     1 
ATOM 682  C C6     . DT C 3 1  ? 1.981   7.908   -13.144 1.00 90.67  ? 0  DT C C6     1 
ATOM 683  H "H5'"  . DT C 3 1  ? 4.910   11.214  -9.503  1.00 119.22 ? 0  DT C "H5'"  1 
ATOM 684  H "H5''" . DT C 3 1  ? 4.687   9.658   -9.334  1.00 119.22 ? 0  DT C "H5''" 1 
ATOM 685  H "H4'"  . DT C 3 1  ? 2.939   11.526  -10.399 1.00 110.99 ? 0  DT C "H4'"  1 
ATOM 686  H "H3'"  . DT C 3 1  ? 2.612   9.311   -8.738  1.00 116.91 ? 0  DT C "H3'"  1 
ATOM 687  H "H2'"  . DT C 3 1  ? 0.983   8.440   -9.941  1.00 109.40 ? 0  DT C "H2'"  1 
ATOM 688  H "H2''" . DT C 3 1  ? 0.179   9.814   -9.844  1.00 109.40 ? 0  DT C "H2''" 1 
ATOM 689  H "H1'"  . DT C 3 1  ? 0.994   10.564  -11.770 1.00 110.70 ? 0  DT C "H1'"  1 
ATOM 690  H H3     . DT C 3 1  ? -1.428  7.367   -13.902 1.00 117.20 ? 0  DT C H3     1 
ATOM 691  H H71    . DT C 3 1  ? 3.382   6.741   -15.195 1.00 109.60 ? 0  DT C H71    1 
ATOM 692  H H72    . DT C 3 1  ? 3.298   5.672   -14.029 1.00 109.60 ? 0  DT C H72    1 
ATOM 693  H H73    . DT C 3 1  ? 2.396   5.508   -15.320 1.00 109.60 ? 0  DT C H73    1 
ATOM 694  H H6     . DT C 3 1  ? 2.872   8.068   -12.928 1.00 108.79 ? 0  DT C H6     1 
ATOM 695  P P      . DC C 3 2  ? 1.491   10.700  -6.803  1.00 104.42 ? 1  DC C P      1 
ATOM 696  O OP1    . DC C 3 2  ? 1.372   11.997  -6.101  1.00 96.07  ? 1  DC C OP1    1 
ATOM 697  O OP2    . DC C 3 2  ? 2.502   9.707   -6.370  1.00 105.87 ? 1  DC C OP2    1 
ATOM 698  O "O5'"  . DC C 3 2  ? 0.060   10.000  -6.774  1.00 80.95  ? 1  DC C "O5'"  1 
ATOM 699  C "C5'"  . DC C 3 2  ? -1.085  10.772  -7.046  1.00 84.39  ? 1  DC C "C5'"  1 
ATOM 700  C "C4'"  . DC C 3 2  ? -2.241  9.901   -7.492  1.00 86.25  ? 1  DC C "C4'"  1 
ATOM 701  O "O4'"  . DC C 3 2  ? -1.823  9.028   -8.558  1.00 82.15  ? 1  DC C "O4'"  1 
ATOM 702  C "C3'"  . DC C 3 2  ? -2.810  8.969   -6.418  1.00 78.47  ? 1  DC C "C3'"  1 
ATOM 703  O "O3'"  . DC C 3 2  ? -4.072  9.452   -5.978  1.00 78.21  ? 1  DC C "O3'"  1 
ATOM 704  C "C2'"  . DC C 3 2  ? -2.913  7.596   -7.119  1.00 82.81  ? 1  DC C "C2'"  1 
ATOM 705  C "C1'"  . DC C 3 2  ? -2.729  7.960   -8.578  1.00 77.78  ? 1  DC C "C1'"  1 
ATOM 706  N N1     . DC C 3 2  ? -2.195  6.893   -9.472  1.00 74.93  ? 1  DC C N1     1 
ATOM 707  C C2     . DC C 3 2  ? -3.081  6.149   -10.261 1.00 78.24  ? 1  DC C C2     1 
ATOM 708  O O2     . DC C 3 2  ? -4.299  6.352   -10.159 1.00 80.91  ? 1  DC C O2     1 
ATOM 709  N N3     . DC C 3 2  ? -2.585  5.215   -11.103 1.00 85.46  ? 1  DC C N3     1 
ATOM 710  C C4     . DC C 3 2  ? -1.269  5.023   -11.185 1.00 86.59  ? 1  DC C C4     1 
ATOM 711  N N4     . DC C 3 2  ? -0.830  4.087   -12.032 1.00 92.53  ? 1  DC C N4     1 
ATOM 712  C C5     . DC C 3 2  ? -0.347  5.785   -10.407 1.00 78.89  ? 1  DC C C5     1 
ATOM 713  C C6     . DC C 3 2  ? -0.849  6.704   -9.577  1.00 73.40  ? 1  DC C C6     1 
ATOM 714  H "H5'"  . DC C 3 2  ? -0.879  11.410  -7.747  1.00 101.26 ? 1  DC C "H5'"  1 
ATOM 715  H "H5''" . DC C 3 2  ? -1.341  11.254  -6.244  1.00 101.26 ? 1  DC C "H5''" 1 
ATOM 716  H "H4'"  . DC C 3 2  ? -2.953  10.473  -7.818  1.00 103.49 ? 1  DC C "H4'"  1 
ATOM 717  H "H3'"  . DC C 3 2  ? -2.197  8.913   -5.669  1.00 94.15  ? 1  DC C "H3'"  1 
ATOM 718  H "H2'"  . DC C 3 2  ? -2.206  7.003   -6.821  1.00 99.37  ? 1  DC C "H2'"  1 
ATOM 719  H "H2''" . DC C 3 2  ? -3.786  7.199   -6.971  1.00 99.37  ? 1  DC C "H2''" 1 
ATOM 720  H "H1'"  . DC C 3 2  ? -3.576  8.272   -8.933  1.00 93.32  ? 1  DC C "H1'"  1 
ATOM 721  H H41    . DC C 3 2  ? 0.014   3.939   -12.108 1.00 111.02 ? 1  DC C H41    1 
ATOM 722  H H42    . DC C 3 2  ? -1.390  3.633   -12.500 1.00 111.02 ? 1  DC C H42    1 
ATOM 723  H H5     . DC C 3 2  ? 0.570   5.641   -10.470 1.00 94.66  ? 1  DC C H5     1 
ATOM 724  H H6     . DC C 3 2  ? -0.273  7.215   -9.056  1.00 88.07  ? 1  DC C H6     1 
ATOM 725  P P      . DA C 3 3  ? -4.610  9.104   -4.509  1.00 82.76  ? 2  DA C P      1 
ATOM 726  O OP1    . DA C 3 3  ? -4.850  10.379  -3.799  1.00 118.27 ? 2  DA C OP1    1 
ATOM 727  O OP2    . DA C 3 3  ? -3.689  8.102   -3.928  1.00 77.98  ? 2  DA C OP2    1 
ATOM 728  O "O5'"  . DA C 3 3  ? -6.020  8.410   -4.785  1.00 63.77  ? 2  DA C "O5'"  1 
ATOM 729  C "C5'"  . DA C 3 3  ? -6.330  7.162   -4.186  1.00 78.42  ? 2  DA C "C5'"  1 
ATOM 730  C "C4'"  . DA C 3 3  ? -6.643  6.118   -5.240  1.00 77.75  ? 2  DA C "C4'"  1 
ATOM 731  O "O4'"  . DA C 3 3  ? -5.484  5.892   -6.060  1.00 80.55  ? 2  DA C "O4'"  1 
ATOM 732  C "C3'"  . DA C 3 3  ? -7.012  4.742   -4.692  1.00 75.84  ? 2  DA C "C3'"  1 
ATOM 733  O "O3'"  . DA C 3 3  ? -8.401  4.555   -4.741  1.00 77.41  ? 2  DA C "O3'"  1 
ATOM 734  C "C2'"  . DA C 3 3  ? -6.265  3.747   -5.595  1.00 82.12  ? 2  DA C "C2'"  1 
ATOM 735  C "C1'"  . DA C 3 3  ? -5.625  4.629   -6.652  1.00 78.46  ? 2  DA C "C1'"  1 
ATOM 736  N N9     . DA C 3 3  ? -4.322  4.171   -7.103  1.00 65.69  ? 2  DA C N9     1 
ATOM 737  C C8     . DA C 3 3  ? -3.109  4.497   -6.576  1.00 75.24  ? 2  DA C C8     1 
ATOM 738  N N7     . DA C 3 3  ? -2.096  3.950   -7.204  1.00 83.30  ? 2  DA C N7     1 
ATOM 739  C C5     . DA C 3 3  ? -2.691  3.216   -8.217  1.00 77.59  ? 2  DA C C5     1 
ATOM 740  C C6     . DA C 3 3  ? -2.162  2.398   -9.234  1.00 82.38  ? 2  DA C C6     1 
ATOM 741  N N6     . DA C 3 3  ? -0.853  2.181   -9.394  1.00 88.24  ? 2  DA C N6     1 
ATOM 742  N N1     . DA C 3 3  ? -3.034  1.807   -10.079 1.00 75.68  ? 2  DA C N1     1 
ATOM 743  C C2     . DA C 3 3  ? -4.344  2.027   -9.913  1.00 75.33  ? 2  DA C C2     1 
ATOM 744  N N3     . DA C 3 3  ? -4.956  2.771   -8.994  1.00 75.04  ? 2  DA C N3     1 
ATOM 745  C C4     . DA C 3 3  ? -4.064  3.341   -8.167  1.00 69.51  ? 2  DA C C4     1 
ATOM 746  H "H5'"  . DA C 3 3  ? -7.100  7.270   -3.607  1.00 94.09  ? 2  DA C "H5'"  1 
ATOM 747  H "H5''" . DA C 3 3  ? -5.573  6.865   -3.658  1.00 94.09  ? 2  DA C "H5''" 1 
ATOM 748  H "H4'"  . DA C 3 3  ? -7.366  6.441   -5.799  1.00 93.29  ? 2  DA C "H4'"  1 
ATOM 749  H "H3'"  . DA C 3 3  ? -6.699  4.656   -3.777  1.00 91.00  ? 2  DA C "H3'"  1 
ATOM 750  H "H2'"  . DA C 3 3  ? -5.586  3.273   -5.089  1.00 98.54  ? 2  DA C "H2'"  1 
ATOM 751  H "H2''" . DA C 3 3  ? -6.887  3.124   -6.002  1.00 98.54  ? 2  DA C "H2''" 1 
ATOM 752  H "H1'"  . DA C 3 3  ? -6.222  4.698   -7.414  1.00 94.14  ? 2  DA C "H1'"  1 
ATOM 753  H H8     . DA C 3 3  ? -3.008  5.058   -5.840  1.00 90.27  ? 2  DA C H8     1 
ATOM 754  H H61    . DA C 3 3  ? -0.576  1.671   -10.029 1.00 105.88 ? 2  DA C H61    1 
ATOM 755  H H62    . DA C 3 3  ? -0.287  2.552   -8.863  1.00 105.88 ? 2  DA C H62    1 
ATOM 756  H H2     . DA C 3 3  ? -4.902  1.599   -10.520 1.00 90.38  ? 2  DA C H2     1 
ATOM 757  P P      . DA C 3 4  ? -9.297  4.930   -3.465  1.00 93.34  ? 3  DA C P      1 
ATOM 758  O OP1    . DA C 3 4  ? -10.588 4.218   -3.611  1.00 85.83  ? 3  DA C OP1    1 
ATOM 759  O OP2    . DA C 3 4  ? -9.266  6.400   -3.308  1.00 86.40  ? 3  DA C OP2    1 
ATOM 760  O "O5'"  . DA C 3 4  ? -8.490  4.299   -2.244  1.00 87.28  ? 3  DA C "O5'"  1 
ATOM 761  C "C5'"  . DA C 3 4  ? -8.984  3.158   -1.585  1.00 89.35  ? 3  DA C "C5'"  1 
ATOM 762  C "C4'"  . DA C 3 4  ? -8.997  3.371   -0.091  1.00 85.13  ? 3  DA C "C4'"  1 
ATOM 763  O "O4'"  . DA C 3 4  ? -7.892  4.218   0.296   1.00 87.91  ? 3  DA C "O4'"  1 
ATOM 764  C "C3'"  . DA C 3 4  ? -10.215 4.082   0.437   1.00 86.01  ? 3  DA C "C3'"  1 
ATOM 765  O "O3'"  . DA C 3 4  ? -11.277 3.171   0.603   1.00 87.76  ? 3  DA C "O3'"  1 
ATOM 766  C "C2'"  . DA C 3 4  ? -9.713  4.655   1.755   1.00 85.52  ? 3  DA C "C2'"  1 
ATOM 767  C "C1'"  . DA C 3 4  ? -8.226  4.906   1.487   1.00 86.86  ? 3  DA C "C1'"  1 
ATOM 768  N N9     . DA C 3 4  ? -7.890  6.314   1.318   1.00 72.84  ? 3  DA C N9     1 
ATOM 769  C C8     . DA C 3 4  ? -7.285  6.890   0.245   1.00 79.05  ? 3  DA C C8     1 
ATOM 770  N N7     . DA C 3 4  ? -7.102  8.184   0.373   1.00 90.96  ? 3  DA C N7     1 
ATOM 771  C C5     . DA C 3 4  ? -7.637  8.474   1.615   1.00 83.00  ? 3  DA C C5     1 
ATOM 772  C C6     . DA C 3 4  ? -7.752  9.674   2.347   1.00 85.49  ? 3  DA C C6     1 
ATOM 773  N N6     . DA C 3 4  ? -7.331  10.859  1.900   1.00 87.03  ? 3  DA C N6     1 
ATOM 774  N N1     . DA C 3 4  ? -8.335  9.610   3.557   1.00 88.30  ? 3  DA C N1     1 
ATOM 775  C C2     . DA C 3 4  ? -8.762  8.421   4.004   1.00 91.54  ? 3  DA C C2     1 
ATOM 776  N N3     . DA C 3 4  ? -8.705  7.230   3.411   1.00 88.00  ? 3  DA C N3     1 
ATOM 777  C C4     . DA C 3 4  ? -8.125  7.328   2.210   1.00 77.65  ? 3  DA C C4     1 
ATOM 778  H "H5'"  . DA C 3 4  ? -8.419  2.397   -1.795  1.00 107.21 ? 3  DA C "H5'"  1 
ATOM 779  H "H5''" . DA C 3 4  ? -9.888  2.978   -1.889  1.00 107.21 ? 3  DA C "H5''" 1 
ATOM 780  H "H4'"  . DA C 3 4  ? -8.911  2.512   0.355   1.00 102.14 ? 3  DA C "H4'"  1 
ATOM 781  H "H3'"  . DA C 3 4  ? -10.473 4.798   -0.165  1.00 103.20 ? 3  DA C "H3'"  1 
ATOM 782  H "H2'"  . DA C 3 4  ? -10.168 5.486   1.962   1.00 102.61 ? 3  DA C "H2'"  1 
ATOM 783  H "H2''" . DA C 3 4  ? -9.827  4.012   2.473   1.00 102.61 ? 3  DA C "H2''" 1 
ATOM 784  H "H1'"  . DA C 3 4  ? -7.706  4.541   2.220   1.00 104.22 ? 3  DA C "H1'"  1 
ATOM 785  H H8     . DA C 3 4  ? -7.018  6.411   -0.506  1.00 94.84  ? 3  DA C H8     1 
ATOM 786  H H61    . DA C 3 4  ? -7.435  11.563  2.384   1.00 104.43 ? 3  DA C H61    1 
ATOM 787  H H62    . DA C 3 4  ? -6.956  10.920  1.129   1.00 104.43 ? 3  DA C H62    1 
ATOM 788  H H2     . DA C 3 4  ? -9.156  8.429   4.846   1.00 109.84 ? 3  DA C H2     1 
ATOM 789  P P      . DC C 3 5  ? -12.558 3.262   -0.355  1.00 95.55  ? 4  DC C P      1 
ATOM 790  O OP1    . DC C 3 5  ? -13.176 1.917   -0.395  1.00 102.45 ? 4  DC C OP1    1 
ATOM 791  O OP2    . DC C 3 5  ? -12.138 3.908   -1.614  1.00 94.97  ? 4  DC C OP2    1 
ATOM 792  O "O5'"  . DC C 3 5  ? -13.518 4.261   0.428   1.00 88.49  ? 4  DC C "O5'"  1 
ATOM 793  C "C5'"  . DC C 3 5  ? -14.129 3.820   1.616   1.00 92.70  ? 4  DC C "C5'"  1 
ATOM 794  C "C4'"  . DC C 3 5  ? -13.830 4.744   2.786   1.00 89.07  ? 4  DC C "C4'"  1 
ATOM 795  O "O4'"  . DC C 3 5  ? -12.622 5.502   2.561   1.00 78.21  ? 4  DC C "O4'"  1 
ATOM 796  C "C3'"  . DC C 3 5  ? -14.857 5.824   3.031   1.00 99.34  ? 4  DC C "C3'"  1 
ATOM 797  O "O3'"  . DC C 3 5  ? -16.024 5.298   3.661   1.00 101.57 ? 4  DC C "O3'"  1 
ATOM 798  C "C2'"  . DC C 3 5  ? -14.080 6.797   3.917   1.00 88.80  ? 4  DC C "C2'"  1 
ATOM 799  C "C1'"  . DC C 3 5  ? -12.630 6.609   3.457   1.00 78.25  ? 4  DC C "C1'"  1 
ATOM 800  N N1     . DC C 3 5  ? -12.027 7.810   2.780   1.00 86.68  ? 4  DC C N1     1 
ATOM 801  C C2     . DC C 3 5  ? -12.001 9.042   3.453   1.00 87.30  ? 4  DC C C2     1 
ATOM 802  O O2     . DC C 3 5  ? -12.510 9.124   4.581   1.00 79.64  ? 4  DC C O2     1 
ATOM 803  N N3     . DC C 3 5  ? -11.429 10.112  2.848   1.00 80.97  ? 4  DC C N3     1 
ATOM 804  C C4     . DC C 3 5  ? -10.891 9.979   1.639   1.00 85.74  ? 4  DC C C4     1 
ATOM 805  N N4     . DC C 3 5  ? -10.336 11.059  1.092   1.00 88.58  ? 4  DC C N4     1 
ATOM 806  C C5     . DC C 3 5  ? -10.893 8.733   0.941   1.00 93.01  ? 4  DC C C5     1 
ATOM 807  C C6     . DC C 3 5  ? -11.465 7.685   1.545   1.00 91.18  ? 4  DC C C6     1 
ATOM 808  H "H5'"  . DC C 3 5  ? -13.804 2.930   1.825   1.00 111.23 ? 4  DC C "H5'"  1 
ATOM 809  H "H5''" . DC C 3 5  ? -15.089 3.781   1.481   1.00 111.23 ? 4  DC C "H5''" 1 
ATOM 810  H "H4'"  . DC C 3 5  ? -13.727 4.214   3.591   1.00 106.88 ? 4  DC C "H4'"  1 
ATOM 811  H "H3'"  . DC C 3 5  ? -15.094 6.254   2.194   1.00 119.20 ? 4  DC C "H3'"  1 
ATOM 812  H "H2'"  . DC C 3 5  ? -14.372 7.709   3.763   1.00 106.54 ? 4  DC C "H2'"  1 
ATOM 813  H "H2''" . DC C 3 5  ? -14.175 6.558   4.853   1.00 106.54 ? 4  DC C "H2''" 1 
ATOM 814  H "H1'"  . DC C 3 5  ? -12.088 6.386   4.229   1.00 93.89  ? 4  DC C "H1'"  1 
ATOM 815  H H41    . DC C 3 5  ? -9.979  11.010  0.311   1.00 106.28 ? 4  DC C H41    1 
ATOM 816  H H42    . DC C 3 5  ? -10.333 11.805  1.520   1.00 106.28 ? 4  DC C H42    1 
ATOM 817  H H5     . DC C 3 5  ? -10.512 8.652   0.097   1.00 111.59 ? 4  DC C H5     1 
ATOM 818  H H6     . DC C 3 5  ? -11.476 6.860   1.118   1.00 109.41 ? 4  DC C H6     1 
ATOM 819  P P      . DG C 3 6  ? -17.484 5.812   3.225   1.00 100.77 ? 5  DG C P      1 
ATOM 820  O OP1    . DG C 3 6  ? -18.285 4.610   2.895   1.00 113.76 ? 5  DG C OP1    1 
ATOM 821  O OP2    . DG C 3 6  ? -17.337 6.898   2.225   1.00 78.21  ? 5  DG C OP2    1 
ATOM 822  O "O5'"  . DG C 3 6  ? -18.080 6.450   4.566   1.00 108.09 ? 5  DG C "O5'"  1 
ATOM 823  C "C5'"  . DG C 3 6  ? -17.220 7.118   5.483   1.00 101.16 ? 5  DG C "C5'"  1 
ATOM 824  C "C4'"  . DG C 3 6  ? -17.496 8.611   5.503   1.00 94.82  ? 5  DG C "C4'"  1 
ATOM 825  O "O4'"  . DG C 3 6  ? -16.258 9.345   5.291   1.00 94.55  ? 5  DG C "O4'"  1 
ATOM 826  C "C3'"  . DG C 3 6  ? -18.418 9.113   4.413   1.00 93.07  ? 5  DG C "C3'"  1 
ATOM 827  O "O3'"  . DG C 3 6  ? -19.781 8.933   4.764   1.00 103.32 ? 5  DG C "O3'"  1 
ATOM 828  C "C2'"  . DG C 3 6  ? -18.031 10.578  4.327   1.00 93.12  ? 5  DG C "C2'"  1 
ATOM 829  C "C1'"  . DG C 3 6  ? -16.531 10.545  4.573   1.00 87.02  ? 5  DG C "C1'"  1 
ATOM 830  N N9     . DG C 3 6  ? -15.758 10.560  3.340   1.00 86.97  ? 5  DG C N9     1 
ATOM 831  C C8     . DG C 3 6  ? -15.610 9.532   2.445   1.00 90.64  ? 5  DG C C8     1 
ATOM 832  N N7     . DG C 3 6  ? -14.869 9.842   1.416   1.00 88.02  ? 5  DG C N7     1 
ATOM 833  C C5     . DG C 3 6  ? -14.519 11.165  1.640   1.00 80.76  ? 5  DG C C5     1 
ATOM 834  C C6     . DG C 3 6  ? -13.730 12.038  0.862   1.00 83.99  ? 5  DG C C6     1 
ATOM 835  O O6     . DG C 3 6  ? -13.165 11.804  -0.214  1.00 87.42  ? 5  DG C O6     1 
ATOM 836  N N1     . DG C 3 6  ? -13.627 13.299  1.449   1.00 84.48  ? 5  DG C N1     1 
ATOM 837  C C2     . DG C 3 6  ? -14.212 13.663  2.640   1.00 85.06  ? 5  DG C C2     1 
ATOM 838  N N2     . DG C 3 6  ? -14.000 14.923  3.047   1.00 86.64  ? 5  DG C N2     1 
ATOM 839  N N3     . DG C 3 6  ? -14.958 12.851  3.378   1.00 76.12  ? 5  DG C N3     1 
ATOM 840  C C4     . DG C 3 6  ? -15.068 11.625  2.817   1.00 78.19  ? 5  DG C C4     1 
ATOM 841  H "H5'"  . DG C 3 6  ? -16.299 6.968   5.222   1.00 121.38 ? 5  DG C "H5'"  1 
ATOM 842  H "H5''" . DG C 3 6  ? -17.362 6.756   6.372   1.00 121.38 ? 5  DG C "H5''" 1 
ATOM 843  H "H4'"  . DG C 3 6  ? -17.863 8.854   6.367   1.00 113.77 ? 5  DG C "H4'"  1 
ATOM 844  H "H3'"  . DG C 3 6  ? -18.222 8.665   3.575   1.00 111.68 ? 5  DG C "H3'"  1 
ATOM 845  H "HO3'" . DG C 3 6  ? -20.292 9.598   4.818   1.00 123.97 ? 5  DG C "HO3'" 1 
ATOM 846  H "H2'"  . DG C 3 6  ? -18.227 10.933  3.445   1.00 111.73 ? 5  DG C "H2'"  1 
ATOM 847  H "H2''" . DG C 3 6  ? -18.481 11.092  5.014   1.00 111.73 ? 5  DG C "H2''" 1 
ATOM 848  H "H1'"  . DG C 3 6  ? -16.279 11.308  5.117   1.00 104.42 ? 5  DG C "H1'"  1 
ATOM 849  H H8     . DG C 3 6  ? -15.987 8.690   2.567   1.00 108.76 ? 5  DG C H8     1 
ATOM 850  H H1     . DG C 3 6  ? -13.158 13.892  1.038   1.00 101.36 ? 5  DG C H1     1 
ATOM 851  H H21    . DG C 3 6  ? -14.346 15.200  3.783   1.00 103.96 ? 5  DG C H21    1 
ATOM 852  H H22    . DG C 3 6  ? -13.516 15.452  2.572   1.00 103.96 ? 5  DG C H22    1 
ATOM 853  O "O5'"  . DT D 4 1  ? 11.665  -4.666  17.306  1.00 160.86 ? 2  DT D "O5'"  1 
ATOM 854  C "C5'"  . DT D 4 1  ? 11.187  -3.932  18.426  1.00 136.38 ? 2  DT D "C5'"  1 
ATOM 855  C "C4'"  . DT D 4 1  ? 12.061  -2.719  18.693  1.00 132.70 ? 2  DT D "C4'"  1 
ATOM 856  O "O4'"  . DT D 4 1  ? 13.026  -2.574  17.619  1.00 127.22 ? 2  DT D "O4'"  1 
ATOM 857  C "C3'"  . DT D 4 1  ? 11.307  -1.387  18.770  1.00 129.49 ? 2  DT D "C3'"  1 
ATOM 858  O "O3'"  . DT D 4 1  ? 11.441  -0.804  20.060  1.00 145.34 ? 2  DT D "O3'"  1 
ATOM 859  C "C2'"  . DT D 4 1  ? 11.942  -0.524  17.679  1.00 125.39 ? 2  DT D "C2'"  1 
ATOM 860  C "C1'"  . DT D 4 1  ? 13.256  -1.205  17.401  1.00 124.14 ? 2  DT D "C1'"  1 
ATOM 861  N N1     . DT D 4 1  ? 13.769  -0.997  16.006  1.00 120.04 ? 2  DT D N1     1 
ATOM 862  C C2     . DT D 4 1  ? 14.270  0.233   15.659  1.00 123.62 ? 2  DT D C2     1 
ATOM 863  O O2     . DT D 4 1  ? 14.315  1.174   16.432  1.00 131.97 ? 2  DT D O2     1 
ATOM 864  N N3     . DT D 4 1  ? 14.732  0.325   14.373  1.00 119.62 ? 2  DT D N3     1 
ATOM 865  C C4     . DT D 4 1  ? 14.736  -0.671  13.416  1.00 111.68 ? 2  DT D C4     1 
ATOM 866  O O4     . DT D 4 1  ? 15.172  -0.491  12.283  1.00 114.51 ? 2  DT D O4     1 
ATOM 867  C C5     . DT D 4 1  ? 14.193  -1.938  13.844  1.00 110.64 ? 2  DT D C5     1 
ATOM 868  C C7     . DT D 4 1  ? 14.148  -3.099  12.898  1.00 114.60 ? 2  DT D C7     1 
ATOM 869  C C6     . DT D 4 1  ? 13.741  -2.041  15.105  1.00 118.16 ? 2  DT D C6     1 
ATOM 870  H "H5'"  . DT D 4 1  ? 11.192  -4.505  19.208  1.00 163.64 ? 2  DT D "H5'"  1 
ATOM 871  H "H5''" . DT D 4 1  ? 10.279  -3.639  18.253  1.00 163.64 ? 2  DT D "H5''" 1 
ATOM 872  H "H4'"  . DT D 4 1  ? 12.539  -2.855  19.526  1.00 159.23 ? 2  DT D "H4'"  1 
ATOM 873  H "H3'"  . DT D 4 1  ? 10.368  -1.529  18.568  1.00 155.38 ? 2  DT D "H3'"  1 
ATOM 874  H "H2'"  . DT D 4 1  ? 11.387  -0.516  16.884  1.00 150.46 ? 2  DT D "H2'"  1 
ATOM 875  H "H2''" . DT D 4 1  ? 12.089  0.379   18.003  1.00 150.46 ? 2  DT D "H2''" 1 
ATOM 876  H "H1'"  . DT D 4 1  ? 13.920  -0.890  18.035  1.00 148.96 ? 2  DT D "H1'"  1 
ATOM 877  H H3     . DT D 4 1  ? 15.054  1.087   14.135  1.00 143.53 ? 2  DT D H3     1 
ATOM 878  H H71    . DT D 4 1  ? 13.227  -3.379  12.773  1.00 137.51 ? 2  DT D H71    1 
ATOM 879  H H72    . DT D 4 1  ? 14.524  -2.834  12.044  1.00 137.51 ? 2  DT D H72    1 
ATOM 880  H H73    . DT D 4 1  ? 14.663  -3.835  13.265  1.00 137.51 ? 2  DT D H73    1 
ATOM 881  H H6     . DT D 4 1  ? 13.392  -2.856  15.383  1.00 141.78 ? 2  DT D H6     1 
ATOM 882  P P      . DC D 4 2  ? 10.145  -0.513  20.965  1.00 144.09 ? 3  DC D P      1 
ATOM 883  O OP1    . DC D 4 2  ? 10.416  -1.030  22.324  1.00 152.94 ? 3  DC D OP1    1 
ATOM 884  O OP2    . DC D 4 2  ? 8.948   -0.983  20.236  1.00 136.00 ? 3  DC D OP2    1 
ATOM 885  O "O5'"  . DC D 4 2  ? 10.087  1.080   21.048  1.00 130.27 ? 3  DC D "O5'"  1 
ATOM 886  C "C5'"  . DC D 4 2  ? 9.579   1.819   19.960  1.00 128.95 ? 3  DC D "C5'"  1 
ATOM 887  C "C4'"  . DC D 4 2  ? 10.373  3.098   19.751  1.00 136.64 ? 3  DC D "C4'"  1 
ATOM 888  O "O4'"  . DC D 4 2  ? 11.322  2.922   18.659  1.00 131.44 ? 3  DC D "O4'"  1 
ATOM 889  C "C3'"  . DC D 4 2  ? 9.541   4.317   19.378  1.00 135.46 ? 3  DC D "C3'"  1 
ATOM 890  O "O3'"  . DC D 4 2  ? 10.059  5.471   20.013  1.00 147.76 ? 3  DC D "O3'"  1 
ATOM 891  C "C2'"  . DC D 4 2  ? 9.661   4.382   17.860  1.00 128.46 ? 3  DC D "C2'"  1 
ATOM 892  C "C1'"  . DC D 4 2  ? 11.068  3.866   17.626  1.00 131.53 ? 3  DC D "C1'"  1 
ATOM 893  N N1     . DC D 4 2  ? 11.272  3.182   16.312  1.00 130.08 ? 3  DC D N1     1 
ATOM 894  C C2     . DC D 4 2  ? 10.772  1.895   16.127  1.00 128.99 ? 3  DC D C2     1 
ATOM 895  O O2     . DC D 4 2  ? 10.145  1.363   17.041  1.00 135.50 ? 3  DC D O2     1 
ATOM 896  N N3     . DC D 4 2  ? 10.984  1.265   14.948  1.00 123.03 ? 3  DC D N3     1 
ATOM 897  C C4     . DC D 4 2  ? 11.660  1.876   13.980  1.00 117.22 ? 3  DC D C4     1 
ATOM 898  N N4     . DC D 4 2  ? 11.840  1.209   12.833  1.00 108.42 ? 3  DC D N4     1 
ATOM 899  C C5     . DC D 4 2  ? 12.187  3.193   14.149  1.00 110.84 ? 3  DC D C5     1 
ATOM 900  C C6     . DC D 4 2  ? 11.972  3.801   15.320  1.00 121.29 ? 3  DC D C6     1 
ATOM 901  H "H5'"  . DC D 4 2  ? 8.651   2.046   20.134  1.00 154.73 ? 3  DC D "H5'"  1 
ATOM 902  H "H5''" . DC D 4 2  ? 9.629   1.278   19.156  1.00 154.73 ? 3  DC D "H5''" 1 
ATOM 903  H "H4'"  . DC D 4 2  ? 10.866  3.294   20.563  1.00 163.96 ? 3  DC D "H4'"  1 
ATOM 904  H "H3'"  . DC D 4 2  ? 8.615   4.180   19.636  1.00 162.54 ? 3  DC D "H3'"  1 
ATOM 905  H "H2'"  . DC D 4 2  ? 9.007   3.803   17.437  1.00 154.14 ? 3  DC D "H2'"  1 
ATOM 906  H "H2''" . DC D 4 2  ? 9.572   5.295   17.546  1.00 154.14 ? 3  DC D "H2''" 1 
ATOM 907  H "H1'"  . DC D 4 2  ? 11.695  4.602   17.704  1.00 157.82 ? 3  DC D "H1'"  1 
ATOM 908  H H41    . DC D 4 2  ? 12.273  1.576   12.186  1.00 130.09 ? 3  DC D H41    1 
ATOM 909  H H42    . DC D 4 2  ? 11.523  0.416   12.743  1.00 130.09 ? 3  DC D H42    1 
ATOM 910  H H5     . DC D 4 2  ? 12.660  3.614   13.468  1.00 133.00 ? 3  DC D H5     1 
ATOM 911  H H6     . DC D 4 2  ? 12.305  4.659   15.459  1.00 145.54 ? 3  DC D H6     1 
ATOM 912  P P      . DT D 4 3  ? 9.220   6.835   20.014  1.00 146.30 ? 4  DT D P      1 
ATOM 913  O OP1    . DT D 4 3  ? 9.756   7.704   21.085  1.00 162.43 ? 4  DT D OP1    1 
ATOM 914  O OP2    . DT D 4 3  ? 7.786   6.476   20.003  1.00 150.81 ? 4  DT D OP2    1 
ATOM 915  O "O5'"  . DT D 4 3  ? 9.566   7.488   18.604  1.00 127.61 ? 4  DT D "O5'"  1 
ATOM 916  C "C5'"  . DT D 4 3  ? 8.659   8.390   18.026  1.00 142.24 ? 4  DT D "C5'"  1 
ATOM 917  C "C4'"  . DT D 4 3  ? 9.278   9.105   16.843  1.00 144.68 ? 4  DT D "C4'"  1 
ATOM 918  O "O4'"  . DT D 4 3  ? 9.873   8.137   15.934  1.00 139.43 ? 4  DT D "O4'"  1 
ATOM 919  C "C3'"  . DT D 4 3  ? 8.290   9.920   16.028  1.00 142.83 ? 4  DT D "C3'"  1 
ATOM 920  O "O3'"  . DT D 4 3  ? 8.819   11.195  15.741  1.00 141.92 ? 4  DT D "O3'"  1 
ATOM 921  C "C2'"  . DT D 4 3  ? 8.039   9.083   14.772  1.00 140.47 ? 4  DT D "C2'"  1 
ATOM 922  C "C1'"  . DT D 4 3  ? 9.285   8.218   14.646  1.00 133.40 ? 4  DT D "C1'"  1 
ATOM 923  N N1     . DT D 4 3  ? 9.011   6.817   14.180  1.00 132.46 ? 4  DT D N1     1 
ATOM 924  C C2     . DT D 4 3  ? 8.356   5.944   15.021  1.00 134.29 ? 4  DT D C2     1 
ATOM 925  O O2     . DT D 4 3  ? 7.961   6.257   16.128  1.00 142.08 ? 4  DT D O2     1 
ATOM 926  N N3     . DT D 4 3  ? 8.168   4.685   14.515  1.00 128.77 ? 4  DT D N3     1 
ATOM 927  C C4     . DT D 4 3  ? 8.570   4.216   13.280  1.00 109.81 ? 4  DT D C4     1 
ATOM 928  O O4     . DT D 4 3  ? 8.358   3.065   12.914  1.00 112.12 ? 4  DT D O4     1 
ATOM 929  C C5     . DT D 4 3  ? 9.253   5.176   12.451  1.00 113.06 ? 4  DT D C5     1 
ATOM 930  C C7     . DT D 4 3  ? 9.722   4.783   11.091  1.00 99.74  ? 4  DT D C7     1 
ATOM 931  C C6     . DT D 4 3  ? 9.446   6.415   12.932  1.00 117.03 ? 4  DT D C6     1 
ATOM 932  H "H5'"  . DT D 4 3  ? 8.393   9.044   18.690  1.00 170.68 ? 4  DT D "H5'"  1 
ATOM 933  H "H5''" . DT D 4 3  ? 7.874   7.904   17.727  1.00 170.68 ? 4  DT D "H5''" 1 
ATOM 934  H "H4'"  . DT D 4 3  ? 9.975   9.696   17.168  1.00 173.60 ? 4  DT D "H4'"  1 
ATOM 935  H "H3'"  . DT D 4 3  ? 7.462   10.016  16.525  1.00 171.39 ? 4  DT D "H3'"  1 
ATOM 936  H "H2'"  . DT D 4 3  ? 7.251   8.528   14.885  1.00 168.56 ? 4  DT D "H2'"  1 
ATOM 937  H "H2''" . DT D 4 3  ? 7.944   9.655   13.996  1.00 168.56 ? 4  DT D "H2''" 1 
ATOM 938  H "H1'"  . DT D 4 3  ? 9.908   8.641   14.036  1.00 160.07 ? 4  DT D "H1'"  1 
ATOM 939  H H3     . DT D 4 3  ? 7.759   4.125   15.023  1.00 154.52 ? 4  DT D H3     1 
ATOM 940  H H71    . DT D 4 3  ? 9.280   5.332   10.424  1.00 119.67 ? 4  DT D H71    1 
ATOM 941  H H72    . DT D 4 3  ? 10.682  4.911   11.030  1.00 119.67 ? 4  DT D H72    1 
ATOM 942  H H73    . DT D 4 3  ? 9.509   3.849   10.932  1.00 119.67 ? 4  DT D H73    1 
ATOM 943  H H6     . DT D 4 3  ? 9.886   7.035   12.397  1.00 140.43 ? 4  DT D H6     1 
ATOM 944  P P      . DG D 4 4  ? 7.833   12.374  15.285  1.00 161.96 ? 5  DG D P      1 
ATOM 945  O OP1    . DG D 4 4  ? 8.509   13.669  15.532  1.00 162.00 ? 5  DG D OP1    1 
ATOM 946  O OP2    . DG D 4 4  ? 6.500   12.095  15.868  1.00 138.35 ? 5  DG D OP2    1 
ATOM 947  O "O5'"  . DG D 4 4  ? 7.725   12.160  13.713  1.00 144.97 ? 5  DG D "O5'"  1 
ATOM 948  C "C5'"  . DG D 4 4  ? 8.905   12.022  12.944  1.00 143.73 ? 5  DG D "C5'"  1 
ATOM 949  C "C4'"  . DG D 4 4  ? 8.596   12.197  11.479  1.00 138.88 ? 5  DG D "C4'"  1 
ATOM 950  O "O4'"  . DG D 4 4  ? 8.270   10.908  10.903  1.00 128.72 ? 5  DG D "O4'"  1 
ATOM 951  C "C3'"  . DG D 4 4  ? 7.392   13.077  11.194  1.00 123.01 ? 5  DG D "C3'"  1 
ATOM 952  O "O3'"  . DG D 4 4  ? 7.509   13.686  9.940   1.00 118.86 ? 5  DG D "O3'"  1 
ATOM 953  C "C2'"  . DG D 4 4  ? 6.245   12.087  11.247  1.00 118.98 ? 5  DG D "C2'"  1 
ATOM 954  C "C1'"  . DG D 4 4  ? 6.878   10.827  10.657  1.00 117.45 ? 5  DG D "C1'"  1 
ATOM 955  N N9     . DG D 4 4  ? 6.379   9.579   11.225  1.00 116.12 ? 5  DG D N9     1 
ATOM 956  C C8     . DG D 4 4  ? 5.643   9.415   12.377  1.00 121.19 ? 5  DG D C8     1 
ATOM 957  N N7     . DG D 4 4  ? 5.333   8.172   12.622  1.00 108.33 ? 5  DG D N7     1 
ATOM 958  C C5     . DG D 4 4  ? 5.899   7.469   11.567  1.00 110.59 ? 5  DG D C5     1 
ATOM 959  C C6     . DG D 4 4  ? 5.895   6.083   11.290  1.00 101.84 ? 5  DG D C6     1 
ATOM 960  O O6     . DG D 4 4  ? 5.372   5.173   11.949  1.00 97.14  ? 5  DG D O6     1 
ATOM 961  N N1     . DG D 4 4  ? 6.588   5.790   10.112  1.00 103.72 ? 5  DG D N1     1 
ATOM 962  C C2     . DG D 4 4  ? 7.204   6.724   9.306   1.00 103.54 ? 5  DG D C2     1 
ATOM 963  N N2     . DG D 4 4  ? 7.826   6.256   8.210   1.00 98.19  ? 5  DG D N2     1 
ATOM 964  N N3     . DG D 4 4  ? 7.214   8.025   9.558   1.00 104.40 ? 5  DG D N3     1 
ATOM 965  C C4     . DG D 4 4  ? 6.544   8.323   10.698  1.00 112.27 ? 5  DG D C4     1 
ATOM 966  H "H5'"  . DG D 4 4  ? 9.281   11.140  13.089  1.00 172.46 ? 5  DG D "H5'"  1 
ATOM 967  H "H5''" . DG D 4 4  ? 9.547   12.694  13.219  1.00 172.46 ? 5  DG D "H5''" 1 
ATOM 968  H "H4'"  . DG D 4 4  ? 9.373   12.561  11.028  1.00 166.65 ? 5  DG D "H4'"  1 
ATOM 969  H "H3'"  . DG D 4 4  ? 7.292   13.747  11.889  1.00 147.59 ? 5  DG D "H3'"  1 
ATOM 970  H "H2'"  . DG D 4 4  ? 5.961   11.936  12.160  1.00 142.76 ? 5  DG D "H2'"  1 
ATOM 971  H "H2''" . DG D 4 4  ? 5.505   12.389  10.698  1.00 142.76 ? 5  DG D "H2''" 1 
ATOM 972  H "H1'"  . DG D 4 4  ? 6.729   10.818  9.699   1.00 140.93 ? 5  DG D "H1'"  1 
ATOM 973  H H8     . DG D 4 4  ? 5.389   10.122  12.926  1.00 145.42 ? 5  DG D H8     1 
ATOM 974  H H1     . DG D 4 4  ? 6.633   4.966   9.872   1.00 124.45 ? 5  DG D H1     1 
ATOM 975  H H21    . DG D 4 4  ? 8.226   6.800   7.678   1.00 117.81 ? 5  DG D H21    1 
ATOM 976  H H22    . DG D 4 4  ? 7.823   5.413   8.041   1.00 117.81 ? 5  DG D H22    1 
ATOM 977  P P      . DA D 4 5  ? 6.546   14.907  9.555   1.00 141.69 ? 6  DA D P      1 
ATOM 978  O OP1    . DA D 4 5  ? 7.237   16.149  9.966   1.00 156.09 ? 6  DA D OP1    1 
ATOM 979  O OP2    . DA D 4 5  ? 5.199   14.610  10.093  1.00 121.74 ? 6  DA D OP2    1 
ATOM 980  O "O5'"  . DA D 4 5  ? 6.496   14.847  7.955   1.00 138.41 ? 6  DA D "O5'"  1 
ATOM 981  C "C5'"  . DA D 4 5  ? 7.712   14.771  7.213   1.00 129.55 ? 6  DA D "C5'"  1 
ATOM 982  C "C4'"  . DA D 4 5  ? 7.593   13.786  6.064   1.00 121.97 ? 6  DA D "C4'"  1 
ATOM 983  O "O4'"  . DA D 4 5  ? 7.211   12.480  6.580   1.00 124.16 ? 6  DA D "O4'"  1 
ATOM 984  C "C3'"  . DA D 4 5  ? 6.548   14.152  5.016   1.00 117.05 ? 6  DA D "C3'"  1 
ATOM 985  O "O3'"  . DA D 4 5  ? 7.033   13.878  3.713   1.00 119.58 ? 6  DA D "O3'"  1 
ATOM 986  C "C2'"  . DA D 4 5  ? 5.344   13.290  5.385   1.00 108.95 ? 6  DA D "C2'"  1 
ATOM 987  C "C1'"  . DA D 4 5  ? 5.982   12.058  6.016   1.00 115.58 ? 6  DA D "C1'"  1 
ATOM 988  N N9     . DA D 4 5  ? 5.176   11.452  7.072   1.00 107.15 ? 6  DA D N9     1 
ATOM 989  C C8     . DA D 4 5  ? 4.572   12.097  8.114   1.00 112.38 ? 6  DA D C8     1 
ATOM 990  N N7     . DA D 4 5  ? 3.915   11.301  8.923   1.00 112.57 ? 6  DA D N7     1 
ATOM 991  C C5     . DA D 4 5  ? 4.106   10.044  8.379   1.00 105.77 ? 6  DA D C5     1 
ATOM 992  C C6     . DA D 4 5  ? 3.665   8.769   8.775   1.00 97.16  ? 6  DA D C6     1 
ATOM 993  N N6     . DA D 4 5  ? 2.909   8.559   9.856   1.00 96.46  ? 6  DA D N6     1 
ATOM 994  N N1     . DA D 4 5  ? 4.032   7.716   8.016   1.00 92.15  ? 6  DA D N1     1 
ATOM 995  C C2     . DA D 4 5  ? 4.790   7.937   6.932   1.00 99.62  ? 6  DA D C2     1 
ATOM 996  N N3     . DA D 4 5  ? 5.267   9.091   6.459   1.00 98.41  ? 6  DA D N3     1 
ATOM 997  C C4     . DA D 4 5  ? 4.884   10.116  7.238   1.00 102.31 ? 6  DA D C4     1 
ATOM 998  H "H5'"  . DA D 4 5  ? 8.427   14.486  7.803   1.00 155.45 ? 6  DA D "H5'"  1 
ATOM 999  H "H5''" . DA D 4 5  ? 7.923   15.649  6.858   1.00 155.45 ? 6  DA D "H5''" 1 
ATOM 1000 H "H4'"  . DA D 4 5  ? 8.456   13.710  5.628   1.00 146.36 ? 6  DA D "H4'"  1 
ATOM 1001 H "H3'"  . DA D 4 5  ? 6.317   15.091  5.094   1.00 140.45 ? 6  DA D "H3'"  1 
ATOM 1002 H "H2'"  . DA D 4 5  ? 4.779   13.749  6.027   1.00 130.73 ? 6  DA D "H2'"  1 
ATOM 1003 H "H2''" . DA D 4 5  ? 4.840   13.048  4.593   1.00 130.73 ? 6  DA D "H2''" 1 
ATOM 1004 H "H1'"  . DA D 4 5  ? 6.156   11.399  5.325   1.00 138.68 ? 6  DA D "H1'"  1 
ATOM 1005 H H8     . DA D 4 5  ? 4.616   13.018  8.235   1.00 134.84 ? 6  DA D H8     1 
ATOM 1006 H H61    . DA D 4 5  ? 2.663   7.761   10.060  1.00 115.74 ? 6  DA D H61    1 
ATOM 1007 H H62    . DA D 4 5  ? 2.669   9.223   10.347  1.00 115.74 ? 6  DA D H62    1 
ATOM 1008 H H2     . DA D 4 5  ? 5.016   7.180   6.441   1.00 119.53 ? 6  DA D H2     1 
ATOM 1009 P P      . DG D 4 6  ? 6.105   14.175  2.438   1.00 118.07 ? 7  DG D P      1 
ATOM 1010 O OP1    . DG D 4 6  ? 6.981   14.511  1.290   1.00 103.86 ? 7  DG D OP1    1 
ATOM 1011 O OP2    . DG D 4 6  ? 5.058   15.117  2.891   1.00 124.50 ? 7  DG D OP2    1 
ATOM 1012 O "O5'"  . DG D 4 6  ? 5.399   12.772  2.155   1.00 112.74 ? 7  DG D "O5'"  1 
ATOM 1013 C "C5'"  . DG D 4 6  ? 6.194   11.619  1.936   1.00 103.81 ? 7  DG D "C5'"  1 
ATOM 1014 C "C4'"  . DG D 4 6  ? 5.336   10.372  1.865   1.00 103.86 ? 7  DG D "C4'"  1 
ATOM 1015 O "O4'"  . DG D 4 6  ? 4.749   10.106  3.158   1.00 104.67 ? 7  DG D "O4'"  1 
ATOM 1016 C "C3'"  . DG D 4 6  ? 4.164   10.451  0.882   1.00 94.94  ? 7  DG D "C3'"  1 
ATOM 1017 O "O3'"  . DG D 4 6  ? 4.401   9.592   -0.221  1.00 87.81  ? 7  DG D "O3'"  1 
ATOM 1018 C "C2'"  . DG D 4 6  ? 2.931   10.033  1.702   1.00 84.47  ? 7  DG D "C2'"  1 
ATOM 1019 C "C1'"  . DG D 4 6  ? 3.536   9.430   2.962   1.00 95.01  ? 7  DG D "C1'"  1 
ATOM 1020 N N9     . DG D 4 6  ? 2.717   9.586   4.158   1.00 90.07  ? 7  DG D N9     1 
ATOM 1021 C C8     . DG D 4 6  ? 2.431   10.753  4.821   1.00 92.27  ? 7  DG D C8     1 
ATOM 1022 N N7     . DG D 4 6  ? 1.677   10.580  5.871   1.00 85.76  ? 7  DG D N7     1 
ATOM 1023 C C5     . DG D 4 6  ? 1.458   9.210   5.907   1.00 80.34  ? 7  DG D C5     1 
ATOM 1024 C C6     . DG D 4 6  ? 0.715   8.431   6.821   1.00 83.15  ? 7  DG D C6     1 
ATOM 1025 O O6     . DG D 4 6  ? 0.079   8.813   7.811   1.00 86.83  ? 7  DG D O6     1 
ATOM 1026 N N1     . DG D 4 6  ? 0.750   7.076   6.493   1.00 82.01  ? 7  DG D N1     1 
ATOM 1027 C C2     . DG D 4 6  ? 1.420   6.548   5.413   1.00 82.97  ? 7  DG D C2     1 
ATOM 1028 N N2     . DG D 4 6  ? 1.339   5.219   5.248   1.00 73.73  ? 7  DG D N2     1 
ATOM 1029 N N3     . DG D 4 6  ? 2.118   7.270   4.550   1.00 76.74  ? 7  DG D N3     1 
ATOM 1030 C C4     . DG D 4 6  ? 2.093   8.586   4.859   1.00 81.74  ? 7  DG D C4     1 
ATOM 1031 H "H5'"  . DG D 4 6  ? 6.828   11.528  2.664   1.00 124.56 ? 7  DG D "H5'"  1 
ATOM 1032 H "H5''" . DG D 4 6  ? 6.677   11.720  1.102   1.00 124.56 ? 7  DG D "H5''" 1 
ATOM 1033 H "H4'"  . DG D 4 6  ? 5.898   9.621   1.619   1.00 124.62 ? 7  DG D "H4'"  1 
ATOM 1034 H "H3'"  . DG D 4 6  ? 4.057   11.364  0.571   1.00 113.92 ? 7  DG D "H3'"  1 
ATOM 1035 H "H2'"  . DG D 4 6  ? 2.387   10.807  1.921   1.00 101.36 ? 7  DG D "H2'"  1 
ATOM 1036 H "H2''" . DG D 4 6  ? 2.409   9.371   1.223   1.00 101.36 ? 7  DG D "H2''" 1 
ATOM 1037 H "H1'"  . DG D 4 6  ? 3.712   8.488   2.814   1.00 114.01 ? 7  DG D "H1'"  1 
ATOM 1038 H H8     . DG D 4 6  ? 2.738   11.586  4.546   1.00 110.71 ? 7  DG D H8     1 
ATOM 1039 H H1     . DG D 4 6  ? 0.317   6.531   6.999   1.00 98.40  ? 7  DG D H1     1 
ATOM 1040 H H21    . DG D 4 6  ? 1.739   4.841   4.587   1.00 88.47  ? 7  DG D H21    1 
ATOM 1041 H H22    . DG D 4 6  ? 0.888   4.743   5.805   1.00 88.47  ? 7  DG D H22    1 
ATOM 1042 P P      . DT D 4 7  ? 3.349   9.514   -1.428  1.00 106.15 ? 8  DT D P      1 
ATOM 1043 O OP1    . DT D 4 7  ? 4.101   9.084   -2.629  1.00 105.40 ? 8  DT D OP1    1 
ATOM 1044 O OP2    . DT D 4 7  ? 2.566   10.770  -1.437  1.00 112.08 ? 8  DT D OP2    1 
ATOM 1045 O "O5'"  . DT D 4 7  ? 2.370   8.334   -0.987  1.00 82.32  ? 8  DT D "O5'"  1 
ATOM 1046 C "C5'"  . DT D 4 7  ? 2.884   7.035   -0.852  1.00 76.86  ? 8  DT D "C5'"  1 
ATOM 1047 C "C4'"  . DT D 4 7  ? 1.903   6.126   -0.147  1.00 75.21  ? 8  DT D "C4'"  1 
ATOM 1048 O "O4'"  . DT D 4 7  ? 1.403   6.755   1.047   1.00 76.28  ? 8  DT D "O4'"  1 
ATOM 1049 C "C3'"  . DT D 4 7  ? 0.659   5.777   -0.962  1.00 66.63  ? 8  DT D "C3'"  1 
ATOM 1050 O "O3'"  . DT D 4 7  ? 0.776   4.465   -1.486  1.00 72.93  ? 8  DT D "O3'"  1 
ATOM 1051 C "C2'"  . DT D 4 7  ? -0.510  5.916   0.040   1.00 70.90  ? 8  DT D "C2'"  1 
ATOM 1052 C "C1'"  . DT D 4 7  ? 0.200   6.106   1.369   1.00 73.39  ? 8  DT D "C1'"  1 
ATOM 1053 N N1     . DT D 4 7  ? -0.526  6.916   2.385   1.00 72.04  ? 8  DT D N1     1 
ATOM 1054 C C2     . DT D 4 7  ? -1.256  6.270   3.360   1.00 85.57  ? 8  DT D C2     1 
ATOM 1055 O O2     . DT D 4 7  ? -1.380  5.058   3.413   1.00 89.36  ? 8  DT D O2     1 
ATOM 1056 N N3     . DT D 4 7  ? -1.851  7.097   4.271   1.00 85.29  ? 8  DT D N3     1 
ATOM 1057 C C4     . DT D 4 7  ? -1.778  8.472   4.317   1.00 79.58  ? 8  DT D C4     1 
ATOM 1058 O O4     . DT D 4 7  ? -2.346  9.130   5.181   1.00 83.09  ? 8  DT D O4     1 
ATOM 1059 C C5     . DT D 4 7  ? -0.983  9.083   3.282   1.00 74.19  ? 8  DT D C5     1 
ATOM 1060 C C7     . DT D 4 7  ? -0.836  10.568  3.240   1.00 87.28  ? 8  DT D C7     1 
ATOM 1061 C C6     . DT D 4 7  ? -0.392  8.286   2.380   1.00 70.40  ? 8  DT D C6     1 
ATOM 1062 H "H5'"  . DT D 4 7  ? 3.707   7.072   -0.340  1.00 92.22  ? 8  DT D "H5'"  1 
ATOM 1063 H "H5''" . DT D 4 7  ? 3.074   6.676   -1.733  1.00 92.22  ? 8  DT D "H5''" 1 
ATOM 1064 H "H4'"  . DT D 4 7  ? 2.358   5.305   0.097   1.00 90.24  ? 8  DT D "H4'"  1 
ATOM 1065 H "H3'"  . DT D 4 7  ? 0.549   6.413   -1.685  1.00 79.94  ? 8  DT D "H3'"  1 
ATOM 1066 H "H2'"  . DT D 4 7  ? -1.053  6.691   -0.173  1.00 85.07  ? 8  DT D "H2'"  1 
ATOM 1067 H "H2''" . DT D 4 7  ? -1.049  5.110   0.051   1.00 85.07  ? 8  DT D "H2''" 1 
ATOM 1068 H "H1'"  . DT D 4 7  ? 0.404   5.235   1.745   1.00 88.06  ? 8  DT D "H1'"  1 
ATOM 1069 H H3     . DT D 4 7  ? -2.317  6.718   4.886   1.00 102.34 ? 8  DT D H3     1 
ATOM 1070 H H71    . DT D 4 7  ? 0.101   10.803  3.323   1.00 104.73 ? 8  DT D H71    1 
ATOM 1071 H H72    . DT D 4 7  ? -1.180  10.902  2.397   1.00 104.73 ? 8  DT D H72    1 
ATOM 1072 H H73    . DT D 4 7  ? -1.335  10.964  3.971   1.00 104.73 ? 8  DT D H73    1 
ATOM 1073 H H6     . DT D 4 7  ? 0.119   8.679   1.709   1.00 84.47  ? 8  DT D H6     1 
ATOM 1074 P P      . DG D 4 8  ? -0.094  4.023   -2.758  1.00 88.83  ? 9  DG D P      1 
ATOM 1075 O OP1    . DG D 4 8  ? 0.470   2.751   -3.267  1.00 81.33  ? 9  DG D OP1    1 
ATOM 1076 O OP2    . DG D 4 8  ? -0.219  5.201   -3.645  1.00 86.80  ? 9  DG D OP2    1 
ATOM 1077 O "O5'"  . DG D 4 8  ? -1.531  3.706   -2.140  1.00 77.36  ? 9  DG D "O5'"  1 
ATOM 1078 C "C5'"  . DG D 4 8  ? -1.776  2.432   -1.585  1.00 79.78  ? 9  DG D "C5'"  1 
ATOM 1079 C "C4'"  . DG D 4 8  ? -2.948  2.470   -0.626  1.00 84.75  ? 9  DG D "C4'"  1 
ATOM 1080 O "O4'"  . DG D 4 8  ? -2.911  3.692   0.147   1.00 89.59  ? 9  DG D "O4'"  1 
ATOM 1081 C "C3'"  . DG D 4 8  ? -4.326  2.436   -1.283  1.00 71.80  ? 9  DG D "C3'"  1 
ATOM 1082 O "O3'"  . DG D 4 8  ? -5.030  1.335   -0.813  1.00 88.67  ? 9  DG D "O3'"  1 
ATOM 1083 C "C2'"  . DG D 4 8  ? -4.989  3.755   -0.878  1.00 61.20  ? 9  DG D "C2'"  1 
ATOM 1084 C "C1'"  . DG D 4 8  ? -4.230  4.125   0.375   1.00 79.67  ? 9  DG D "C1'"  1 
ATOM 1085 N N9     . DG D 4 8  ? -4.199  5.551   0.666   1.00 78.79  ? 9  DG D N9     1 
ATOM 1086 C C8     . DG D 4 8  ? -3.667  6.538   -0.121  1.00 79.95  ? 9  DG D C8     1 
ATOM 1087 N N7     . DG D 4 8  ? -3.751  7.726   0.408   1.00 80.90  ? 9  DG D N7     1 
ATOM 1088 C C5     . DG D 4 8  ? -4.372  7.510   1.632   1.00 83.36  ? 9  DG D C5     1 
ATOM 1089 C C6     . DG D 4 8  ? -4.729  8.428   2.648   1.00 88.63  ? 9  DG D C6     1 
ATOM 1090 O O6     . DG D 4 8  ? -4.566  9.659   2.661   1.00 92.99  ? 9  DG D O6     1 
ATOM 1091 N N1     . DG D 4 8  ? -5.348  7.789   3.724   1.00 84.64  ? 9  DG D N1     1 
ATOM 1092 C C2     . DG D 4 8  ? -5.573  6.432   3.809   1.00 85.44  ? 9  DG D C2     1 
ATOM 1093 N N2     . DG D 4 8  ? -6.177  5.990   4.922   1.00 87.12  ? 9  DG D N2     1 
ATOM 1094 N N3     . DG D 4 8  ? -5.243  5.567   2.860   1.00 85.93  ? 9  DG D N3     1 
ATOM 1095 C C4     . DG D 4 8  ? -4.649  6.173   1.807   1.00 80.25  ? 9  DG D C4     1 
ATOM 1096 H "H5'"  . DG D 4 8  ? -0.986  2.135   -1.108  1.00 95.72  ? 9  DG D "H5'"  1 
ATOM 1097 H "H5''" . DG D 4 8  ? -1.971  1.806   -2.300  1.00 95.72  ? 9  DG D "H5''" 1 
ATOM 1098 H "H4'"  . DG D 4 8  ? -2.875  1.718   -0.019  1.00 101.69 ? 9  DG D "H4'"  1 
ATOM 1099 H "H3'"  . DG D 4 8  ? -4.235  2.389   -2.246  1.00 86.15  ? 9  DG D "H3'"  1 
ATOM 1100 H "H2'"  . DG D 4 8  ? -4.868  4.427   -1.566  1.00 73.43  ? 9  DG D "H2'"  1 
ATOM 1101 H "H2''" . DG D 4 8  ? -5.930  3.622   -0.685  1.00 73.43  ? 9  DG D "H2''" 1 
ATOM 1102 H "H1'"  . DG D 4 8  ? -4.601  3.648   1.134   1.00 95.59  ? 9  DG D "H1'"  1 
ATOM 1103 H H8     . DG D 4 8  ? -3.286  6.376   -0.953  1.00 95.93  ? 9  DG D H8     1 
ATOM 1104 H H1     . DG D 4 8  ? -5.596  8.277   4.388   1.00 101.56 ? 9  DG D H1     1 
ATOM 1105 H H21    . DG D 4 8  ? -6.347  5.151   5.016   1.00 104.53 ? 9  DG D H21    1 
ATOM 1106 H H22    . DG D 4 8  ? -6.394  6.544   5.543   1.00 104.53 ? 9  DG D H22    1 
ATOM 1107 P P      . DG D 4 9  ? -5.754  0.380   -1.861  1.00 114.18 ? 10 DG D P      1 
ATOM 1108 O OP1    . DG D 4 9  ? -6.668  1.287   -2.590  1.00 93.19  ? 10 DG D OP1    1 
ATOM 1109 O OP2    . DG D 4 9  ? -6.259  -0.832  -1.172  1.00 130.24 ? 10 DG D OP2    1 
ATOM 1110 O "O5'"  . DG D 4 9  ? -4.573  -0.068  -2.840  1.00 82.81  ? 10 DG D "O5'"  1 
ATOM 1111 C "C5'"  . DG D 4 9  ? -4.860  -0.925  -3.933  1.00 105.24 ? 10 DG D "C5'"  1 
ATOM 1112 C "C4'"  . DG D 4 9  ? -6.100  -0.459  -4.694  1.00 101.61 ? 10 DG D "C4'"  1 
ATOM 1113 O "O4'"  . DG D 4 9  ? -5.800  0.773   -5.408  1.00 78.91  ? 10 DG D "O4'"  1 
ATOM 1114 C "C3'"  . DG D 4 9  ? -6.622  -1.440  -5.744  1.00 92.46  ? 10 DG D "C3'"  1 
ATOM 1115 O "O3'"  . DG D 4 9  ? -7.821  -2.041  -5.296  1.00 91.12  ? 10 DG D "O3'"  1 
ATOM 1116 C "C2'"  . DG D 4 9  ? -6.839  -0.571  -6.974  1.00 65.91  ? 10 DG D "C2'"  1 
ATOM 1117 C "C1'"  . DG D 4 9  ? -5.799  0.513   -6.785  1.00 69.70  ? 10 DG D "C1'"  1 
ATOM 1118 N N9     . DG D 4 9  ? -4.436  0.149   -7.174  1.00 80.86  ? 10 DG D N9     1 
ATOM 1119 C C8     . DG D 4 9  ? -3.279  0.525   -6.538  1.00 68.64  ? 10 DG D C8     1 
ATOM 1120 N N7     . DG D 4 9  ? -2.200  0.063   -7.101  1.00 66.60  ? 10 DG D N7     1 
ATOM 1121 C C5     . DG D 4 9  ? -2.669  -0.662  -8.183  1.00 71.58  ? 10 DG D C5     1 
ATOM 1122 C C6     . DG D 4 9  ? -1.960  -1.384  -9.164  1.00 71.92  ? 10 DG D C6     1 
ATOM 1123 O O6     . DG D 4 9  ? -0.738  -1.530  -9.265  1.00 71.93  ? 10 DG D O6     1 
ATOM 1124 N N1     . DG D 4 9  ? -2.812  -1.971  -10.094 1.00 76.20  ? 10 DG D N1     1 
ATOM 1125 C C2     . DG D 4 9  ? -4.185  -1.871  -10.071 1.00 86.37  ? 10 DG D C2     1 
ATOM 1126 N N2     . DG D 4 9  ? -4.850  -2.510  -11.048 1.00 95.87  ? 10 DG D N2     1 
ATOM 1127 N N3     . DG D 4 9  ? -4.861  -1.197  -9.154  1.00 78.09  ? 10 DG D N3     1 
ATOM 1128 C C4     . DG D 4 9  ? -4.044  -0.622  -8.244  1.00 69.40  ? 10 DG D C4     1 
ATOM 1129 H "H5'"  . DG D 4 9  ? -5.012  -1.824  -3.600  1.00 126.28 ? 10 DG D "H5'"  1 
ATOM 1130 H "H5''" . DG D 4 9  ? -4.102  -0.934  -4.537  1.00 126.28 ? 10 DG D "H5''" 1 
ATOM 1131 H "H4'"  . DG D 4 9  ? -6.808  -0.283  -4.055  1.00 121.92 ? 10 DG D "H4'"  1 
ATOM 1132 H "H3'"  . DG D 4 9  ? -5.954  -2.120  -5.927  1.00 110.95 ? 10 DG D "H3'"  1 
ATOM 1133 H "H2'"  . DG D 4 9  ? -6.669  -1.074  -7.786  1.00 79.08  ? 10 DG D "H2'"  1 
ATOM 1134 H "H2''" . DG D 4 9  ? -7.732  -0.195  -6.979  1.00 79.08  ? 10 DG D "H2''" 1 
ATOM 1135 H "H1'"  . DG D 4 9  ? -6.070  1.310   -7.266  1.00 83.63  ? 10 DG D "H1'"  1 
ATOM 1136 H H8     . DG D 4 9  ? -3.268  1.050   -5.771  1.00 82.35  ? 10 DG D H8     1 
ATOM 1137 H H1     . DG D 4 9  ? -2.457  -2.434  -10.725 1.00 91.42  ? 10 DG D H1     1 
ATOM 1138 H H21    . DG D 4 9  ? -5.710  -2.478  -11.075 1.00 115.04 ? 10 DG D H21    1 
ATOM 1139 H H22    . DG D 4 9  ? -4.417  -2.949  -11.648 1.00 115.04 ? 10 DG D H22    1 
ATOM 1140 P P      . DG D 4 10 ? -7.763  -3.352  -4.377  1.00 91.39  ? 11 DG D P      1 
ATOM 1141 O OP1    . DG D 4 10 ? -9.148  -3.645  -3.940  1.00 93.68  ? 11 DG D OP1    1 
ATOM 1142 O OP2    . DG D 4 10 ? -6.690  -3.174  -3.374  1.00 80.59  ? 11 DG D OP2    1 
ATOM 1143 O "O5'"  . DG D 4 10 ? -7.299  -4.485  -5.396  1.00 97.86  ? 11 DG D "O5'"  1 
ATOM 1144 C "C5'"  . DG D 4 10 ? -8.076  -4.735  -6.554  1.00 88.65  ? 11 DG D "C5'"  1 
ATOM 1145 C "C4'"  . DG D 4 10 ? -7.190  -5.126  -7.718  1.00 84.93  ? 11 DG D "C4'"  1 
ATOM 1146 O "O4'"  . DG D 4 10 ? -6.083  -4.210  -7.814  1.00 76.13  ? 11 DG D "O4'"  1 
ATOM 1147 C "C3'"  . DG D 4 10 ? -6.526  -6.479  -7.597  1.00 100.53 ? 11 DG D "C3'"  1 
ATOM 1148 O "O3'"  . DG D 4 10 ? -7.407  -7.510  -8.008  1.00 110.98 ? 11 DG D "O3'"  1 
ATOM 1149 C "C2'"  . DG D 4 10 ? -5.306  -6.341  -8.509  1.00 86.64  ? 11 DG D "C2'"  1 
ATOM 1150 C "C1'"  . DG D 4 10 ? -5.022  -4.839  -8.511  1.00 68.98  ? 11 DG D "C1'"  1 
ATOM 1151 N N9     . DG D 4 10 ? -3.765  -4.464  -7.871  1.00 70.44  ? 11 DG D N9     1 
ATOM 1152 C C8     . DG D 4 10 ? -3.612  -3.757  -6.704  1.00 82.47  ? 11 DG D C8     1 
ATOM 1153 N N7     . DG D 4 10 ? -2.362  -3.546  -6.381  1.00 80.19  ? 11 DG D N7     1 
ATOM 1154 C C5     . DG D 4 10 ? -1.641  -4.148  -7.401  1.00 78.92  ? 11 DG D C5     1 
ATOM 1155 C C6     . DG D 4 10 ? -0.240  -4.248  -7.589  1.00 80.09  ? 11 DG D C6     1 
ATOM 1156 O O6     . DG D 4 10 ? 0.666   -3.807  -6.863  1.00 81.17  ? 11 DG D O6     1 
ATOM 1157 N N1     . DG D 4 10 ? 0.073   -4.946  -8.756  1.00 81.83  ? 11 DG D N1     1 
ATOM 1158 C C2     . DG D 4 10 ? -0.852  -5.480  -9.625  1.00 84.61  ? 11 DG D C2     1 
ATOM 1159 N N2     . DG D 4 10 ? -0.365  -6.120  -10.699 1.00 89.68  ? 11 DG D N2     1 
ATOM 1160 N N3     . DG D 4 10 ? -2.167  -5.394  -9.458  1.00 75.60  ? 11 DG D N3     1 
ATOM 1161 C C4     . DG D 4 10 ? -2.488  -4.716  -8.329  1.00 75.35  ? 11 DG D C4     1 
ATOM 1162 H "H5'"  . DG D 4 10 ? -8.571  -3.933  -6.786  1.00 106.37 ? 11 DG D "H5'"  1 
ATOM 1163 H "H5''" . DG D 4 10 ? -8.700  -5.454  -6.372  1.00 106.37 ? 11 DG D "H5''" 1 
ATOM 1164 H "H4'"  . DG D 4 10 ? -7.706  -5.095  -8.540  1.00 101.91 ? 11 DG D "H4'"  1 
ATOM 1165 H "H3'"  . DG D 4 10 ? -6.241  -6.628  -6.681  1.00 120.63 ? 11 DG D "H3'"  1 
ATOM 1166 H "H2'"  . DG D 4 10 ? -4.551  -6.830  -8.144  1.00 103.96 ? 11 DG D "H2'"  1 
ATOM 1167 H "H2''" . DG D 4 10 ? -5.514  -6.650  -9.404  1.00 103.96 ? 11 DG D "H2''" 1 
ATOM 1168 H "H1'"  . DG D 4 10 ? -5.015  -4.521  -9.427  1.00 82.76  ? 11 DG D "H1'"  1 
ATOM 1169 H H8     . DG D 4 10 ? -4.328  -3.453  -6.194  1.00 98.95  ? 11 DG D H8     1 
ATOM 1170 H H1     . DG D 4 10 ? 0.905   -5.053  -8.946  1.00 98.19  ? 11 DG D H1     1 
ATOM 1171 H H21    . DG D 4 10 ? -0.903  -6.469  -11.271 1.00 107.60 ? 11 DG D H21    1 
ATOM 1172 H H22    . DG D 4 10 ? 0.485   -6.180  -10.814 1.00 107.60 ? 11 DG D H22    1 
ATOM 1173 P P      . DT D 4 11 ? -7.591  -8.811  -7.088  1.00 117.16 ? 12 DT D P      1 
ATOM 1174 O OP1    . DT D 4 11 ? -8.905  -9.410  -7.428  1.00 99.26  ? 12 DT D OP1    1 
ATOM 1175 O OP2    . DT D 4 11 ? -7.304  -8.407  -5.691  1.00 111.45 ? 12 DT D OP2    1 
ATOM 1176 O "O5'"  . DT D 4 11 ? -6.420  -9.787  -7.578  1.00 102.85 ? 12 DT D "O5'"  1 
ATOM 1177 C "C5'"  . DT D 4 11 ? -6.540  -10.446 -8.834  1.00 104.31 ? 12 DT D "C5'"  1 
ATOM 1178 C "C4'"  . DT D 4 11 ? -5.211  -10.488 -9.554  1.00 98.57  ? 12 DT D "C4'"  1 
ATOM 1179 O "O4'"  . DT D 4 11 ? -4.367  -9.434  -9.068  1.00 89.92  ? 12 DT D "O4'"  1 
ATOM 1180 C "C3'"  . DT D 4 11 ? -4.384  -11.741 -9.326  1.00 116.03 ? 12 DT D "C3'"  1 
ATOM 1181 O "O3'"  . DT D 4 11 ? -4.699  -12.753 -10.271 1.00 133.48 ? 12 DT D "O3'"  1 
ATOM 1182 C "C2'"  . DT D 4 11 ? -2.940  -11.251 -9.475  1.00 103.46 ? 12 DT D "C2'"  1 
ATOM 1183 C "C1'"  . DT D 4 11 ? -3.050  -9.731  -9.458  1.00 92.23  ? 12 DT D "C1'"  1 
ATOM 1184 N N1     . DT D 4 11 ? -2.106  -9.057  -8.522  1.00 88.11  ? 12 DT D N1     1 
ATOM 1185 C C2     . DT D 4 11 ? -0.751  -9.091  -8.780  1.00 98.43  ? 12 DT D C2     1 
ATOM 1186 O O2     . DT D 4 11 ? -0.265  -9.668  -9.735  1.00 104.05 ? 12 DT D O2     1 
ATOM 1187 N N3     . DT D 4 11 ? 0.021   -8.423  -7.870  1.00 89.97  ? 12 DT D N3     1 
ATOM 1188 C C4     . DT D 4 11 ? -0.415  -7.740  -6.753  1.00 90.25  ? 12 DT D C4     1 
ATOM 1189 O O4     . DT D 4 11 ? 0.361   -7.168  -5.991  1.00 85.04  ? 12 DT D O4     1 
ATOM 1190 C C5     . DT D 4 11 ? -1.846  -7.737  -6.551  1.00 84.39  ? 12 DT D C5     1 
ATOM 1191 C C7     . DT D 4 11 ? -2.442  -7.025  -5.379  1.00 78.93  ? 12 DT D C7     1 
ATOM 1192 C C6     . DT D 4 11 ? -2.612  -8.387  -7.434  1.00 81.44  ? 12 DT D C6     1 
ATOM 1193 H "H5'"  . DT D 4 11 ? -7.184  -9.972  -9.382  1.00 125.16 ? 12 DT D "H5'"  1 
ATOM 1194 H "H5''" . DT D 4 11 ? -6.852  -11.353 -8.689  1.00 125.16 ? 12 DT D "H5''" 1 
ATOM 1195 H "H4'"  . DT D 4 11 ? -5.358  -10.369 -10.505 1.00 118.28 ? 12 DT D "H4'"  1 
ATOM 1196 H "H3'"  . DT D 4 11 ? -4.529  -12.072 -8.426  1.00 139.23 ? 12 DT D "H3'"  1 
ATOM 1197 H "H2'"  . DT D 4 11 ? -2.399  -11.559 -8.731  1.00 124.15 ? 12 DT D "H2'"  1 
ATOM 1198 H "H2''" . DT D 4 11 ? -2.565  -11.553 -10.317 1.00 124.15 ? 12 DT D "H2''" 1 
ATOM 1199 H "H1'"  . DT D 4 11 ? -2.901  -9.393  -10.354 1.00 110.67 ? 12 DT D "H1'"  1 
ATOM 1200 H H3     . DT D 4 11 ? 0.871   -8.436  -8.003  1.00 107.96 ? 12 DT D H3     1 
ATOM 1201 H H71    . DT D 4 11 ? -3.047  -6.334  -5.694  1.00 94.70  ? 12 DT D H71    1 
ATOM 1202 H H72    . DT D 4 11 ? -2.933  -7.657  -4.831  1.00 94.70  ? 12 DT D H72    1 
ATOM 1203 H H73    . DT D 4 11 ? -1.736  -6.621  -4.852  1.00 94.70  ? 12 DT D H73    1 
ATOM 1204 H H6     . DT D 4 11 ? -3.533  -8.384  -7.307  1.00 97.72  ? 12 DT D H6     1 
ATOM 1205 P P      . DC D 4 12 ? -4.263  -14.271 -9.978  1.00 149.14 ? 13 DC D P      1 
ATOM 1206 O OP1    . DC D 4 12 ? -5.426  -15.144 -10.270 1.00 137.41 ? 13 DC D OP1    1 
ATOM 1207 O OP2    . DC D 4 12 ? -3.630  -14.283 -8.641  1.00 141.59 ? 13 DC D OP2    1 
ATOM 1208 O "O5'"  . DC D 4 12 ? -3.088  -14.559 -11.024 1.00 128.86 ? 13 DC D "O5'"  1 
ATOM 1209 C "C5'"  . DC D 4 12 ? -2.069  -15.500 -10.702 1.00 131.75 ? 13 DC D "C5'"  1 
ATOM 1210 C "C4'"  . DC D 4 12 ? -0.723  -14.815 -10.587 1.00 133.03 ? 13 DC D "C4'"  1 
ATOM 1211 O "O4'"  . DC D 4 12 ? -0.821  -13.674 -9.709  1.00 116.33 ? 13 DC D "O4'"  1 
ATOM 1212 C "C3'"  . DC D 4 12 ? 0.395   -15.634 -9.954  1.00 153.75 ? 13 DC D "C3'"  1 
ATOM 1213 O "O3'"  . DC D 4 12 ? 1.037   -16.505 -10.902 1.00 167.98 ? 13 DC D "O3'"  1 
ATOM 1214 C "C2'"  . DC D 4 12 ? 1.342   -14.547 -9.430  1.00 144.45 ? 13 DC D "C2'"  1 
ATOM 1215 C "C1'"  . DC D 4 12 ? 0.505   -13.278 -9.438  1.00 131.58 ? 13 DC D "C1'"  1 
ATOM 1216 N N1     . DC D 4 12 ? 0.587   -12.487 -8.171  1.00 124.63 ? 13 DC D N1     1 
ATOM 1217 C C2     . DC D 4 12 ? 1.813   -11.919 -7.804  1.00 120.30 ? 13 DC D C2     1 
ATOM 1218 O O2     . DC D 4 12 ? 2.805   -12.115 -8.517  1.00 123.31 ? 13 DC D O2     1 
ATOM 1219 N N3     . DC D 4 12 ? 1.885   -11.174 -6.675  1.00 114.07 ? 13 DC D N3     1 
ATOM 1220 C C4     . DC D 4 12 ? 0.794   -10.986 -5.932  1.00 116.15 ? 13 DC D C4     1 
ATOM 1221 N N4     . DC D 4 12 ? 0.912   -10.246 -4.822  1.00 112.51 ? 13 DC D N4     1 
ATOM 1222 C C5     . DC D 4 12 ? -0.467  -11.551 -6.294  1.00 108.23 ? 13 DC D C5     1 
ATOM 1223 C C6     . DC D 4 12 ? -0.520  -12.290 -7.407  1.00 112.27 ? 13 DC D C6     1 
ATOM 1224 H "H5'"  . DC D 4 12 ? -2.025  -16.173 -11.398 1.00 158.09 ? 13 DC D "H5'"  1 
ATOM 1225 H "H5''" . DC D 4 12 ? -2.283  -15.927 -9.858  1.00 158.09 ? 13 DC D "H5''" 1 
ATOM 1226 H "H4'"  . DC D 4 12 ? -0.441  -14.516 -11.465 1.00 159.62 ? 13 DC D "H4'"  1 
ATOM 1227 H "H3'"  . DC D 4 12 ? 0.045   -16.152 -9.213  1.00 184.49 ? 13 DC D "H3'"  1 
ATOM 1228 H "H2'"  . DC D 4 12 ? 1.630   -14.757 -8.528  1.00 173.33 ? 13 DC D "H2'"  1 
ATOM 1229 H "H2''" . DC D 4 12 ? 2.107   -14.452 -10.019 1.00 173.33 ? 13 DC D "H2''" 1 
ATOM 1230 H "H1'"  . DC D 4 12 ? 0.811   -12.716 -10.168 1.00 157.89 ? 13 DC D "H1'"  1 
ATOM 1231 H H41    . DC D 4 12 ? 0.227   -10.106 -4.322  1.00 135.00 ? 13 DC D H41    1 
ATOM 1232 H H42    . DC D 4 12 ? 1.675   -9.911  -4.609  1.00 135.00 ? 13 DC D H42    1 
ATOM 1233 H H5     . DC D 4 12 ? -1.225  -11.412 -5.771  1.00 129.87 ? 13 DC D H5     1 
ATOM 1234 H H6     . DC D 4 12 ? -1.331  -12.661 -7.673  1.00 134.71 ? 13 DC D H6     1 
ATOM 1235 P P      . DT D 4 13 ? 1.961   -17.723 -10.386 1.00 173.17 ? 14 DT D P      1 
ATOM 1236 O OP1    . DT D 4 13 ? 1.622   -18.911 -11.194 1.00 183.97 ? 14 DT D OP1    1 
ATOM 1237 O OP2    . DT D 4 13 ? 1.857   -17.781 -8.911  1.00 160.46 ? 14 DT D OP2    1 
ATOM 1238 O "O5'"  . DT D 4 13 ? 3.464   -17.272 -10.720 1.00 167.62 ? 14 DT D "O5'"  1 
ATOM 1239 C "C5'"  . DT D 4 13 ? 3.981   -16.096 -10.135 1.00 165.14 ? 14 DT D "C5'"  1 
ATOM 1240 C "C4'"  . DT D 4 13 ? 5.373   -16.287 -9.588  1.00 168.07 ? 14 DT D "C4'"  1 
ATOM 1241 O "O4'"  . DT D 4 13 ? 5.562   -15.345 -8.496  1.00 160.59 ? 14 DT D "O4'"  1 
ATOM 1242 C "C3'"  . DT D 4 13 ? 5.645   -17.647 -8.976  1.00 172.46 ? 14 DT D "C3'"  1 
ATOM 1243 O "O3'"  . DT D 4 13 ? 7.043   -17.935 -8.966  1.00 178.66 ? 14 DT D "O3'"  1 
ATOM 1244 C "C2'"  . DT D 4 13 ? 5.073   -17.475 -7.578  1.00 166.73 ? 14 DT D "C2'"  1 
ATOM 1245 C "C1'"  . DT D 4 13 ? 5.448   -16.023 -7.252  1.00 160.68 ? 14 DT D "C1'"  1 
ATOM 1246 N N1     . DT D 4 13 ? 4.456   -15.287 -6.353  1.00 149.04 ? 14 DT D N1     1 
ATOM 1247 C C2     . DT D 4 13 ? 4.924   -14.290 -5.524  1.00 136.22 ? 14 DT D C2     1 
ATOM 1248 O O2     . DT D 4 13 ? 6.095   -13.952 -5.481  1.00 127.55 ? 14 DT D O2     1 
ATOM 1249 N N3     . DT D 4 13 ? 3.967   -13.691 -4.745  1.00 130.76 ? 14 DT D N3     1 
ATOM 1250 C C4     . DT D 4 13 ? 2.616   -13.984 -4.706  1.00 131.11 ? 14 DT D C4     1 
ATOM 1251 O O4     . DT D 4 13 ? 1.836   -13.387 -3.970  1.00 125.66 ? 14 DT D O4     1 
ATOM 1252 C C5     . DT D 4 13 ? 2.186   -15.041 -5.589  1.00 134.03 ? 14 DT D C5     1 
ATOM 1253 C C7     . DT D 4 13 ? 0.740   -15.444 -5.630  1.00 135.00 ? 14 DT D C7     1 
ATOM 1254 C C6     . DT D 4 13 ? 3.112   -15.638 -6.361  1.00 143.47 ? 14 DT D C6     1 
ATOM 1255 H "H5'"  . DT D 4 13 ? 3.395   -15.822 -9.412  1.00 198.15 ? 14 DT D "H5'"  1 
ATOM 1256 H "H5''" . DT D 4 13 ? 4.001   -15.395 -10.805 1.00 198.15 ? 14 DT D "H5''" 1 
ATOM 1257 H "H4'"  . DT D 4 13 ? 6.023   -16.109 -10.285 1.00 201.68 ? 14 DT D "H4'"  1 
ATOM 1258 H "H3'"  . DT D 4 13 ? 5.160   -18.337 -9.456  1.00 206.94 ? 14 DT D "H3'"  1 
ATOM 1259 H "H2'"  . DT D 4 13 ? 4.110   -17.589 -7.584  1.00 200.06 ? 14 DT D "H2'"  1 
ATOM 1260 H "H2''" . DT D 4 13 ? 5.493   -18.088 -6.956  1.00 200.06 ? 14 DT D "H2''" 1 
ATOM 1261 H "H1'"  . DT D 4 13 ? 6.317   -16.020 -6.819  1.00 192.80 ? 14 DT D "H1'"  1 
ATOM 1262 H H3     . DT D 4 13 ? 4.236   -13.062 -4.224  1.00 156.90 ? 14 DT D H3     1 
ATOM 1263 H H71    . DT D 4 13 ? 0.393   -15.313 -6.527  1.00 161.99 ? 14 DT D H71    1 
ATOM 1264 H H72    . DT D 4 13 ? 0.658   -16.379 -5.385  1.00 161.99 ? 14 DT D H72    1 
ATOM 1265 H H73    . DT D 4 13 ? 0.235   -14.900 -5.006  1.00 161.99 ? 14 DT D H73    1 
ATOM 1266 H H6     . DT D 4 13 ? 2.839   -16.321 -6.930  1.00 172.15 ? 14 DT D H6     1 
ATOM 1267 P P      . DG D 4 14 ? 7.577   -19.352 -8.430  1.00 180.17 ? 15 DG D P      1 
ATOM 1268 O OP1    . DG D 4 14 ? 8.540   -19.869 -9.427  1.00 174.87 ? 15 DG D OP1    1 
ATOM 1269 O OP2    . DG D 4 14 ? 6.397   -20.160 -8.042  1.00 172.33 ? 15 DG D OP2    1 
ATOM 1270 O "O5'"  . DG D 4 14 ? 8.411   -18.980 -7.116  1.00 154.55 ? 15 DG D "O5'"  1 
ATOM 1271 C "C5'"  . DG D 4 14 ? 9.520   -18.093 -7.206  1.00 153.98 ? 15 DG D "C5'"  1 
ATOM 1272 C "C4'"  . DG D 4 14 ? 9.851   -17.512 -5.848  1.00 152.79 ? 15 DG D "C4'"  1 
ATOM 1273 O "O4'"  . DG D 4 14 ? 8.666   -16.852 -5.311  1.00 150.16 ? 15 DG D "O4'"  1 
ATOM 1274 C "C3'"  . DG D 4 14 ? 10.270  -18.544 -4.796  1.00 148.78 ? 15 DG D "C3'"  1 
ATOM 1275 O "O3'"  . DG D 4 14 ? 11.349  -18.055 -3.995  1.00 162.32 ? 15 DG D "O3'"  1 
ATOM 1276 C "C2'"  . DG D 4 14 ? 8.999   -18.737 -3.991  1.00 137.14 ? 15 DG D "C2'"  1 
ATOM 1277 C "C1'"  . DG D 4 14 ? 8.415   -17.338 -4.013  1.00 138.67 ? 15 DG D "C1'"  1 
ATOM 1278 N N9     . DG D 4 14 ? 6.983   -17.287 -3.727  1.00 138.16 ? 15 DG D N9     1 
ATOM 1279 C C8     . DG D 4 14 ? 5.996   -18.099 -4.240  1.00 139.48 ? 15 DG D C8     1 
ATOM 1280 N N7     . DG D 4 14 ? 4.804   -17.825 -3.778  1.00 128.44 ? 15 DG D N7     1 
ATOM 1281 C C5     . DG D 4 14 ? 5.016   -16.769 -2.899  1.00 132.29 ? 15 DG D C5     1 
ATOM 1282 C C6     . DG D 4 14 ? 4.098   -16.046 -2.100  1.00 120.94 ? 15 DG D C6     1 
ATOM 1283 O O6     . DG D 4 14 ? 2.871   -16.204 -2.006  1.00 114.43 ? 15 DG D O6     1 
ATOM 1284 N N1     . DG D 4 14 ? 4.734   -15.051 -1.354  1.00 124.01 ? 15 DG D N1     1 
ATOM 1285 C C2     . DG D 4 14 ? 6.089   -14.792 -1.381  1.00 126.57 ? 15 DG D C2     1 
ATOM 1286 N N2     . DG D 4 14 ? 6.528   -13.795 -0.596  1.00 114.90 ? 15 DG D N2     1 
ATOM 1287 N N3     . DG D 4 14 ? 6.956   -15.462 -2.126  1.00 129.22 ? 15 DG D N3     1 
ATOM 1288 C C4     . DG D 4 14 ? 6.352   -16.430 -2.856  1.00 136.50 ? 15 DG D C4     1 
ATOM 1289 H "H5'"  . DG D 4 14 ? 9.304   -17.371 -7.817  1.00 184.77 ? 15 DG D "H5'"  1 
ATOM 1290 H "H5''" . DG D 4 14 ? 10.290  -18.577 -7.542  1.00 184.77 ? 15 DG D "H5''" 1 
ATOM 1291 H "H4'"  . DG D 4 14 ? 10.560  -16.857 -5.948  1.00 183.34 ? 15 DG D "H4'"  1 
ATOM 1292 H "H3'"  . DG D 4 14 ? 10.521  -19.375 -5.228  1.00 178.53 ? 15 DG D "H3'"  1 
ATOM 1293 H "H2'"  . DG D 4 14 ? 8.405   -19.368 -4.426  1.00 164.55 ? 15 DG D "H2'"  1 
ATOM 1294 H "H2''" . DG D 4 14 ? 9.203   -19.015 -3.084  1.00 164.55 ? 15 DG D "H2''" 1 
ATOM 1295 H "H1'"  . DG D 4 14 ? 8.887   -16.786 -3.369  1.00 166.39 ? 15 DG D "H1'"  1 
ATOM 1296 H H8     . DG D 4 14 ? 6.161   -18.775 -4.857  1.00 167.37 ? 15 DG D H8     1 
ATOM 1297 H H1     . DG D 4 14 ? 4.246   -14.565 -0.839  1.00 148.80 ? 15 DG D H1     1 
ATOM 1298 H H21    . DG D 4 14 ? 7.365   -13.596 -0.579  1.00 137.87 ? 15 DG D H21    1 
ATOM 1299 H H22    . DG D 4 14 ? 5.972   -13.354 -0.110  1.00 137.87 ? 15 DG D H22    1 
ATOM 1300 P P      . DC D 4 15 ? 12.119  -19.046 -2.989  1.00 160.97 ? 16 DC D P      1 
ATOM 1301 O OP1    . DC D 4 15 ? 13.575  -18.844 -3.169  1.00 158.85 ? 16 DC D OP1    1 
ATOM 1302 O OP2    . DC D 4 15 ? 11.533  -20.389 -3.182  1.00 165.45 ? 16 DC D OP2    1 
ATOM 1303 O "O5'"  . DC D 4 15 ? 11.689  -18.540 -1.530  1.00 152.91 ? 16 DC D "O5'"  1 
ATOM 1304 C "C5'"  . DC D 4 15 ? 12.593  -17.778 -0.729  1.00 148.59 ? 16 DC D "C5'"  1 
ATOM 1305 C "C4'"  . DC D 4 15 ? 11.904  -16.545 -0.177  1.00 153.06 ? 16 DC D "C4'"  1 
ATOM 1306 O "O4'"  . DC D 4 15 ? 10.517  -16.539 -0.619  1.00 148.84 ? 16 DC D "O4'"  1 
ATOM 1307 C "C3'"  . DC D 4 15 ? 11.870  -16.447 1.349   1.00 175.18 ? 16 DC D "C3'"  1 
ATOM 1308 O "O3'"  . DC D 4 15 ? 12.200  -15.132 1.771   1.00 183.48 ? 16 DC D "O3'"  1 
ATOM 1309 C "C2'"  . DC D 4 15 ? 10.438  -16.826 1.710   1.00 152.09 ? 16 DC D "C2'"  1 
ATOM 1310 C "C1'"  . DC D 4 15 ? 9.653   -16.384 0.486   1.00 142.71 ? 16 DC D "C1'"  1 
ATOM 1311 N N1     . DC D 4 15 ? 8.412   -17.184 0.243   1.00 129.75 ? 16 DC D N1     1 
ATOM 1312 C C2     . DC D 4 15 ? 7.258   -16.899 0.975   1.00 123.85 ? 16 DC D C2     1 
ATOM 1313 O O2     . DC D 4 15 ? 7.287   -15.989 1.811   1.00 124.73 ? 16 DC D O2     1 
ATOM 1314 N N3     . DC D 4 15 ? 6.134   -17.625 0.749   1.00 119.00 ? 16 DC D N3     1 
ATOM 1315 C C4     . DC D 4 15 ? 6.143   -18.600 -0.161  1.00 123.10 ? 16 DC D C4     1 
ATOM 1316 N N4     . DC D 4 15 ? 5.009   -19.291 -0.346  1.00 121.67 ? 16 DC D N4     1 
ATOM 1317 C C5     . DC D 4 15 ? 7.313   -18.909 -0.918  1.00 126.71 ? 16 DC D C5     1 
ATOM 1318 C C6     . DC D 4 15 ? 8.414   -18.181 -0.685  1.00 130.54 ? 16 DC D C6     1 
ATOM 1319 H "H5'"  . DC D 4 15 ? 13.350  -17.506 -1.271  1.00 178.30 ? 16 DC D "H5'"  1 
ATOM 1320 H "H5''" . DC D 4 15 ? 12.907  -18.325 0.008   1.00 178.30 ? 16 DC D "H5''" 1 
ATOM 1321 H "H4'"  . DC D 4 15 ? 12.346  -15.757 -0.530  1.00 183.67 ? 16 DC D "H4'"  1 
ATOM 1322 H "H3'"  . DC D 4 15 ? 12.490  -17.086 1.736   1.00 210.21 ? 16 DC D "H3'"  1 
ATOM 1323 H "HO3'" . DC D 4 15 ? 12.866  -15.005 2.267   1.00 220.17 ? 16 DC D "HO3'" 1 
ATOM 1324 H "H2'"  . DC D 4 15 ? 10.360  -17.783 1.840   1.00 182.50 ? 16 DC D "H2'"  1 
ATOM 1325 H "H2''" . DC D 4 15 ? 10.144  -16.344 2.498   1.00 182.50 ? 16 DC D "H2''" 1 
ATOM 1326 H "H1'"  . DC D 4 15 ? 9.417   -15.448 0.578   1.00 171.24 ? 16 DC D "H1'"  1 
ATOM 1327 H H41    . DC D 4 15 ? 4.982   -19.926 -0.926  1.00 145.99 ? 16 DC D H41    1 
ATOM 1328 H H42    . DC D 4 15 ? 4.309   -19.099 0.115   1.00 145.99 ? 16 DC D H42    1 
ATOM 1329 H H5     . DC D 4 15 ? 7.311   -19.589 -1.552  1.00 152.04 ? 16 DC D H5     1 
ATOM 1330 H H6     . DC D 4 15 ? 9.191   -18.358 -1.165  1.00 156.63 ? 16 DC D H6     1 
# 
loop_
_pdbx_poly_seq_scheme.asym_id 
_pdbx_poly_seq_scheme.entity_id 
_pdbx_poly_seq_scheme.seq_id 
_pdbx_poly_seq_scheme.mon_id 
_pdbx_poly_seq_scheme.ndb_seq_num 
_pdbx_poly_seq_scheme.pdb_seq_num 
_pdbx_poly_seq_scheme.auth_seq_num 
_pdbx_poly_seq_scheme.pdb_mon_id 
_pdbx_poly_seq_scheme.auth_mon_id 
_pdbx_poly_seq_scheme.pdb_strand_id 
_pdbx_poly_seq_scheme.pdb_ins_code 
_pdbx_poly_seq_scheme.hetero 
A 1 1  DG 1  1  1  DG DG A . n 
A 1 2  DA 2  2  2  DA DA A . n 
A 1 3  DG 3  3  3  DG DG A . n 
A 1 4  DC 4  4  4  DC DC A . n 
A 1 5  DA 5  5  5  DA DA A . n 
A 1 6  DG 6  6  6  DG DG A . n 
A 1 7  DA 7  7  7  DA DA A . n 
A 1 8  DC 8  8  8  DC DC A . n 
A 1 9  DC 9  9  9  DC DC A . n 
A 1 10 DT 10 10 10 DT DT A . n 
A 1 11 DG 11 11 11 DG DG A . n 
A 1 12 DA 12 12 12 DA DA A . n 
B 2 1  DC 1  12 12 DC DC B . n 
B 2 2  DG 2  13 13 DG DG B . n 
B 2 3  DT 3  14 14 DT DT B . n 
B 2 4  DC 4  15 15 DC DC B . n 
B 2 5  DA 5  16 16 DA DA B . n 
B 2 6  DC 6  17 17 DC DC B . n 
B 2 7  DT 7  18 18 DT DT B . n 
B 2 8  DC 8  19 19 DC DC B . n 
B 2 9  DA 9  20 20 DA DA B . n 
C 3 1  DT 1  0  0  DT DT C . n 
C 3 2  DC 2  1  1  DC DC C . n 
C 3 3  DA 3  2  2  DA DA C . n 
C 3 4  DA 4  3  3  DA DA C . n 
C 3 5  DC 5  4  4  DC DC C . n 
C 3 6  DG 6  5  5  DG DG C . n 
D 4 1  DT 1  2  2  DT DT D . n 
D 4 2  DC 2  3  3  DC DC D . n 
D 4 3  DT 3  4  4  DT DT D . n 
D 4 4  DG 4  5  5  DG DG D . n 
D 4 5  DA 5  6  6  DA DA D . n 
D 4 6  DG 6  7  7  DG DG D . n 
D 4 7  DT 7  8  8  DT DT D . n 
D 4 8  DG 8  9  9  DG DG D . n 
D 4 9  DG 9  10 10 DG DG D . n 
D 4 10 DG 10 11 11 DG DG D . n 
D 4 11 DT 11 12 12 DT DT D . n 
D 4 12 DC 12 13 13 DC DC D . n 
D 4 13 DT 13 14 14 DT DT D . n 
D 4 14 DG 14 15 15 DG DG D . n 
D 4 15 DC 15 16 16 DC DC D . n 
# 
_pdbx_struct_assembly.id                   1 
_pdbx_struct_assembly.details              author_defined_assembly 
_pdbx_struct_assembly.method_details       ? 
_pdbx_struct_assembly.oligomeric_details   tetrameric 
_pdbx_struct_assembly.oligomeric_count     4 
# 
_pdbx_struct_assembly_gen.assembly_id       1 
_pdbx_struct_assembly_gen.oper_expression   1 
_pdbx_struct_assembly_gen.asym_id_list      A,B,C,D 
# 
_pdbx_struct_oper_list.id                   1 
_pdbx_struct_oper_list.type                 'identity operation' 
_pdbx_struct_oper_list.name                 1_555 
_pdbx_struct_oper_list.symmetry_operation   x,y,z 
_pdbx_struct_oper_list.matrix[1][1]         1.0000000000 
_pdbx_struct_oper_list.matrix[1][2]         0.0000000000 
_pdbx_struct_oper_list.matrix[1][3]         0.0000000000 
_pdbx_struct_oper_list.vector[1]            0.0000000000 
_pdbx_struct_oper_list.matrix[2][1]         0.0000000000 
_pdbx_struct_oper_list.matrix[2][2]         1.0000000000 
_pdbx_struct_oper_list.matrix[2][3]         0.0000000000 
_pdbx_struct_oper_list.vector[2]            0.0000000000 
_pdbx_struct_oper_list.matrix[3][1]         0.0000000000 
_pdbx_struct_oper_list.matrix[3][2]         0.0000000000 
_pdbx_struct_oper_list.matrix[3][3]         1.0000000000 
_pdbx_struct_oper_list.vector[3]            0.0000000000 
# 
loop_
_pdbx_audit_revision_history.ordinal 
_pdbx_audit_revision_history.data_content_type 
_pdbx_audit_revision_history.major_revision 
_pdbx_audit_revision_history.minor_revision 
_pdbx_audit_revision_history.revision_date 
1 'Structure model' 1 0 2021-07-14 
2 'Structure model' 1 1 2022-07-06 
3 'Structure model' 1 2 2023-10-18 
# 
_pdbx_audit_revision_details.ordinal             1 
_pdbx_audit_revision_details.revision_ordinal    1 
_pdbx_audit_revision_details.data_content_type   'Structure model' 
_pdbx_audit_revision_details.provider            repository 
_pdbx_audit_revision_details.type                'Initial release' 
_pdbx_audit_revision_details.description         ? 
_pdbx_audit_revision_details.details             ? 
# 
loop_
_pdbx_audit_revision_group.ordinal 
_pdbx_audit_revision_group.revision_ordinal 
_pdbx_audit_revision_group.data_content_type 
_pdbx_audit_revision_group.group 
1 2 'Structure model' 'Database references'    
2 3 'Structure model' 'Data collection'        
3 3 'Structure model' 'Refinement description' 
# 
loop_
_pdbx_audit_revision_category.ordinal 
_pdbx_audit_revision_category.revision_ordinal 
_pdbx_audit_revision_category.data_content_type 
_pdbx_audit_revision_category.category 
1 2 'Structure model' citation                      
2 2 'Structure model' citation_author               
3 2 'Structure model' database_2                    
4 3 'Structure model' chem_comp_atom                
5 3 'Structure model' chem_comp_bond                
6 3 'Structure model' pdbx_initial_refinement_model 
# 
loop_
_pdbx_audit_revision_item.ordinal 
_pdbx_audit_revision_item.revision_ordinal 
_pdbx_audit_revision_item.data_content_type 
_pdbx_audit_revision_item.item 
1  2 'Structure model' '_citation.country'                   
2  2 'Structure model' '_citation.journal_abbrev'            
3  2 'Structure model' '_citation.journal_id_CSD'            
4  2 'Structure model' '_citation.journal_id_ISSN'           
5  2 'Structure model' '_citation.journal_volume'            
6  2 'Structure model' '_citation.page_first'                
7  2 'Structure model' '_citation.page_last'                 
8  2 'Structure model' '_citation.pdbx_database_id_DOI'      
9  2 'Structure model' '_citation.pdbx_database_id_PubMed'   
10 2 'Structure model' '_citation.title'                     
11 2 'Structure model' '_citation.year'                      
12 2 'Structure model' '_database_2.pdbx_DOI'                
13 2 'Structure model' '_database_2.pdbx_database_accession' 
# 
loop_
_software.citation_id 
_software.classification 
_software.compiler_name 
_software.compiler_version 
_software.contact_author 
_software.contact_author_email 
_software.date 
_software.description 
_software.dependencies 
_software.hardware 
_software.language 
_software.location 
_software.mods 
_software.name 
_software.os 
_software.os_version 
_software.type 
_software.version 
_software.pdbx_ordinal 
? 'data reduction'  ? ? ? ? ? ? ? ? ? ? ? HKL-2000    ? ? ? .           1 
? 'data scaling'    ? ? ? ? ? ? ? ? ? ? ? HKL-2000    ? ? ? .           2 
? refinement        ? ? ? ? ? ? ? ? ? ? ? PHENIX      ? ? ? 1.11.1_2575 3 
? 'data extraction' ? ? ? ? ? ? ? ? ? ? ? PDB_EXTRACT ? ? ? 3.25        4 
? phasing           ? ? ? ? ? ? ? ? ? ? ? PHASER      ? ? ? .           5 
# 
loop_
_pdbx_validate_close_contact.id 
_pdbx_validate_close_contact.PDB_model_num 
_pdbx_validate_close_contact.auth_atom_id_1 
_pdbx_validate_close_contact.auth_asym_id_1 
_pdbx_validate_close_contact.auth_comp_id_1 
_pdbx_validate_close_contact.auth_seq_id_1 
_pdbx_validate_close_contact.PDB_ins_code_1 
_pdbx_validate_close_contact.label_alt_id_1 
_pdbx_validate_close_contact.auth_atom_id_2 
_pdbx_validate_close_contact.auth_asym_id_2 
_pdbx_validate_close_contact.auth_comp_id_2 
_pdbx_validate_close_contact.auth_seq_id_2 
_pdbx_validate_close_contact.PDB_ins_code_2 
_pdbx_validate_close_contact.label_alt_id_2 
_pdbx_validate_close_contact.dist 
1 1 H42 A DC 9 ? ? O6 D DG 10 ? ? 1.54 
2 1 H22 A DG 3 ? ? O2 D DC 16 ? ? 1.57 
# 
loop_
_pdbx_validate_rmsd_angle.id 
_pdbx_validate_rmsd_angle.PDB_model_num 
_pdbx_validate_rmsd_angle.auth_atom_id_1 
_pdbx_validate_rmsd_angle.auth_asym_id_1 
_pdbx_validate_rmsd_angle.auth_comp_id_1 
_pdbx_validate_rmsd_angle.auth_seq_id_1 
_pdbx_validate_rmsd_angle.PDB_ins_code_1 
_pdbx_validate_rmsd_angle.label_alt_id_1 
_pdbx_validate_rmsd_angle.auth_atom_id_2 
_pdbx_validate_rmsd_angle.auth_asym_id_2 
_pdbx_validate_rmsd_angle.auth_comp_id_2 
_pdbx_validate_rmsd_angle.auth_seq_id_2 
_pdbx_validate_rmsd_angle.PDB_ins_code_2 
_pdbx_validate_rmsd_angle.label_alt_id_2 
_pdbx_validate_rmsd_angle.auth_atom_id_3 
_pdbx_validate_rmsd_angle.auth_asym_id_3 
_pdbx_validate_rmsd_angle.auth_comp_id_3 
_pdbx_validate_rmsd_angle.auth_seq_id_3 
_pdbx_validate_rmsd_angle.PDB_ins_code_3 
_pdbx_validate_rmsd_angle.label_alt_id_3 
_pdbx_validate_rmsd_angle.angle_value 
_pdbx_validate_rmsd_angle.angle_target_value 
_pdbx_validate_rmsd_angle.angle_deviation 
_pdbx_validate_rmsd_angle.angle_standard_deviation 
_pdbx_validate_rmsd_angle.linker_flag 
1 1 "O4'" A DC 9  ? ? "C1'" A DC 9  ? ? N1 A DC 9  ? ? 110.51 108.30 2.21 0.30 N 
2 1 "O4'" C DT 0  ? ? "C1'" C DT 0  ? ? N1 C DT 0  ? ? 110.34 108.30 2.04 0.30 N 
3 1 "O4'" D DC 13 ? ? "C1'" D DC 13 ? ? N1 D DC 13 ? ? 111.23 108.30 2.93 0.30 N 
# 
loop_
_chem_comp_atom.comp_id 
_chem_comp_atom.atom_id 
_chem_comp_atom.type_symbol 
_chem_comp_atom.pdbx_aromatic_flag 
_chem_comp_atom.pdbx_stereo_config 
_chem_comp_atom.pdbx_ordinal 
DA OP3    O N N 1   
DA P      P N N 2   
DA OP1    O N N 3   
DA OP2    O N N 4   
DA "O5'"  O N N 5   
DA "C5'"  C N N 6   
DA "C4'"  C N R 7   
DA "O4'"  O N N 8   
DA "C3'"  C N S 9   
DA "O3'"  O N N 10  
DA "C2'"  C N N 11  
DA "C1'"  C N R 12  
DA N9     N Y N 13  
DA C8     C Y N 14  
DA N7     N Y N 15  
DA C5     C Y N 16  
DA C6     C Y N 17  
DA N6     N N N 18  
DA N1     N Y N 19  
DA C2     C Y N 20  
DA N3     N Y N 21  
DA C4     C Y N 22  
DA HOP3   H N N 23  
DA HOP2   H N N 24  
DA "H5'"  H N N 25  
DA "H5''" H N N 26  
DA "H4'"  H N N 27  
DA "H3'"  H N N 28  
DA "HO3'" H N N 29  
DA "H2'"  H N N 30  
DA "H2''" H N N 31  
DA "H1'"  H N N 32  
DA H8     H N N 33  
DA H61    H N N 34  
DA H62    H N N 35  
DA H2     H N N 36  
DC OP3    O N N 37  
DC P      P N N 38  
DC OP1    O N N 39  
DC OP2    O N N 40  
DC "O5'"  O N N 41  
DC "C5'"  C N N 42  
DC "C4'"  C N R 43  
DC "O4'"  O N N 44  
DC "C3'"  C N S 45  
DC "O3'"  O N N 46  
DC "C2'"  C N N 47  
DC "C1'"  C N R 48  
DC N1     N N N 49  
DC C2     C N N 50  
DC O2     O N N 51  
DC N3     N N N 52  
DC C4     C N N 53  
DC N4     N N N 54  
DC C5     C N N 55  
DC C6     C N N 56  
DC HOP3   H N N 57  
DC HOP2   H N N 58  
DC "H5'"  H N N 59  
DC "H5''" H N N 60  
DC "H4'"  H N N 61  
DC "H3'"  H N N 62  
DC "HO3'" H N N 63  
DC "H2'"  H N N 64  
DC "H2''" H N N 65  
DC "H1'"  H N N 66  
DC H41    H N N 67  
DC H42    H N N 68  
DC H5     H N N 69  
DC H6     H N N 70  
DG OP3    O N N 71  
DG P      P N N 72  
DG OP1    O N N 73  
DG OP2    O N N 74  
DG "O5'"  O N N 75  
DG "C5'"  C N N 76  
DG "C4'"  C N R 77  
DG "O4'"  O N N 78  
DG "C3'"  C N S 79  
DG "O3'"  O N N 80  
DG "C2'"  C N N 81  
DG "C1'"  C N R 82  
DG N9     N Y N 83  
DG C8     C Y N 84  
DG N7     N Y N 85  
DG C5     C Y N 86  
DG C6     C N N 87  
DG O6     O N N 88  
DG N1     N N N 89  
DG C2     C N N 90  
DG N2     N N N 91  
DG N3     N N N 92  
DG C4     C Y N 93  
DG HOP3   H N N 94  
DG HOP2   H N N 95  
DG "H5'"  H N N 96  
DG "H5''" H N N 97  
DG "H4'"  H N N 98  
DG "H3'"  H N N 99  
DG "HO3'" H N N 100 
DG "H2'"  H N N 101 
DG "H2''" H N N 102 
DG "H1'"  H N N 103 
DG H8     H N N 104 
DG H1     H N N 105 
DG H21    H N N 106 
DG H22    H N N 107 
DT OP3    O N N 108 
DT P      P N N 109 
DT OP1    O N N 110 
DT OP2    O N N 111 
DT "O5'"  O N N 112 
DT "C5'"  C N N 113 
DT "C4'"  C N R 114 
DT "O4'"  O N N 115 
DT "C3'"  C N S 116 
DT "O3'"  O N N 117 
DT "C2'"  C N N 118 
DT "C1'"  C N R 119 
DT N1     N N N 120 
DT C2     C N N 121 
DT O2     O N N 122 
DT N3     N N N 123 
DT C4     C N N 124 
DT O4     O N N 125 
DT C5     C N N 126 
DT C7     C N N 127 
DT C6     C N N 128 
DT HOP3   H N N 129 
DT HOP2   H N N 130 
DT "H5'"  H N N 131 
DT "H5''" H N N 132 
DT "H4'"  H N N 133 
DT "H3'"  H N N 134 
DT "HO3'" H N N 135 
DT "H2'"  H N N 136 
DT "H2''" H N N 137 
DT "H1'"  H N N 138 
DT H3     H N N 139 
DT H71    H N N 140 
DT H72    H N N 141 
DT H73    H N N 142 
DT H6     H N N 143 
# 
loop_
_chem_comp_bond.comp_id 
_chem_comp_bond.atom_id_1 
_chem_comp_bond.atom_id_2 
_chem_comp_bond.value_order 
_chem_comp_bond.pdbx_aromatic_flag 
_chem_comp_bond.pdbx_stereo_config 
_chem_comp_bond.pdbx_ordinal 
DA OP3   P      sing N N 1   
DA OP3   HOP3   sing N N 2   
DA P     OP1    doub N N 3   
DA P     OP2    sing N N 4   
DA P     "O5'"  sing N N 5   
DA OP2   HOP2   sing N N 6   
DA "O5'" "C5'"  sing N N 7   
DA "C5'" "C4'"  sing N N 8   
DA "C5'" "H5'"  sing N N 9   
DA "C5'" "H5''" sing N N 10  
DA "C4'" "O4'"  sing N N 11  
DA "C4'" "C3'"  sing N N 12  
DA "C4'" "H4'"  sing N N 13  
DA "O4'" "C1'"  sing N N 14  
DA "C3'" "O3'"  sing N N 15  
DA "C3'" "C2'"  sing N N 16  
DA "C3'" "H3'"  sing N N 17  
DA "O3'" "HO3'" sing N N 18  
DA "C2'" "C1'"  sing N N 19  
DA "C2'" "H2'"  sing N N 20  
DA "C2'" "H2''" sing N N 21  
DA "C1'" N9     sing N N 22  
DA "C1'" "H1'"  sing N N 23  
DA N9    C8     sing Y N 24  
DA N9    C4     sing Y N 25  
DA C8    N7     doub Y N 26  
DA C8    H8     sing N N 27  
DA N7    C5     sing Y N 28  
DA C5    C6     sing Y N 29  
DA C5    C4     doub Y N 30  
DA C6    N6     sing N N 31  
DA C6    N1     doub Y N 32  
DA N6    H61    sing N N 33  
DA N6    H62    sing N N 34  
DA N1    C2     sing Y N 35  
DA C2    N3     doub Y N 36  
DA C2    H2     sing N N 37  
DA N3    C4     sing Y N 38  
DC OP3   P      sing N N 39  
DC OP3   HOP3   sing N N 40  
DC P     OP1    doub N N 41  
DC P     OP2    sing N N 42  
DC P     "O5'"  sing N N 43  
DC OP2   HOP2   sing N N 44  
DC "O5'" "C5'"  sing N N 45  
DC "C5'" "C4'"  sing N N 46  
DC "C5'" "H5'"  sing N N 47  
DC "C5'" "H5''" sing N N 48  
DC "C4'" "O4'"  sing N N 49  
DC "C4'" "C3'"  sing N N 50  
DC "C4'" "H4'"  sing N N 51  
DC "O4'" "C1'"  sing N N 52  
DC "C3'" "O3'"  sing N N 53  
DC "C3'" "C2'"  sing N N 54  
DC "C3'" "H3'"  sing N N 55  
DC "O3'" "HO3'" sing N N 56  
DC "C2'" "C1'"  sing N N 57  
DC "C2'" "H2'"  sing N N 58  
DC "C2'" "H2''" sing N N 59  
DC "C1'" N1     sing N N 60  
DC "C1'" "H1'"  sing N N 61  
DC N1    C2     sing N N 62  
DC N1    C6     sing N N 63  
DC C2    O2     doub N N 64  
DC C2    N3     sing N N 65  
DC N3    C4     doub N N 66  
DC C4    N4     sing N N 67  
DC C4    C5     sing N N 68  
DC N4    H41    sing N N 69  
DC N4    H42    sing N N 70  
DC C5    C6     doub N N 71  
DC C5    H5     sing N N 72  
DC C6    H6     sing N N 73  
DG OP3   P      sing N N 74  
DG OP3   HOP3   sing N N 75  
DG P     OP1    doub N N 76  
DG P     OP2    sing N N 77  
DG P     "O5'"  sing N N 78  
DG OP2   HOP2   sing N N 79  
DG "O5'" "C5'"  sing N N 80  
DG "C5'" "C4'"  sing N N 81  
DG "C5'" "H5'"  sing N N 82  
DG "C5'" "H5''" sing N N 83  
DG "C4'" "O4'"  sing N N 84  
DG "C4'" "C3'"  sing N N 85  
DG "C4'" "H4'"  sing N N 86  
DG "O4'" "C1'"  sing N N 87  
DG "C3'" "O3'"  sing N N 88  
DG "C3'" "C2'"  sing N N 89  
DG "C3'" "H3'"  sing N N 90  
DG "O3'" "HO3'" sing N N 91  
DG "C2'" "C1'"  sing N N 92  
DG "C2'" "H2'"  sing N N 93  
DG "C2'" "H2''" sing N N 94  
DG "C1'" N9     sing N N 95  
DG "C1'" "H1'"  sing N N 96  
DG N9    C8     sing Y N 97  
DG N9    C4     sing Y N 98  
DG C8    N7     doub Y N 99  
DG C8    H8     sing N N 100 
DG N7    C5     sing Y N 101 
DG C5    C6     sing N N 102 
DG C5    C4     doub Y N 103 
DG C6    O6     doub N N 104 
DG C6    N1     sing N N 105 
DG N1    C2     sing N N 106 
DG N1    H1     sing N N 107 
DG C2    N2     sing N N 108 
DG C2    N3     doub N N 109 
DG N2    H21    sing N N 110 
DG N2    H22    sing N N 111 
DG N3    C4     sing N N 112 
DT OP3   P      sing N N 113 
DT OP3   HOP3   sing N N 114 
DT P     OP1    doub N N 115 
DT P     OP2    sing N N 116 
DT P     "O5'"  sing N N 117 
DT OP2   HOP2   sing N N 118 
DT "O5'" "C5'"  sing N N 119 
DT "C5'" "C4'"  sing N N 120 
DT "C5'" "H5'"  sing N N 121 
DT "C5'" "H5''" sing N N 122 
DT "C4'" "O4'"  sing N N 123 
DT "C4'" "C3'"  sing N N 124 
DT "C4'" "H4'"  sing N N 125 
DT "O4'" "C1'"  sing N N 126 
DT "C3'" "O3'"  sing N N 127 
DT "C3'" "C2'"  sing N N 128 
DT "C3'" "H3'"  sing N N 129 
DT "O3'" "HO3'" sing N N 130 
DT "C2'" "C1'"  sing N N 131 
DT "C2'" "H2'"  sing N N 132 
DT "C2'" "H2''" sing N N 133 
DT "C1'" N1     sing N N 134 
DT "C1'" "H1'"  sing N N 135 
DT N1    C2     sing N N 136 
DT N1    C6     sing N N 137 
DT C2    O2     doub N N 138 
DT C2    N3     sing N N 139 
DT N3    C4     sing N N 140 
DT N3    H3     sing N N 141 
DT C4    O4     doub N N 142 
DT C4    C5     sing N N 143 
DT C5    C7     sing N N 144 
DT C5    C6     doub N N 145 
DT C7    H71    sing N N 146 
DT C7    H72    sing N N 147 
DT C7    H73    sing N N 148 
DT C6    H6     sing N N 149 
# 
loop_
_ndb_struct_conf_na.entry_id 
_ndb_struct_conf_na.feature 
7JFW 'double helix'        
7JFW 'a-form double helix' 
7JFW 'b-form double helix' 
# 
loop_
_ndb_struct_na_base_pair.model_number 
_ndb_struct_na_base_pair.i_label_asym_id 
_ndb_struct_na_base_pair.i_label_comp_id 
_ndb_struct_na_base_pair.i_label_seq_id 
_ndb_struct_na_base_pair.i_symmetry 
_ndb_struct_na_base_pair.j_label_asym_id 
_ndb_struct_na_base_pair.j_label_comp_id 
_ndb_struct_na_base_pair.j_label_seq_id 
_ndb_struct_na_base_pair.j_symmetry 
_ndb_struct_na_base_pair.shear 
_ndb_struct_na_base_pair.stretch 
_ndb_struct_na_base_pair.stagger 
_ndb_struct_na_base_pair.buckle 
_ndb_struct_na_base_pair.propeller 
_ndb_struct_na_base_pair.opening 
_ndb_struct_na_base_pair.pair_number 
_ndb_struct_na_base_pair.pair_name 
_ndb_struct_na_base_pair.i_auth_asym_id 
_ndb_struct_na_base_pair.i_auth_seq_id 
_ndb_struct_na_base_pair.i_PDB_ins_code 
_ndb_struct_na_base_pair.j_auth_asym_id 
_ndb_struct_na_base_pair.j_auth_seq_id 
_ndb_struct_na_base_pair.j_PDB_ins_code 
_ndb_struct_na_base_pair.hbond_type_28 
_ndb_struct_na_base_pair.hbond_type_12 
1 A DG 3  1_555 D DC 15 1_555 -0.316 0.462  0.933  7.655  -17.193 19.291  1  A_DG3:DC16_D A 3  ? D 16 ? 22 1 
1 A DC 4  1_555 D DG 14 1_555 -0.477 0.182  0.307  -3.335 -13.260 7.385   2  A_DC4:DG15_D A 4  ? D 15 ? 19 1 
1 A DA 5  1_555 D DT 13 1_555 0.313  0.356  0.301  -2.694 -10.182 4.135   3  A_DA5:DT14_D A 5  ? D 14 ? 20 1 
1 A DG 6  1_555 D DC 12 1_555 0.739  -0.085 0.577  -0.111 -19.517 1.448   4  A_DG6:DC13_D A 6  ? D 13 ? 19 1 
1 A DA 7  1_555 D DT 11 1_555 0.031  -0.425 0.730  0.762  -13.942 -20.178 5  A_DA7:DT12_D A 7  ? D 12 ? 20 1 
1 A DC 8  1_555 D DG 10 1_555 -0.180 -0.323 0.712  2.113  -11.852 -3.876  6  A_DC8:DG11_D A 8  ? D 11 ? 19 1 
1 A DC 9  1_555 D DG 9  1_555 0.589  -0.035 -0.090 9.180  -9.654  -27.396 7  A_DC9:DG10_D A 9  ? D 10 ? ?  1 
1 A DT 10 1_555 C DA 3  1_555 -1.465 -0.099 0.477  3.375  -7.098  -7.379  8  A_DT10:DA2_C A 10 ? C 2  ? 20 1 
1 A DG 11 1_555 C DC 2  1_555 0.789  -0.129 0.894  8.773  -6.269  -3.966  9  A_DG11:DC1_C A 11 ? C 1  ? 19 1 
1 A DA 12 1_555 C DT 1  1_555 0.343  -0.013 0.386  4.334  -5.536  -6.737  10 A_DA12:DT0_C A 12 ? C 0  ? 20 1 
1 B DC 1  1_555 C DG 6  1_555 -0.779 -0.067 0.364  -3.187 -0.943  -0.834  11 B_DC12:DG5_C B 12 ? C 5  ? 19 1 
1 B DG 2  1_555 C DC 5  1_555 0.823  0.099  0.163  5.496  -2.171  -10.570 12 B_DG13:DC4_C B 13 ? C 4  ? 19 1 
1 B DT 3  1_555 C DA 4  1_555 -0.598 -0.375 0.360  6.266  -6.256  -7.429  13 B_DT14:DA3_C B 14 ? C 3  ? 20 1 
1 B DC 4  1_555 D DG 8  1_555 -1.098 0.257  0.525  3.413  -11.357 -0.751  14 B_DC15:DG9_D B 15 ? D 9  ? 19 1 
1 B DA 5  1_555 D DT 7  1_555 1.140  -0.080 0.817  7.350  -16.246 -4.832  15 B_DA16:DT8_D B 16 ? D 8  ? 20 1 
1 B DC 6  1_555 D DG 6  1_555 -0.106 -0.264 0.764  -3.840 -15.493 -2.171  16 B_DC17:DG7_D B 17 ? D 7  ? 19 1 
1 B DT 7  1_555 D DA 5  1_555 -1.075 -0.001 0.218  -5.915 -15.633 -3.151  17 B_DT18:DA6_D B 18 ? D 6  ? 20 1 
1 B DC 8  1_555 D DG 4  1_555 -0.752 -0.009 -0.930 7.450  -6.521  2.560   18 B_DC19:DG5_D B 19 ? D 5  ? 19 1 
# 
loop_
_ndb_struct_na_base_pair_step.model_number 
_ndb_struct_na_base_pair_step.i_label_asym_id_1 
_ndb_struct_na_base_pair_step.i_label_comp_id_1 
_ndb_struct_na_base_pair_step.i_label_seq_id_1 
_ndb_struct_na_base_pair_step.i_symmetry_1 
_ndb_struct_na_base_pair_step.j_label_asym_id_1 
_ndb_struct_na_base_pair_step.j_label_comp_id_1 
_ndb_struct_na_base_pair_step.j_label_seq_id_1 
_ndb_struct_na_base_pair_step.j_symmetry_1 
_ndb_struct_na_base_pair_step.i_label_asym_id_2 
_ndb_struct_na_base_pair_step.i_label_comp_id_2 
_ndb_struct_na_base_pair_step.i_label_seq_id_2 
_ndb_struct_na_base_pair_step.i_symmetry_2 
_ndb_struct_na_base_pair_step.j_label_asym_id_2 
_ndb_struct_na_base_pair_step.j_label_comp_id_2 
_ndb_struct_na_base_pair_step.j_label_seq_id_2 
_ndb_struct_na_base_pair_step.j_symmetry_2 
_ndb_struct_na_base_pair_step.shift 
_ndb_struct_na_base_pair_step.slide 
_ndb_struct_na_base_pair_step.rise 
_ndb_struct_na_base_pair_step.tilt 
_ndb_struct_na_base_pair_step.roll 
_ndb_struct_na_base_pair_step.twist 
_ndb_struct_na_base_pair_step.x_displacement 
_ndb_struct_na_base_pair_step.y_displacement 
_ndb_struct_na_base_pair_step.helical_rise 
_ndb_struct_na_base_pair_step.inclination 
_ndb_struct_na_base_pair_step.tip 
_ndb_struct_na_base_pair_step.helical_twist 
_ndb_struct_na_base_pair_step.step_number 
_ndb_struct_na_base_pair_step.step_name 
_ndb_struct_na_base_pair_step.i_auth_asym_id_1 
_ndb_struct_na_base_pair_step.i_auth_seq_id_1 
_ndb_struct_na_base_pair_step.i_PDB_ins_code_1 
_ndb_struct_na_base_pair_step.j_auth_asym_id_1 
_ndb_struct_na_base_pair_step.j_auth_seq_id_1 
_ndb_struct_na_base_pair_step.j_PDB_ins_code_1 
_ndb_struct_na_base_pair_step.i_auth_asym_id_2 
_ndb_struct_na_base_pair_step.i_auth_seq_id_2 
_ndb_struct_na_base_pair_step.i_PDB_ins_code_2 
_ndb_struct_na_base_pair_step.j_auth_asym_id_2 
_ndb_struct_na_base_pair_step.j_auth_seq_id_2 
_ndb_struct_na_base_pair_step.j_PDB_ins_code_2 
1 A DG 3  1_555 D DC 15 1_555 A DC 4  1_555 D DG 14 1_555 -0.364 -0.526 3.515 6.137  -2.628 34.595 -0.451 1.580  3.431 -4.369 
-10.201 35.214 1  AA_DG3DC4:DG15DC16_DD A 3  ? D 16 ? A 4  ? D 15 ? 
1 A DC 4  1_555 D DG 14 1_555 A DA 5  1_555 D DT 13 1_555 -0.352 0.775  3.560 1.998  1.915  37.493 0.931  0.831  3.571 2.974  
-3.102  37.591 2  AA_DC4DA5:DT14DG15_DD A 4  ? D 15 ? A 5  ? D 14 ? 
1 A DA 5  1_555 D DT 13 1_555 A DG 6  1_555 D DC 12 1_555 0.238  -0.513 3.194 -3.254 5.660  39.702 -1.365 -0.702 3.067 8.266  
4.752   40.214 3  AA_DA5DG6:DC13DT14_DD A 5  ? D 14 ? A 6  ? D 13 ? 
1 A DG 6  1_555 D DC 12 1_555 A DA 7  1_555 D DT 11 1_555 -0.499 -1.061 3.055 -3.320 -0.345 26.310 -2.227 0.258  3.107 -0.754 
7.257   26.517 4  AA_DG6DA7:DT12DC13_DD A 6  ? D 13 ? A 7  ? D 12 ? 
1 A DA 7  1_555 D DT 11 1_555 A DC 8  1_555 D DG 10 1_555 1.484  -1.433 3.159 0.266  3.984  29.147 -3.623 -2.869 2.954 7.870  
-0.524  29.413 5  AA_DA7DC8:DG11DT12_DD A 7  ? D 12 ? A 8  ? D 11 ? 
1 A DC 8  1_555 D DG 10 1_555 A DC 9  1_555 D DG 9  1_555 -1.511 -1.687 2.951 1.869  2.435  39.309 -2.753 2.433  2.773 3.613  
-2.774  39.424 6  AA_DC8DC9:DG10DG11_DD A 8  ? D 11 ? A 9  ? D 10 ? 
1 A DC 9  1_555 D DG 9  1_555 A DT 10 1_555 C DA 3  1_555 -0.383 -2.199 3.386 -4.297 1.242  15.823 -8.570 -1.706 3.194 4.399  
15.216  16.439 7  AA_DC9DT10:DA2DG10_CD A 9  ? D 10 ? A 10 ? C 2  ? 
1 A DT 10 1_555 C DA 3  1_555 A DG 11 1_555 C DC 2  1_555 -0.050 0.485  3.265 -4.070 3.768  42.867 0.287  -0.332 3.285 5.129  
5.541   43.208 8  AA_DT10DG11:DC1DA2_CC A 10 ? C 2  ? A 11 ? C 1  ? 
1 A DG 11 1_555 C DC 2  1_555 A DA 12 1_555 C DT 1  1_555 -0.308 -0.620 3.356 -0.519 3.107  36.167 -1.438 0.421  3.298 4.992  
0.833   36.300 9  AA_DG11DA12:DT0DC1_CC A 11 ? C 1  ? A 12 ? C 0  ? 
1 B DC 1  1_555 C DG 6  1_555 B DG 2  1_555 C DC 5  1_555 -0.630 -0.322 3.153 -0.006 4.498  45.756 -0.784 0.806  3.109 5.769  
0.008   45.965 10 BB_DC12DG13:DC4DG5_CC B 12 ? C 5  ? B 13 ? C 4  ? 
1 B DG 2  1_555 C DC 5  1_555 B DT 3  1_555 C DA 4  1_555 -0.108 -1.761 3.194 -2.388 1.498  26.664 -4.172 -0.362 3.089 3.236  
5.160   26.810 11 BB_DG13DT14:DA3DC4_CC B 13 ? C 4  ? B 14 ? C 3  ? 
1 B DT 3  1_555 C DA 4  1_555 B DC 4  1_555 D DG 8  1_555 -0.570 -1.137 3.159 -1.274 -0.181 24.868 -2.583 0.951  3.192 -0.420 
2.955   24.901 12 BB_DT14DC15:DG9DA3_DC B 14 ? C 3  ? B 15 ? D 9  ? 
1 B DC 4  1_555 D DG 8  1_555 B DA 5  1_555 D DT 7  1_555 -0.580 0.670  3.373 -2.905 2.789  46.292 0.605  0.480  3.434 3.540  
3.687   46.458 13 BB_DC15DA16:DT8DG9_DD B 15 ? D 9  ? B 16 ? D 8  ? 
1 B DA 5  1_555 D DT 7  1_555 B DC 6  1_555 D DG 6  1_555 0.044  -1.270 3.361 -2.207 -2.224 29.184 -2.008 -0.582 3.433 -4.398 
4.363   29.348 14 BB_DA16DC17:DG7DT8_DD B 16 ? D 8  ? B 17 ? D 7  ? 
1 B DC 6  1_555 D DG 6  1_555 B DT 7  1_555 D DA 5  1_555 -0.347 -1.141 3.170 3.408  -1.870 28.989 -1.866 1.407  3.175 -3.715 
-6.769  29.243 15 BB_DC17DT18:DA6DG7_DD B 17 ? D 7  ? B 18 ? D 6  ? 
1 B DT 7  1_555 D DA 5  1_555 B DC 8  1_555 D DG 4  1_555 0.609  1.729  2.942 10.101 2.436  38.146 2.290  0.218  3.099 3.646  
-15.116 39.485 16 BB_DT18DC19:DG5DA6_DD B 18 ? D 6  ? B 19 ? D 5  ? 
# 
loop_
_pdbx_audit_support.funding_organization 
_pdbx_audit_support.country 
_pdbx_audit_support.grant_number 
_pdbx_audit_support.ordinal 
'National Science Foundation (NSF, United States)'                                         'United States' 1360635     1 
'National Institutes of Health/National Institute of General Medical Sciences (NIH/NIGMS)' 'United States' R01GM104960 2 
'National Science Foundation (NSF, United States)'                                         'United States' NSF2004250  3 
# 
_pdbx_initial_refinement_model.id               1 
_pdbx_initial_refinement_model.entity_id_list   ? 
_pdbx_initial_refinement_model.type             'experimental model' 
_pdbx_initial_refinement_model.source_name      PDB 
_pdbx_initial_refinement_model.accession_code   6XNA 
_pdbx_initial_refinement_model.details          ? 
# 
_pdbx_struct_assembly_auth_evidence.id                     1 
_pdbx_struct_assembly_auth_evidence.assembly_id            1 
_pdbx_struct_assembly_auth_evidence.experimental_support   none 
_pdbx_struct_assembly_auth_evidence.details                ? 
# 
